data_7QH2
#
_entry.id   7QH2
#
_cell.length_a   1.00
_cell.length_b   1.00
_cell.length_c   1.00
_cell.angle_alpha   90.00
_cell.angle_beta   90.00
_cell.angle_gamma   90.00
#
_symmetry.space_group_name_H-M   'P 1'
#
loop_
_entity.id
_entity.type
_entity.pdbx_description
1 polymer 'Lactate dehydrogenase (NAD(+),ferredoxin) subunit LctC'
2 polymer 'Lactate dehydrogenase (NAD(+),ferredoxin) subunit LctB'
3 polymer 'Lactate dehydrogenase (NAD(+),ferredoxin) subunit LctD'
4 non-polymer 'FLAVIN-ADENINE DINUCLEOTIDE'
5 non-polymer 'FE (III) ION'
6 water water
#
loop_
_entity_poly.entity_id
_entity_poly.type
_entity_poly.pdbx_seq_one_letter_code
_entity_poly.pdbx_strand_id
1 'polypeptide(L)'
;MAGIKIIKENVDRETFEALAEICPFDAFSYENDKLEVTAACKMCKMCLKKGPEGVLILEEDEKVAIDKSLYRGITVYVDH
IEGQIHPVTFELIGKARELAAVIGHPVYALLMGTNITEKADELLKYGVDKVFVYDKPELKHFVIEPYANVLEDFIEKVKP
SSILVGATNVGRSLAPRVAARYRTGLTADCTILEMKENTDLVQIRPAFGGNIMAQIVTENTRPQFCTVRYKVFTAPERVN
EPWGDVEMMDIEKAKLVSAIEVMEVIKKEKGIDLSEAETIVAVGRGVKCEKDLDMIHEFAEKIGATVACTRPGIEAGWFD
ARLQIGLSGRTVKPKLIIALGISGAVQFAAGMQNSEYIIAINSDPKAPIFNIAHCGMVGDLYEILPELLTMIEGPENNKD
TETISIPEAIETPERMVV
;
A,D
2 'polypeptide(L)'
;MSKILVCIKQVPGTSNVEVDPETGVLIRDGVESKLNPYDLFGLETAFRLKEQLGGTITTLSMGPMQSKEVLMESFYMGAD
EGCLLSDRKFGGADVVATSYTLAQGTKRLGDFDLIICGKQTTDGDTAQVGPEMAEFLGIPHVTNVIKILAADEKGLTLQM
NMEESLEIQRVPYPCLITVDKDIYTPRLPSYKRKLDISKNPEIKILTLKDMYDTNEKKYGLSGSPTQVERIFPPESNVEK
TSFEGDGKVLAKALLGILTEKKYLG
;
B,E
3 'polypeptide(L)'
;MNYKKVEASDIAAIKELIPAERVFVGTEIGEDFSHDELGSIHSYPEVLIKVTSTEEVSKIMKYAYEHNIPVVVRGSGTGL
VGACVPLFGGIMLETTLMNNILELDTENLTVTVEPGVLLMELSKFVEENDLFYPPDPGEKSATIAGNISTNAGGMRAVKY
GVTRDYVRGLTVVLANGEIIELGGKIVKNSSGYSLKDLVIGSEGTLCVITKAILKLLPLPKMTLSLLIPFENISDAAGIV
PKIIKSKAIPTAIEFMERQTILFAEDFLGKKFPDSSSNAYILLTFDGNTKEQVEAEYETVANLCLAEGAKDVYIVDTVER
KDSVWSARGAFLEAIKASTTEMDECDVVVPRNRIAEFIEFTHDLAKEMDVRIPSFGHAGDGNLHIYVCRDELCQADWEAK
LAEAMDRMYAKALTFEGLVSGEHGIGYAKRKYLLNDFGTEHLALMAGIKQTFDPKNLLNPKKVCQMA
;
C,F
#
# COMPACT_ATOMS: atom_id res chain seq x y z
N GLU A 62 -35.97 -6.57 48.72
CA GLU A 62 -35.28 -7.68 49.36
C GLU A 62 -35.77 -9.02 48.79
N LYS A 63 -35.11 -10.10 49.20
CA LYS A 63 -35.31 -11.41 48.60
C LYS A 63 -35.87 -12.37 49.64
N VAL A 64 -36.82 -13.21 49.20
CA VAL A 64 -37.38 -14.22 50.08
C VAL A 64 -36.35 -15.34 50.25
N ALA A 65 -36.26 -15.87 51.46
CA ALA A 65 -35.27 -16.88 51.78
C ALA A 65 -35.89 -18.27 51.81
N ILE A 66 -35.03 -19.28 51.70
CA ILE A 66 -35.44 -20.68 51.78
C ILE A 66 -34.89 -21.27 53.06
N ASP A 67 -35.49 -22.36 53.52
CA ASP A 67 -34.95 -23.13 54.64
C ASP A 67 -34.18 -24.32 54.08
N LYS A 68 -32.85 -24.25 54.20
CA LYS A 68 -32.01 -25.32 53.67
C LYS A 68 -31.95 -26.55 54.58
N SER A 69 -32.63 -26.51 55.74
CA SER A 69 -32.68 -27.68 56.61
C SER A 69 -33.59 -28.75 56.04
N LEU A 70 -34.53 -28.38 55.18
CA LEU A 70 -35.43 -29.35 54.56
C LEU A 70 -34.69 -30.22 53.56
N TYR A 71 -33.70 -29.67 52.88
CA TYR A 71 -32.96 -30.36 51.83
C TYR A 71 -31.63 -30.82 52.41
N ARG A 72 -31.47 -32.12 52.58
CA ARG A 72 -30.23 -32.69 53.09
C ARG A 72 -29.88 -33.96 52.33
N GLY A 73 -28.59 -34.21 52.21
CA GLY A 73 -28.08 -35.35 51.48
C GLY A 73 -27.45 -34.94 50.15
N ILE A 74 -26.44 -35.68 49.75
CA ILE A 74 -25.74 -35.43 48.50
C ILE A 74 -25.87 -36.65 47.60
N THR A 75 -26.54 -36.49 46.46
CA THR A 75 -26.86 -37.62 45.61
C THR A 75 -25.89 -37.71 44.43
N VAL A 76 -25.32 -38.89 44.24
CA VAL A 76 -24.52 -39.19 43.05
C VAL A 76 -25.38 -39.97 42.07
N TYR A 77 -25.68 -39.37 40.92
CA TYR A 77 -26.38 -40.09 39.87
C TYR A 77 -25.43 -41.09 39.22
N VAL A 78 -25.80 -42.36 39.27
CA VAL A 78 -24.94 -43.46 38.83
C VAL A 78 -25.05 -43.53 37.31
N ASP A 79 -23.93 -43.28 36.63
CA ASP A 79 -23.90 -43.38 35.18
C ASP A 79 -23.48 -44.78 34.76
N HIS A 80 -24.22 -45.34 33.80
CA HIS A 80 -23.97 -46.70 33.34
C HIS A 80 -24.55 -46.85 31.95
N ILE A 81 -24.11 -47.89 31.26
CA ILE A 81 -24.65 -48.26 29.95
C ILE A 81 -25.08 -49.71 30.05
N GLU A 82 -26.38 -49.92 30.31
CA GLU A 82 -27.00 -51.25 30.47
C GLU A 82 -26.31 -52.09 31.54
N GLY A 83 -26.04 -51.47 32.70
CA GLY A 83 -25.46 -52.19 33.81
C GLY A 83 -24.01 -51.87 34.13
N GLN A 84 -23.16 -51.72 33.12
CA GLN A 84 -21.74 -51.50 33.35
C GLN A 84 -21.54 -50.04 33.75
N ILE A 85 -21.15 -49.83 35.00
CA ILE A 85 -21.08 -48.49 35.57
C ILE A 85 -19.86 -47.76 35.02
N HIS A 86 -20.07 -46.51 34.61
CA HIS A 86 -18.98 -45.63 34.23
C HIS A 86 -18.08 -45.35 35.44
N PRO A 87 -16.76 -45.24 35.23
CA PRO A 87 -15.87 -44.96 36.37
C PRO A 87 -15.98 -43.56 36.95
N VAL A 88 -16.77 -42.67 36.34
CA VAL A 88 -16.94 -41.33 36.90
C VAL A 88 -17.85 -41.38 38.14
N THR A 89 -18.62 -42.46 38.30
CA THR A 89 -19.50 -42.58 39.46
C THR A 89 -18.72 -42.81 40.74
N PHE A 90 -17.68 -43.65 40.69
CA PHE A 90 -16.93 -43.97 41.90
C PHE A 90 -16.06 -42.80 42.34
N GLU A 91 -15.60 -41.98 41.40
CA GLU A 91 -14.86 -40.77 41.76
C GLU A 91 -15.75 -39.74 42.43
N LEU A 92 -17.05 -39.75 42.11
CA LEU A 92 -17.96 -38.79 42.73
C LEU A 92 -18.41 -39.25 44.10
N ILE A 93 -18.38 -40.56 44.37
CA ILE A 93 -18.72 -41.06 45.69
C ILE A 93 -17.66 -40.65 46.71
N GLY A 94 -16.38 -40.76 46.34
CA GLY A 94 -15.32 -40.30 47.22
C GLY A 94 -15.29 -38.80 47.41
N LYS A 95 -15.79 -38.05 46.42
CA LYS A 95 -15.92 -36.61 46.59
C LYS A 95 -17.15 -36.26 47.41
N ALA A 96 -18.25 -37.01 47.24
CA ALA A 96 -19.47 -36.73 48.01
C ALA A 96 -19.29 -37.09 49.47
N ARG A 97 -18.56 -38.18 49.76
CA ARG A 97 -18.29 -38.53 51.14
C ARG A 97 -17.33 -37.54 51.80
N GLU A 98 -16.50 -36.88 51.01
CA GLU A 98 -15.66 -35.81 51.54
C GLU A 98 -16.46 -34.54 51.78
N LEU A 99 -17.36 -34.19 50.85
CA LEU A 99 -18.14 -32.95 50.97
C LEU A 99 -19.22 -33.07 52.04
N ALA A 100 -19.85 -34.24 52.17
CA ALA A 100 -20.94 -34.38 53.13
C ALA A 100 -20.41 -34.58 54.55
N ALA A 101 -19.12 -34.85 54.71
CA ALA A 101 -18.54 -34.92 56.04
C ALA A 101 -18.32 -33.53 56.63
N VAL A 102 -18.29 -32.51 55.77
CA VAL A 102 -18.18 -31.13 56.25
C VAL A 102 -19.47 -30.69 56.91
N ILE A 103 -20.61 -31.20 56.44
CA ILE A 103 -21.91 -30.73 56.89
C ILE A 103 -22.69 -31.79 57.65
N GLY A 104 -22.26 -33.05 57.63
CA GLY A 104 -22.95 -34.11 58.33
C GLY A 104 -24.11 -34.72 57.60
N HIS A 105 -24.20 -34.52 56.28
CA HIS A 105 -25.32 -35.06 55.52
C HIS A 105 -24.99 -36.47 55.04
N PRO A 106 -26.01 -37.28 54.72
CA PRO A 106 -25.73 -38.58 54.10
C PRO A 106 -25.38 -38.45 52.63
N VAL A 107 -25.01 -39.57 52.02
CA VAL A 107 -24.62 -39.63 50.62
C VAL A 107 -25.56 -40.62 49.93
N TYR A 108 -26.27 -40.14 48.91
CA TYR A 108 -27.22 -40.98 48.20
C TYR A 108 -26.71 -41.36 46.82
N ALA A 109 -27.36 -42.37 46.23
CA ALA A 109 -27.04 -42.80 44.87
C ALA A 109 -28.34 -43.11 44.15
N LEU A 110 -28.53 -42.51 42.97
CA LEU A 110 -29.72 -42.76 42.19
C LEU A 110 -29.41 -43.74 41.06
N LEU A 111 -30.29 -44.72 40.89
CA LEU A 111 -30.04 -45.82 39.96
C LEU A 111 -31.23 -45.97 39.02
N MET A 112 -30.96 -45.94 37.72
CA MET A 112 -31.99 -45.98 36.69
C MET A 112 -31.58 -47.00 35.63
N GLY A 113 -32.48 -47.93 35.33
CA GLY A 113 -32.22 -48.94 34.33
C GLY A 113 -33.34 -49.95 34.28
N THR A 114 -33.03 -51.08 33.63
CA THR A 114 -34.00 -52.15 33.44
C THR A 114 -33.70 -53.42 34.23
N ASN A 115 -32.46 -53.95 34.15
CA ASN A 115 -32.09 -55.16 34.87
C ASN A 115 -30.92 -54.95 35.82
N ILE A 116 -30.89 -53.84 36.55
CA ILE A 116 -29.65 -53.47 37.25
C ILE A 116 -29.83 -53.40 38.76
N THR A 117 -30.83 -54.10 39.31
CA THR A 117 -31.01 -54.05 40.76
C THR A 117 -29.96 -54.88 41.50
N GLU A 118 -29.29 -55.80 40.80
CA GLU A 118 -28.20 -56.55 41.42
C GLU A 118 -26.89 -55.79 41.35
N LYS A 119 -26.88 -54.65 40.67
CA LYS A 119 -25.69 -53.79 40.65
C LYS A 119 -25.73 -52.75 41.76
N ALA A 120 -26.65 -52.89 42.72
CA ALA A 120 -26.86 -51.84 43.72
C ALA A 120 -25.91 -51.98 44.91
N ASP A 121 -25.59 -53.21 45.33
CA ASP A 121 -24.71 -53.36 46.49
C ASP A 121 -23.24 -53.16 46.12
N GLU A 122 -22.91 -53.10 44.83
CA GLU A 122 -21.62 -52.53 44.42
C GLU A 122 -21.51 -51.05 44.81
N LEU A 123 -22.63 -50.32 44.78
CA LEU A 123 -22.60 -48.94 45.27
C LEU A 123 -22.48 -48.90 46.79
N LEU A 124 -22.97 -49.93 47.48
CA LEU A 124 -22.91 -49.97 48.93
C LEU A 124 -21.50 -50.24 49.43
N LYS A 125 -20.64 -50.84 48.60
CA LYS A 125 -19.27 -51.15 48.98
C LYS A 125 -18.33 -49.96 48.87
N TYR A 126 -18.84 -48.78 48.50
CA TYR A 126 -18.02 -47.58 48.45
C TYR A 126 -18.38 -46.58 49.55
N GLY A 127 -19.35 -46.90 50.40
CA GLY A 127 -19.74 -46.00 51.47
C GLY A 127 -21.02 -45.23 51.23
N VAL A 128 -21.85 -45.67 50.29
CA VAL A 128 -23.07 -44.93 49.99
C VAL A 128 -24.15 -45.30 51.01
N ASP A 129 -24.79 -44.28 51.58
CA ASP A 129 -25.79 -44.50 52.61
C ASP A 129 -27.09 -45.08 52.07
N LYS A 130 -27.59 -44.57 50.95
CA LYS A 130 -28.82 -45.08 50.38
C LYS A 130 -28.69 -45.16 48.87
N VAL A 131 -29.12 -46.29 48.31
CA VAL A 131 -29.08 -46.53 46.87
C VAL A 131 -30.52 -46.63 46.39
N PHE A 132 -31.06 -45.52 45.89
CA PHE A 132 -32.41 -45.53 45.37
C PHE A 132 -32.43 -46.10 43.95
N VAL A 133 -33.16 -47.19 43.77
CA VAL A 133 -33.13 -47.94 42.52
C VAL A 133 -34.49 -47.85 41.83
N TYR A 134 -34.49 -47.26 40.64
CA TYR A 134 -35.64 -47.30 39.74
C TYR A 134 -35.34 -48.30 38.64
N ASP A 135 -36.12 -49.38 38.59
CA ASP A 135 -35.78 -50.53 37.75
C ASP A 135 -36.96 -50.88 36.83
N LYS A 136 -37.47 -49.87 36.13
CA LYS A 136 -38.59 -50.07 35.22
C LYS A 136 -38.08 -50.49 33.84
N PRO A 137 -38.89 -51.24 33.07
CA PRO A 137 -38.38 -51.76 31.78
C PRO A 137 -38.22 -50.70 30.70
N GLU A 138 -38.80 -49.51 30.87
CA GLU A 138 -38.65 -48.47 29.86
C GLU A 138 -37.36 -47.68 30.00
N LEU A 139 -36.54 -47.99 31.00
CA LEU A 139 -35.29 -47.25 31.23
C LEU A 139 -34.06 -47.94 30.67
N LYS A 140 -34.19 -48.65 29.54
CA LYS A 140 -33.05 -49.39 29.00
C LYS A 140 -32.01 -48.46 28.37
N HIS A 141 -32.39 -47.73 27.33
CA HIS A 141 -31.52 -46.73 26.73
C HIS A 141 -31.90 -45.36 27.26
N PHE A 142 -30.97 -44.41 27.12
CA PHE A 142 -31.19 -43.07 27.66
C PHE A 142 -32.11 -42.30 26.73
N VAL A 143 -33.37 -42.21 27.10
CA VAL A 143 -34.32 -41.25 26.55
C VAL A 143 -34.64 -40.26 27.66
N ILE A 144 -34.83 -38.99 27.28
CA ILE A 144 -34.74 -37.91 28.26
C ILE A 144 -36.01 -37.83 29.12
N GLU A 145 -37.18 -38.09 28.54
CA GLU A 145 -38.42 -37.90 29.29
C GLU A 145 -38.69 -38.93 30.38
N PRO A 146 -38.43 -40.24 30.20
CA PRO A 146 -38.50 -41.13 31.38
C PRO A 146 -37.39 -40.88 32.38
N TYR A 147 -36.23 -40.41 31.94
CA TYR A 147 -35.13 -40.18 32.86
C TYR A 147 -35.29 -38.87 33.63
N ALA A 148 -35.89 -37.85 33.01
CA ALA A 148 -36.11 -36.60 33.73
C ALA A 148 -37.33 -36.67 34.62
N ASN A 149 -38.33 -37.49 34.27
CA ASN A 149 -39.50 -37.64 35.12
C ASN A 149 -39.17 -38.42 36.39
N VAL A 150 -38.25 -39.39 36.29
CA VAL A 150 -37.85 -40.17 37.46
C VAL A 150 -36.98 -39.32 38.38
N LEU A 151 -36.02 -38.58 37.81
CA LEU A 151 -35.16 -37.71 38.59
C LEU A 151 -35.94 -36.56 39.23
N GLU A 152 -37.01 -36.09 38.57
CA GLU A 152 -37.90 -35.14 39.22
C GLU A 152 -38.71 -35.81 40.32
N ASP A 153 -39.11 -37.06 40.11
CA ASP A 153 -39.85 -37.80 41.14
C ASP A 153 -38.95 -38.13 42.33
N PHE A 154 -37.65 -38.33 42.09
CA PHE A 154 -36.73 -38.62 43.18
C PHE A 154 -36.49 -37.39 44.05
N ILE A 155 -36.43 -36.20 43.45
CA ILE A 155 -36.25 -34.98 44.21
C ILE A 155 -37.49 -34.66 45.04
N GLU A 156 -38.68 -34.98 44.51
CA GLU A 156 -39.92 -34.71 45.25
C GLU A 156 -40.08 -35.58 46.48
N LYS A 157 -39.45 -36.75 46.51
CA LYS A 157 -39.59 -37.66 47.64
C LYS A 157 -38.47 -37.47 48.66
N VAL A 158 -37.22 -37.55 48.21
CA VAL A 158 -36.08 -37.60 49.12
C VAL A 158 -35.60 -36.20 49.48
N LYS A 159 -35.73 -35.25 48.55
CA LYS A 159 -35.25 -33.87 48.66
C LYS A 159 -33.76 -33.77 49.03
N PRO A 160 -32.86 -34.07 48.10
CA PRO A 160 -31.44 -33.94 48.41
C PRO A 160 -31.01 -32.48 48.41
N SER A 161 -29.81 -32.22 48.96
CA SER A 161 -29.30 -30.86 48.97
C SER A 161 -28.42 -30.58 47.76
N SER A 162 -27.74 -31.60 47.25
CA SER A 162 -26.87 -31.44 46.09
C SER A 162 -26.94 -32.71 45.27
N ILE A 163 -26.82 -32.55 43.95
CA ILE A 163 -26.82 -33.70 43.05
C ILE A 163 -25.59 -33.62 42.16
N LEU A 164 -24.69 -34.60 42.30
CA LEU A 164 -23.50 -34.63 41.47
C LEU A 164 -23.65 -35.68 40.38
N VAL A 165 -23.56 -35.24 39.12
CA VAL A 165 -23.60 -36.14 37.97
C VAL A 165 -22.28 -35.97 37.23
N GLY A 166 -21.97 -36.94 36.36
CA GLY A 166 -20.77 -36.88 35.58
C GLY A 166 -20.90 -35.96 34.39
N ALA A 167 -19.75 -35.67 33.77
CA ALA A 167 -19.71 -34.85 32.56
C ALA A 167 -19.86 -35.67 31.29
N THR A 168 -20.45 -36.85 31.37
CA THR A 168 -20.74 -37.63 30.17
C THR A 168 -21.87 -37.01 29.38
N ASN A 169 -22.05 -37.48 28.14
CA ASN A 169 -23.07 -36.92 27.27
C ASN A 169 -24.49 -37.23 27.76
N VAL A 170 -24.64 -38.27 28.58
CA VAL A 170 -25.91 -38.49 29.26
C VAL A 170 -26.08 -37.50 30.42
N GLY A 171 -25.03 -37.31 31.22
CA GLY A 171 -25.09 -36.38 32.33
C GLY A 171 -25.13 -34.93 31.94
N ARG A 172 -24.57 -34.59 30.77
CA ARG A 172 -24.66 -33.22 30.26
C ARG A 172 -26.01 -32.95 29.61
N SER A 173 -26.84 -33.99 29.46
CA SER A 173 -28.17 -33.86 28.85
C SER A 173 -29.28 -34.01 29.88
N LEU A 174 -29.11 -34.91 30.85
CA LEU A 174 -30.17 -35.18 31.82
C LEU A 174 -30.23 -34.10 32.89
N ALA A 175 -29.07 -33.67 33.40
CA ALA A 175 -29.02 -32.64 34.44
C ALA A 175 -29.58 -31.28 34.04
N PRO A 176 -29.39 -30.74 32.81
CA PRO A 176 -30.06 -29.46 32.51
C PRO A 176 -31.57 -29.57 32.34
N ARG A 177 -32.09 -30.75 32.00
CA ARG A 177 -33.54 -30.88 31.81
C ARG A 177 -34.27 -30.81 33.15
N VAL A 178 -33.62 -31.26 34.23
CA VAL A 178 -34.29 -31.26 35.53
C VAL A 178 -33.94 -30.00 36.31
N ALA A 179 -32.78 -29.40 36.03
CA ALA A 179 -32.44 -28.14 36.68
C ALA A 179 -33.30 -26.98 36.18
N ALA A 180 -33.70 -27.02 34.91
CA ALA A 180 -34.62 -26.01 34.40
C ALA A 180 -36.05 -26.27 34.87
N ARG A 181 -36.38 -27.53 35.18
CA ARG A 181 -37.71 -27.85 35.67
C ARG A 181 -37.94 -27.31 37.08
N TYR A 182 -36.88 -27.22 37.88
CA TYR A 182 -36.96 -26.68 39.23
C TYR A 182 -36.52 -25.23 39.30
N ARG A 183 -35.99 -24.72 38.20
CA ARG A 183 -35.46 -23.34 38.06
C ARG A 183 -34.29 -23.17 39.02
N THR A 184 -33.50 -24.21 39.21
CA THR A 184 -32.36 -24.19 40.12
C THR A 184 -31.06 -24.11 39.32
N GLY A 185 -29.99 -23.79 40.04
CA GLY A 185 -28.71 -23.58 39.40
C GLY A 185 -28.00 -24.86 39.01
N LEU A 186 -27.17 -24.75 37.97
CA LEU A 186 -26.36 -25.87 37.51
C LEU A 186 -25.08 -25.32 36.90
N THR A 187 -23.96 -25.89 37.32
CA THR A 187 -22.63 -25.53 36.83
C THR A 187 -22.08 -26.66 35.98
N ALA A 188 -21.29 -26.30 34.97
CA ALA A 188 -20.82 -27.26 33.98
C ALA A 188 -19.37 -27.66 34.25
N ASP A 189 -19.10 -28.97 34.06
CA ASP A 189 -17.79 -29.67 34.06
C ASP A 189 -16.77 -29.09 35.06
N CYS A 190 -17.20 -29.08 36.31
CA CYS A 190 -16.43 -28.50 37.40
C CYS A 190 -15.20 -29.33 37.71
N THR A 191 -14.15 -28.66 38.22
CA THR A 191 -12.93 -29.34 38.61
C THR A 191 -12.70 -29.32 40.12
N ILE A 192 -13.09 -28.26 40.81
CA ILE A 192 -12.92 -28.16 42.25
C ILE A 192 -14.28 -27.97 42.90
N LEU A 193 -14.56 -28.77 43.92
CA LEU A 193 -15.81 -28.67 44.67
C LEU A 193 -15.50 -28.44 46.14
N GLU A 194 -15.98 -27.32 46.67
CA GLU A 194 -15.77 -26.96 48.08
C GLU A 194 -17.12 -26.80 48.75
N MET A 195 -17.28 -27.42 49.90
CA MET A 195 -18.53 -27.31 50.65
C MET A 195 -18.40 -26.29 51.77
N LYS A 196 -19.40 -25.41 51.87
CA LYS A 196 -19.52 -24.49 52.99
C LYS A 196 -20.41 -25.12 54.05
N GLU A 197 -20.20 -24.72 55.30
CA GLU A 197 -20.93 -25.32 56.42
C GLU A 197 -22.37 -24.82 56.53
N ASN A 198 -22.75 -23.81 55.75
CA ASN A 198 -24.13 -23.40 55.64
C ASN A 198 -24.82 -24.03 54.43
N THR A 199 -24.35 -25.21 54.00
CA THR A 199 -24.84 -26.01 52.86
C THR A 199 -24.86 -25.23 51.56
N ASP A 200 -23.75 -24.58 51.20
CA ASP A 200 -23.60 -23.98 49.88
C ASP A 200 -22.40 -24.60 49.17
N LEU A 201 -22.67 -25.29 48.07
CA LEU A 201 -21.60 -25.85 47.26
C LEU A 201 -20.90 -24.74 46.47
N VAL A 202 -19.57 -24.78 46.51
CA VAL A 202 -18.74 -23.80 45.78
C VAL A 202 -18.14 -24.55 44.60
N GLN A 203 -18.61 -24.23 43.40
CA GLN A 203 -18.17 -24.94 42.21
C GLN A 203 -17.19 -24.10 41.40
N ILE A 204 -16.01 -24.66 41.17
CA ILE A 204 -14.99 -24.02 40.34
C ILE A 204 -14.94 -24.75 39.00
N ARG A 205 -15.03 -24.00 37.91
CA ARG A 205 -15.09 -24.59 36.59
C ARG A 205 -14.25 -23.80 35.60
N PRO A 206 -13.69 -24.46 34.60
CA PRO A 206 -12.98 -23.71 33.55
C PRO A 206 -13.96 -23.14 32.54
N ALA A 207 -13.59 -21.99 31.98
CA ALA A 207 -14.41 -21.33 30.96
C ALA A 207 -13.49 -20.69 29.93
N PHE A 208 -14.11 -20.16 28.88
CA PHE A 208 -13.43 -19.57 27.71
C PHE A 208 -12.45 -20.56 27.08
N GLY A 209 -12.86 -21.83 27.00
CA GLY A 209 -11.98 -22.88 26.55
C GLY A 209 -10.88 -23.23 27.51
N GLY A 210 -11.05 -22.97 28.81
CA GLY A 210 -10.03 -23.21 29.79
C GLY A 210 -9.09 -22.05 30.04
N ASN A 211 -9.37 -20.88 29.48
CA ASN A 211 -8.45 -19.75 29.61
C ASN A 211 -8.62 -19.03 30.94
N ILE A 212 -9.80 -19.11 31.55
CA ILE A 212 -10.02 -18.60 32.90
C ILE A 212 -10.77 -19.64 33.70
N MET A 213 -10.71 -19.54 35.03
CA MET A 213 -11.56 -20.32 35.89
C MET A 213 -12.61 -19.42 36.52
N ALA A 214 -13.74 -20.02 36.92
CA ALA A 214 -14.86 -19.25 37.43
C ALA A 214 -15.40 -19.89 38.71
N GLN A 215 -15.66 -19.07 39.71
CA GLN A 215 -16.23 -19.54 40.96
C GLN A 215 -17.73 -19.28 41.00
N ILE A 216 -18.51 -20.36 41.07
CA ILE A 216 -19.96 -20.27 40.99
C ILE A 216 -20.54 -20.75 42.32
N VAL A 217 -21.61 -20.09 42.76
CA VAL A 217 -22.31 -20.47 43.98
C VAL A 217 -23.82 -20.37 43.71
N THR A 218 -24.59 -21.22 44.40
CA THR A 218 -26.05 -21.27 44.28
C THR A 218 -26.63 -21.16 45.69
N GLU A 219 -27.06 -19.95 46.05
CA GLU A 219 -27.36 -19.65 47.45
C GLU A 219 -28.83 -19.84 47.79
N ASN A 220 -29.71 -19.62 46.82
CA ASN A 220 -31.18 -19.71 47.06
C ASN A 220 -31.73 -21.04 46.52
N THR A 221 -31.68 -21.23 45.21
CA THR A 221 -32.22 -22.45 44.55
C THR A 221 -31.64 -23.72 45.20
N ARG A 222 -32.50 -24.71 45.43
CA ARG A 222 -32.09 -26.01 46.04
C ARG A 222 -32.95 -27.12 45.45
N PRO A 223 -32.38 -28.30 45.08
CA PRO A 223 -30.98 -28.62 45.36
C PRO A 223 -30.03 -28.07 44.29
N GLN A 224 -28.75 -27.92 44.63
CA GLN A 224 -27.74 -27.39 43.67
C GLN A 224 -27.26 -28.54 42.77
N PHE A 225 -27.31 -28.32 41.45
CA PHE A 225 -26.87 -29.33 40.46
C PHE A 225 -25.49 -28.93 39.92
N CYS A 226 -24.61 -29.92 39.72
CA CYS A 226 -23.29 -29.66 39.18
C CYS A 226 -22.81 -30.90 38.43
N THR A 227 -22.24 -30.67 37.25
CA THR A 227 -21.62 -31.75 36.48
C THR A 227 -20.12 -31.71 36.73
N VAL A 228 -19.51 -32.87 36.91
CA VAL A 228 -18.10 -32.97 37.29
C VAL A 228 -17.33 -33.66 36.17
N ARG A 229 -16.18 -33.08 35.83
CA ARG A 229 -15.32 -33.63 34.78
C ARG A 229 -14.72 -34.97 35.22
N TYR A 230 -14.63 -35.89 34.27
CA TYR A 230 -14.08 -37.22 34.54
C TYR A 230 -12.59 -37.14 34.85
N LYS A 231 -12.11 -38.12 35.63
CA LYS A 231 -10.72 -38.30 36.10
C LYS A 231 -10.09 -37.02 36.66
N VAL A 232 -10.87 -36.32 37.49
CA VAL A 232 -10.36 -35.19 38.26
C VAL A 232 -10.24 -35.62 39.71
N PHE A 233 -11.29 -36.24 40.23
CA PHE A 233 -11.26 -36.74 41.60
C PHE A 233 -10.93 -38.24 41.60
N THR A 234 -10.55 -38.76 42.76
CA THR A 234 -10.15 -40.15 42.86
C THR A 234 -11.23 -40.98 43.53
N ALA A 235 -11.31 -42.24 43.12
CA ALA A 235 -12.23 -43.18 43.75
C ALA A 235 -11.71 -43.58 45.12
N PRO A 236 -12.57 -43.71 46.12
CA PRO A 236 -12.10 -44.09 47.45
C PRO A 236 -11.84 -45.58 47.54
N GLU A 237 -11.18 -45.99 48.62
CA GLU A 237 -10.97 -47.41 48.87
C GLU A 237 -12.28 -48.05 49.29
N ARG A 238 -12.48 -49.31 48.87
CA ARG A 238 -13.69 -50.03 49.22
C ARG A 238 -13.73 -50.33 50.71
N VAL A 239 -14.92 -50.22 51.30
CA VAL A 239 -15.08 -50.52 52.71
C VAL A 239 -15.08 -52.03 52.93
N ASN A 240 -14.57 -52.45 54.08
CA ASN A 240 -14.55 -53.87 54.40
C ASN A 240 -15.93 -54.38 54.78
N GLU A 241 -16.67 -53.64 55.59
CA GLU A 241 -18.08 -53.91 55.82
C GLU A 241 -18.93 -52.83 55.16
N PRO A 242 -19.96 -53.17 54.40
CA PRO A 242 -20.83 -52.13 53.85
C PRO A 242 -22.00 -51.83 54.79
N TRP A 243 -22.26 -50.54 54.97
CA TRP A 243 -23.42 -50.11 55.72
C TRP A 243 -24.40 -49.42 54.77
N GLY A 244 -25.61 -49.18 55.26
CA GLY A 244 -26.63 -48.62 54.41
C GLY A 244 -27.49 -49.68 53.77
N ASP A 245 -28.41 -49.21 52.94
CA ASP A 245 -29.43 -50.08 52.38
C ASP A 245 -29.78 -49.65 50.97
N VAL A 246 -30.46 -50.53 50.24
CA VAL A 246 -31.09 -50.13 48.99
C VAL A 246 -32.56 -49.81 49.23
N GLU A 247 -33.11 -48.93 48.40
CA GLU A 247 -34.51 -48.56 48.46
C GLU A 247 -35.13 -48.70 47.09
N MET A 248 -35.96 -49.71 46.91
CA MET A 248 -36.66 -49.90 45.64
C MET A 248 -37.79 -48.89 45.53
N MET A 249 -37.73 -48.07 44.49
CA MET A 249 -38.73 -47.02 44.27
C MET A 249 -39.58 -47.40 43.06
N ASP A 250 -40.70 -46.70 42.91
CA ASP A 250 -41.61 -46.96 41.81
C ASP A 250 -42.16 -45.64 41.29
N ILE A 251 -42.72 -45.71 40.08
CA ILE A 251 -43.31 -44.55 39.42
C ILE A 251 -44.38 -45.07 38.46
N GLU A 252 -45.41 -44.26 38.22
CA GLU A 252 -46.49 -44.68 37.35
C GLU A 252 -46.03 -44.72 35.90
N LYS A 253 -46.72 -45.54 35.10
CA LYS A 253 -46.25 -45.83 33.74
C LYS A 253 -46.54 -44.70 32.78
N ALA A 254 -47.38 -43.73 33.17
CA ALA A 254 -47.63 -42.59 32.31
C ALA A 254 -46.44 -41.63 32.27
N LYS A 255 -45.60 -41.66 33.31
CA LYS A 255 -44.43 -40.80 33.33
C LYS A 255 -43.28 -41.38 32.51
N LEU A 256 -43.36 -42.67 32.17
CA LEU A 256 -42.25 -43.34 31.50
C LEU A 256 -42.45 -43.48 30.00
N VAL A 257 -43.46 -42.83 29.42
CA VAL A 257 -43.59 -42.83 27.97
C VAL A 257 -42.72 -41.74 27.37
N SER A 258 -42.40 -41.88 26.09
CA SER A 258 -41.51 -40.93 25.42
C SER A 258 -41.83 -40.88 23.95
N ALA A 259 -41.69 -39.69 23.36
CA ALA A 259 -41.83 -39.55 21.92
C ALA A 259 -40.63 -40.10 21.18
N ILE A 260 -39.44 -39.96 21.77
CA ILE A 260 -38.23 -40.53 21.17
C ILE A 260 -38.18 -42.02 21.44
N GLU A 261 -37.89 -42.80 20.40
CA GLU A 261 -37.73 -44.24 20.55
C GLU A 261 -36.38 -44.63 19.93
N VAL A 262 -35.68 -45.54 20.60
CA VAL A 262 -34.32 -45.86 20.22
C VAL A 262 -34.31 -47.02 19.22
N MET A 263 -33.63 -46.82 18.10
CA MET A 263 -33.47 -47.89 17.12
C MET A 263 -32.44 -48.91 17.60
N GLU A 264 -31.19 -48.48 17.79
CA GLU A 264 -30.11 -49.37 18.18
C GLU A 264 -28.97 -48.55 18.77
N VAL A 265 -28.15 -49.19 19.59
CA VAL A 265 -26.98 -48.55 20.17
C VAL A 265 -25.72 -49.21 19.62
N ILE A 266 -25.14 -48.60 18.58
CA ILE A 266 -24.00 -49.18 17.87
C ILE A 266 -22.69 -48.71 18.51
N LYS A 267 -21.79 -49.66 18.76
CA LYS A 267 -20.45 -49.36 19.27
C LYS A 267 -19.64 -48.58 18.25
N LYS A 268 -18.87 -47.60 18.73
CA LYS A 268 -17.97 -46.86 17.86
C LYS A 268 -16.84 -47.76 17.36
N GLU A 269 -16.79 -47.96 16.05
CA GLU A 269 -15.89 -48.93 15.42
C GLU A 269 -15.08 -48.20 14.34
N LYS A 270 -14.69 -46.96 14.63
CA LYS A 270 -13.86 -46.20 13.71
C LYS A 270 -12.64 -45.68 14.47
N GLY A 271 -11.52 -45.63 13.77
CA GLY A 271 -10.29 -45.09 14.33
C GLY A 271 -10.28 -43.57 14.28
N ILE A 272 -9.95 -42.95 15.41
CA ILE A 272 -10.05 -41.50 15.51
C ILE A 272 -8.88 -40.85 14.77
N ASP A 273 -9.18 -39.72 14.14
CA ASP A 273 -8.15 -38.92 13.49
C ASP A 273 -7.28 -38.26 14.55
N LEU A 274 -6.03 -37.96 14.17
CA LEU A 274 -5.01 -37.52 15.12
C LEU A 274 -5.33 -36.18 15.78
N SER A 275 -5.94 -35.26 15.02
CA SER A 275 -6.24 -33.94 15.57
C SER A 275 -7.36 -33.97 16.60
N GLU A 276 -8.18 -35.03 16.61
CA GLU A 276 -9.21 -35.17 17.63
C GLU A 276 -8.77 -35.99 18.82
N ALA A 277 -7.58 -36.59 18.78
CA ALA A 277 -7.13 -37.45 19.87
C ALA A 277 -6.51 -36.65 21.00
N GLU A 278 -6.79 -37.06 22.23
CA GLU A 278 -6.16 -36.50 23.41
C GLU A 278 -5.17 -37.45 24.09
N THR A 279 -4.93 -38.63 23.54
CA THR A 279 -3.80 -39.43 23.99
C THR A 279 -3.21 -40.16 22.78
N ILE A 280 -1.88 -40.10 22.68
CA ILE A 280 -1.17 -40.51 21.47
C ILE A 280 0.13 -41.18 21.88
N VAL A 281 0.40 -42.34 21.30
CA VAL A 281 1.70 -43.01 21.40
C VAL A 281 2.39 -42.81 20.06
N ALA A 282 3.50 -42.06 20.07
CA ALA A 282 4.21 -41.77 18.84
C ALA A 282 5.51 -42.55 18.77
N VAL A 283 5.76 -43.18 17.63
CA VAL A 283 6.95 -43.99 17.41
C VAL A 283 7.85 -43.29 16.41
N GLY A 284 9.13 -43.66 16.40
CA GLY A 284 10.10 -43.07 15.51
C GLY A 284 10.98 -44.10 14.83
N ARG A 285 12.21 -43.66 14.52
CA ARG A 285 13.17 -44.55 13.88
C ARG A 285 13.81 -45.51 14.87
N GLY A 286 13.61 -45.30 16.17
CA GLY A 286 14.07 -46.23 17.19
C GLY A 286 13.39 -47.58 17.19
N VAL A 287 12.21 -47.68 16.57
CA VAL A 287 11.53 -48.96 16.38
C VAL A 287 12.08 -49.56 15.10
N LYS A 288 12.69 -50.74 15.20
CA LYS A 288 13.48 -51.26 14.09
C LYS A 288 12.61 -51.92 13.01
N CYS A 289 11.79 -52.90 13.38
CA CYS A 289 11.02 -53.64 12.39
C CYS A 289 9.54 -53.41 12.62
N GLU A 290 8.74 -53.83 11.62
CA GLU A 290 7.31 -53.58 11.66
C GLU A 290 6.60 -54.47 12.67
N LYS A 291 7.15 -55.65 12.97
CA LYS A 291 6.50 -56.55 13.92
C LYS A 291 6.70 -56.11 15.36
N ASP A 292 7.56 -55.12 15.61
CA ASP A 292 7.68 -54.55 16.95
C ASP A 292 6.54 -53.59 17.25
N LEU A 293 5.74 -53.25 16.24
CA LEU A 293 4.59 -52.38 16.47
C LEU A 293 3.44 -53.12 17.16
N ASP A 294 3.44 -54.45 17.09
CA ASP A 294 2.43 -55.23 17.81
C ASP A 294 2.61 -55.13 19.32
N MET A 295 3.85 -55.00 19.78
CA MET A 295 4.11 -54.72 21.19
C MET A 295 3.67 -53.29 21.55
N ILE A 296 3.73 -52.38 20.59
CA ILE A 296 3.36 -50.99 20.84
C ILE A 296 1.85 -50.82 20.70
N HIS A 297 1.21 -51.53 19.76
CA HIS A 297 -0.23 -51.43 19.57
C HIS A 297 -1.00 -52.02 20.75
N GLU A 298 -0.45 -53.03 21.43
CA GLU A 298 -1.10 -53.53 22.62
C GLU A 298 -0.86 -52.63 23.82
N PHE A 299 0.20 -51.82 23.78
CA PHE A 299 0.46 -50.87 24.86
C PHE A 299 -0.43 -49.64 24.73
N ALA A 300 -0.70 -49.19 23.50
CA ALA A 300 -1.50 -48.00 23.30
C ALA A 300 -2.98 -48.23 23.60
N GLU A 301 -3.45 -49.48 23.51
CA GLU A 301 -4.83 -49.76 23.85
C GLU A 301 -5.01 -49.99 25.34
N LYS A 302 -3.92 -50.13 26.09
CA LYS A 302 -4.02 -50.16 27.56
C LYS A 302 -4.38 -48.78 28.10
N ILE A 303 -3.89 -47.72 27.45
CA ILE A 303 -4.22 -46.36 27.85
C ILE A 303 -5.17 -45.69 26.88
N GLY A 304 -5.60 -46.38 25.81
CA GLY A 304 -6.52 -45.83 24.85
C GLY A 304 -5.90 -44.87 23.86
N ALA A 305 -4.61 -45.00 23.55
CA ALA A 305 -3.92 -44.01 22.75
C ALA A 305 -3.97 -44.35 21.26
N THR A 306 -3.93 -43.32 20.44
CA THR A 306 -3.82 -43.50 18.99
C THR A 306 -2.35 -43.58 18.60
N VAL A 307 -2.00 -44.61 17.82
CA VAL A 307 -0.61 -44.79 17.43
C VAL A 307 -0.28 -43.88 16.24
N ALA A 308 0.72 -43.03 16.43
CA ALA A 308 1.20 -42.16 15.37
C ALA A 308 2.68 -42.41 15.17
N CYS A 309 3.27 -41.74 14.19
CA CYS A 309 4.65 -42.01 13.84
C CYS A 309 5.30 -40.75 13.27
N THR A 310 6.60 -40.83 13.09
CA THR A 310 7.34 -39.81 12.37
C THR A 310 7.38 -40.14 10.88
N ARG A 311 8.04 -39.27 10.12
CA ARG A 311 8.15 -39.48 8.67
C ARG A 311 8.99 -40.68 8.25
N PRO A 312 10.01 -41.15 9.00
CA PRO A 312 10.55 -42.49 8.70
C PRO A 312 9.53 -43.62 8.82
N GLY A 313 8.49 -43.48 9.64
CA GLY A 313 7.43 -44.47 9.67
C GLY A 313 6.56 -44.48 8.43
N ILE A 314 6.44 -43.33 7.76
CA ILE A 314 5.66 -43.26 6.52
C ILE A 314 6.45 -43.82 5.35
N GLU A 315 7.77 -43.54 5.30
CA GLU A 315 8.60 -44.01 4.20
C GLU A 315 8.79 -45.52 4.23
N ALA A 316 8.70 -46.14 5.41
CA ALA A 316 8.73 -47.59 5.49
C ALA A 316 7.37 -48.22 5.20
N GLY A 317 6.33 -47.41 5.09
CA GLY A 317 4.99 -47.92 4.81
C GLY A 317 4.29 -48.57 5.98
N TRP A 318 4.72 -48.27 7.21
CA TRP A 318 4.13 -48.93 8.37
C TRP A 318 2.80 -48.31 8.76
N PHE A 319 2.56 -47.05 8.37
CA PHE A 319 1.37 -46.32 8.80
C PHE A 319 0.78 -45.56 7.63
N ASP A 320 -0.49 -45.20 7.78
CA ASP A 320 -1.14 -44.32 6.81
C ASP A 320 -0.55 -42.91 6.93
N ALA A 321 -0.60 -42.17 5.82
CA ALA A 321 0.00 -40.83 5.78
C ALA A 321 -0.78 -39.82 6.63
N ARG A 322 -2.01 -40.15 7.02
CA ARG A 322 -2.74 -39.29 7.93
C ARG A 322 -2.32 -39.49 9.37
N LEU A 323 -1.46 -40.46 9.65
CA LEU A 323 -0.97 -40.73 10.99
C LEU A 323 0.39 -40.12 11.26
N GLN A 324 0.86 -39.20 10.40
CA GLN A 324 2.15 -38.58 10.62
C GLN A 324 1.99 -37.26 11.36
N ILE A 325 2.81 -37.07 12.40
CA ILE A 325 2.80 -35.85 13.20
C ILE A 325 3.90 -34.93 12.72
N GLY A 326 3.55 -33.68 12.43
CA GLY A 326 4.55 -32.68 12.16
C GLY A 326 4.05 -31.65 11.16
N LEU A 327 5.02 -30.94 10.58
CA LEU A 327 4.71 -29.90 9.59
C LEU A 327 4.19 -30.51 8.29
N SER A 328 4.78 -31.62 7.85
CA SER A 328 4.31 -32.36 6.69
C SER A 328 3.16 -33.30 7.01
N GLY A 329 2.68 -33.29 8.26
CA GLY A 329 1.57 -34.12 8.66
C GLY A 329 0.55 -33.36 9.47
N ARG A 330 0.20 -33.92 10.62
CA ARG A 330 -0.81 -33.34 11.49
C ARG A 330 -0.17 -32.53 12.61
N THR A 331 -0.75 -31.36 12.88
CA THR A 331 -0.43 -30.64 14.10
C THR A 331 -1.42 -31.03 15.20
N VAL A 332 -0.90 -31.59 16.29
CA VAL A 332 -1.73 -32.20 17.30
C VAL A 332 -1.56 -31.46 18.61
N LYS A 333 -2.60 -31.48 19.43
CA LYS A 333 -2.56 -31.02 20.82
C LYS A 333 -3.29 -32.02 21.71
N PRO A 334 -2.66 -33.17 22.01
CA PRO A 334 -3.30 -34.13 22.90
C PRO A 334 -3.04 -33.80 24.36
N LYS A 335 -3.75 -34.49 25.24
CA LYS A 335 -3.50 -34.32 26.68
C LYS A 335 -2.23 -35.04 27.09
N LEU A 336 -1.83 -36.08 26.37
CA LEU A 336 -0.65 -36.85 26.69
C LEU A 336 -0.09 -37.47 25.43
N ILE A 337 1.20 -37.22 25.18
CA ILE A 337 1.90 -37.83 24.06
C ILE A 337 3.14 -38.53 24.60
N ILE A 338 3.36 -39.76 24.12
CA ILE A 338 4.49 -40.59 24.55
C ILE A 338 5.36 -40.81 23.32
N ALA A 339 6.51 -40.14 23.26
CA ALA A 339 7.42 -40.30 22.14
C ALA A 339 8.38 -41.45 22.38
N LEU A 340 8.37 -42.42 21.46
CA LEU A 340 9.16 -43.64 21.60
C LEU A 340 10.21 -43.67 20.50
N GLY A 341 11.47 -43.48 20.90
CA GLY A 341 12.56 -43.48 19.94
C GLY A 341 12.56 -42.32 18.98
N ILE A 342 12.14 -41.13 19.43
CA ILE A 342 12.04 -39.97 18.55
C ILE A 342 13.02 -38.91 19.03
N SER A 343 13.96 -38.54 18.17
CA SER A 343 14.72 -37.32 18.40
C SER A 343 13.86 -36.12 18.01
N GLY A 344 13.85 -35.11 18.87
CA GLY A 344 12.96 -33.99 18.67
C GLY A 344 13.39 -33.04 17.57
N ALA A 345 13.32 -33.51 16.33
CA ALA A 345 13.67 -32.66 15.20
C ALA A 345 12.62 -31.58 15.01
N VAL A 346 13.00 -30.50 14.33
CA VAL A 346 12.19 -29.29 14.30
C VAL A 346 10.96 -29.47 13.43
N GLN A 347 10.97 -30.45 12.52
CA GLN A 347 9.79 -30.70 11.70
C GLN A 347 8.76 -31.55 12.45
N PHE A 348 9.21 -32.46 13.31
CA PHE A 348 8.28 -33.22 14.14
C PHE A 348 7.79 -32.40 15.33
N ALA A 349 8.69 -31.66 15.98
CA ALA A 349 8.36 -30.98 17.22
C ALA A 349 7.45 -29.78 16.98
N ALA A 350 7.41 -29.26 15.75
CA ALA A 350 6.54 -28.12 15.48
C ALA A 350 5.07 -28.52 15.43
N GLY A 351 4.79 -29.82 15.25
CA GLY A 351 3.43 -30.30 15.25
C GLY A 351 2.93 -30.86 16.56
N MET A 352 3.78 -30.90 17.60
CA MET A 352 3.34 -31.46 18.87
C MET A 352 3.86 -30.71 20.10
N GLN A 353 4.42 -29.51 19.95
CA GLN A 353 5.03 -28.83 21.10
C GLN A 353 3.99 -28.26 22.04
N ASN A 354 2.77 -28.04 21.56
CA ASN A 354 1.69 -27.51 22.38
C ASN A 354 0.90 -28.61 23.09
N SER A 355 1.48 -29.80 23.22
CA SER A 355 0.87 -30.85 24.03
C SER A 355 0.94 -30.47 25.50
N GLU A 356 -0.04 -30.93 26.27
CA GLU A 356 -0.07 -30.56 27.68
C GLU A 356 0.87 -31.41 28.52
N TYR A 357 1.21 -32.61 28.04
CA TYR A 357 2.18 -33.44 28.73
C TYR A 357 2.91 -34.30 27.73
N ILE A 358 4.24 -34.21 27.74
CA ILE A 358 5.09 -34.93 26.78
C ILE A 358 6.01 -35.88 27.52
N ILE A 359 5.82 -37.19 27.31
CA ILE A 359 6.78 -38.16 27.82
C ILE A 359 7.68 -38.63 26.69
N ALA A 360 8.99 -38.58 26.92
CA ALA A 360 9.95 -38.97 25.91
C ALA A 360 10.81 -40.11 26.42
N ILE A 361 10.92 -41.16 25.60
CA ILE A 361 11.77 -42.30 25.88
C ILE A 361 12.80 -42.39 24.75
N ASN A 362 14.06 -42.12 25.07
CA ASN A 362 15.10 -42.02 24.06
C ASN A 362 16.44 -42.48 24.66
N SER A 363 17.22 -43.20 23.85
CA SER A 363 18.50 -43.71 24.33
C SER A 363 19.55 -42.62 24.45
N ASP A 364 19.51 -41.62 23.55
CA ASP A 364 20.48 -40.54 23.57
C ASP A 364 19.99 -39.45 24.49
N PRO A 365 20.74 -39.12 25.56
CA PRO A 365 20.30 -38.05 26.46
C PRO A 365 20.48 -36.66 25.88
N LYS A 366 21.20 -36.53 24.77
CA LYS A 366 21.38 -35.25 24.10
C LYS A 366 20.38 -35.01 22.99
N ALA A 367 19.28 -35.77 22.96
CA ALA A 367 18.27 -35.58 21.94
C ALA A 367 17.51 -34.27 22.17
N PRO A 368 17.06 -33.61 21.09
CA PRO A 368 16.33 -32.34 21.27
C PRO A 368 14.90 -32.51 21.76
N ILE A 369 14.43 -33.76 21.91
CA ILE A 369 13.09 -33.99 22.45
C ILE A 369 13.05 -33.68 23.94
N PHE A 370 14.20 -33.74 24.62
CA PHE A 370 14.22 -33.54 26.07
C PHE A 370 14.17 -32.06 26.42
N ASN A 371 14.32 -31.17 25.45
CA ASN A 371 14.21 -29.74 25.72
C ASN A 371 12.75 -29.32 25.86
N ILE A 372 11.82 -30.14 25.36
CA ILE A 372 10.40 -29.84 25.45
C ILE A 372 9.62 -30.87 26.24
N ALA A 373 10.21 -32.03 26.53
CA ALA A 373 9.48 -33.08 27.22
C ALA A 373 9.31 -32.76 28.70
N HIS A 374 8.08 -32.90 29.20
CA HIS A 374 7.83 -32.71 30.62
C HIS A 374 8.36 -33.87 31.44
N CYS A 375 8.47 -35.06 30.85
CA CYS A 375 9.06 -36.21 31.53
C CYS A 375 10.04 -36.85 30.57
N GLY A 376 11.34 -36.66 30.83
CA GLY A 376 12.36 -37.18 29.95
C GLY A 376 13.02 -38.44 30.46
N MET A 377 12.65 -39.59 29.90
CA MET A 377 13.24 -40.85 30.32
C MET A 377 14.33 -41.28 29.35
N VAL A 378 15.52 -41.53 29.89
CA VAL A 378 16.68 -41.90 29.10
C VAL A 378 16.89 -43.40 29.21
N GLY A 379 16.60 -44.13 28.14
CA GLY A 379 16.78 -45.56 28.14
C GLY A 379 16.20 -46.19 26.89
N ASP A 380 16.42 -47.50 26.77
CA ASP A 380 15.99 -48.23 25.59
C ASP A 380 14.53 -48.66 25.72
N LEU A 381 13.75 -48.45 24.67
CA LEU A 381 12.32 -48.76 24.72
C LEU A 381 12.06 -50.25 24.59
N TYR A 382 13.00 -51.00 24.02
CA TYR A 382 12.77 -52.43 23.76
C TYR A 382 12.84 -53.24 25.05
N GLU A 383 13.50 -52.70 26.08
CA GLU A 383 13.52 -53.38 27.36
C GLU A 383 12.51 -52.80 28.35
N ILE A 384 12.05 -51.57 28.11
CA ILE A 384 11.13 -50.94 29.05
C ILE A 384 9.70 -51.41 28.80
N LEU A 385 9.21 -51.30 27.57
CA LEU A 385 7.79 -51.49 27.28
C LEU A 385 7.25 -52.93 27.39
N PRO A 386 7.94 -53.99 26.95
CA PRO A 386 7.42 -55.33 27.28
C PRO A 386 7.52 -55.66 28.76
N GLU A 387 8.51 -55.08 29.45
CA GLU A 387 8.61 -55.27 30.89
C GLU A 387 7.56 -54.45 31.63
N LEU A 388 7.18 -53.29 31.06
CA LEU A 388 6.08 -52.52 31.62
C LEU A 388 4.73 -53.16 31.31
N LEU A 389 4.62 -53.86 30.18
CA LEU A 389 3.38 -54.58 29.88
C LEU A 389 3.19 -55.77 30.80
N THR A 390 4.27 -56.35 31.30
CA THR A 390 4.15 -57.33 32.40
C THR A 390 3.87 -56.64 33.72
N MET A 391 4.23 -55.36 33.85
CA MET A 391 3.81 -54.60 35.02
C MET A 391 2.36 -54.12 34.89
N ILE A 392 1.79 -54.25 33.69
CA ILE A 392 0.37 -53.93 33.52
C ILE A 392 -0.49 -55.07 34.07
N GLU A 393 -0.05 -56.32 33.88
CA GLU A 393 -0.80 -57.46 34.41
C GLU A 393 -0.48 -57.73 35.89
N GLY A 394 0.58 -57.10 36.41
CA GLY A 394 1.05 -57.38 37.75
C GLY A 394 0.16 -56.87 38.87
N PRO A 395 0.13 -55.55 39.07
CA PRO A 395 -0.79 -54.98 40.08
C PRO A 395 -2.26 -55.14 39.74
N GLU A 396 -2.60 -55.40 38.48
CA GLU A 396 -3.99 -55.56 38.09
C GLU A 396 -4.53 -56.97 38.31
N ASN A 397 -3.70 -58.00 38.14
CA ASN A 397 -4.23 -59.37 38.15
C ASN A 397 -3.50 -60.33 39.09
N ASN A 398 -2.73 -59.85 40.06
CA ASN A 398 -2.16 -60.75 41.05
C ASN A 398 -3.09 -60.86 42.27
N MET B 1 -37.73 -29.40 9.38
CA MET B 1 -38.86 -29.50 8.41
C MET B 1 -39.69 -28.21 8.47
N SER B 2 -40.05 -27.67 7.31
CA SER B 2 -40.85 -26.42 7.24
C SER B 2 -40.21 -25.33 8.12
N LYS B 3 -40.85 -25.00 9.24
CA LYS B 3 -40.35 -23.95 10.16
C LYS B 3 -39.15 -24.50 10.95
N ILE B 4 -38.02 -23.78 10.93
CA ILE B 4 -36.79 -24.21 11.65
C ILE B 4 -36.19 -22.99 12.36
N LEU B 5 -36.00 -23.10 13.69
CA LEU B 5 -35.42 -22.02 14.47
C LEU B 5 -33.96 -22.34 14.79
N VAL B 6 -33.08 -21.36 14.63
CA VAL B 6 -31.67 -21.53 14.95
C VAL B 6 -31.25 -20.49 15.97
N CYS B 7 -30.84 -20.94 17.16
CA CYS B 7 -30.36 -20.01 18.17
C CYS B 7 -28.87 -19.78 18.01
N ILE B 8 -28.51 -18.53 17.71
CA ILE B 8 -27.12 -18.14 17.51
C ILE B 8 -26.76 -17.06 18.50
N LYS B 9 -25.48 -16.97 18.83
CA LYS B 9 -25.00 -16.03 19.83
C LYS B 9 -23.80 -15.26 19.30
N GLN B 10 -23.68 -14.01 19.73
CA GLN B 10 -22.46 -13.27 19.47
C GLN B 10 -21.47 -13.49 20.62
N VAL B 11 -20.24 -13.84 20.26
CA VAL B 11 -19.21 -14.14 21.25
C VAL B 11 -18.05 -13.20 21.01
N PRO B 12 -17.12 -13.10 21.97
CA PRO B 12 -15.82 -12.48 21.69
C PRO B 12 -15.12 -13.14 20.50
N GLY B 13 -14.48 -12.32 19.68
CA GLY B 13 -13.77 -12.75 18.49
C GLY B 13 -12.59 -13.64 18.74
N THR B 14 -12.01 -13.62 19.93
CA THR B 14 -11.00 -14.60 20.32
C THR B 14 -11.13 -14.91 21.80
N SER B 15 -10.77 -16.13 22.18
CA SER B 15 -10.89 -16.55 23.57
C SER B 15 -9.61 -16.37 24.37
N ASN B 16 -8.60 -15.72 23.80
CA ASN B 16 -7.36 -15.46 24.54
C ASN B 16 -7.60 -14.37 25.57
N VAL B 17 -7.99 -14.78 26.77
CA VAL B 17 -8.55 -13.88 27.77
C VAL B 17 -7.81 -14.08 29.08
N GLU B 18 -7.50 -12.96 29.77
CA GLU B 18 -6.82 -12.99 31.10
C GLU B 18 -7.51 -11.97 32.01
N VAL B 19 -7.44 -12.12 33.34
CA VAL B 19 -8.10 -11.14 34.20
C VAL B 19 -7.05 -10.27 34.87
N ASP B 20 -7.48 -8.90 34.99
CA ASP B 20 -6.67 -8.03 35.82
C ASP B 20 -6.82 -8.52 37.26
N PRO B 21 -5.72 -8.64 38.02
CA PRO B 21 -5.81 -9.24 39.37
C PRO B 21 -6.70 -8.53 40.37
N GLU B 22 -6.97 -7.24 40.20
CA GLU B 22 -7.99 -6.58 41.03
C GLU B 22 -8.83 -5.59 40.21
N THR B 23 -9.33 -6.01 39.07
CA THR B 23 -10.53 -5.40 38.52
C THR B 23 -11.74 -6.30 38.73
N GLY B 24 -11.55 -7.61 38.57
CA GLY B 24 -12.65 -8.56 38.59
C GLY B 24 -13.35 -8.74 37.27
N VAL B 25 -13.05 -7.89 36.28
CA VAL B 25 -13.60 -7.97 34.95
C VAL B 25 -12.44 -8.31 34.02
N LEU B 26 -12.80 -9.17 33.06
CA LEU B 26 -11.89 -9.80 32.07
C LEU B 26 -11.18 -8.76 31.22
N ILE B 27 -9.97 -9.13 30.82
CA ILE B 27 -9.12 -8.26 29.97
C ILE B 27 -9.30 -8.72 28.51
N ARG B 28 -10.47 -8.49 27.91
CA ARG B 28 -10.67 -8.84 26.47
C ARG B 28 -9.78 -7.91 25.64
N ASP B 29 -9.01 -8.46 24.71
CA ASP B 29 -8.03 -7.66 23.91
C ASP B 29 -8.72 -6.58 23.07
N GLY B 30 -9.84 -6.90 22.42
CA GLY B 30 -10.52 -5.90 21.57
C GLY B 30 -11.99 -6.18 21.55
N VAL B 31 -12.73 -5.67 20.56
CA VAL B 31 -14.17 -6.05 20.55
C VAL B 31 -14.52 -6.52 19.15
N GLU B 32 -13.62 -7.24 18.48
CA GLU B 32 -13.94 -7.78 17.13
C GLU B 32 -14.81 -9.03 17.35
N SER B 33 -16.10 -8.82 17.65
CA SER B 33 -16.95 -9.95 17.98
C SER B 33 -17.49 -10.66 16.74
N LYS B 34 -17.81 -11.95 16.91
CA LYS B 34 -18.17 -12.81 15.81
C LYS B 34 -19.32 -13.73 16.21
N LEU B 35 -19.89 -14.42 15.23
CA LEU B 35 -20.75 -15.55 15.52
C LEU B 35 -19.88 -16.73 15.92
N ASN B 36 -20.32 -17.49 16.92
CA ASN B 36 -19.50 -18.55 17.46
C ASN B 36 -19.43 -19.72 16.49
N PRO B 37 -18.28 -20.40 16.40
CA PRO B 37 -18.13 -21.47 15.39
C PRO B 37 -18.98 -22.69 15.65
N TYR B 38 -19.44 -22.91 16.88
CA TYR B 38 -20.31 -24.05 17.15
C TYR B 38 -21.73 -23.81 16.65
N ASP B 39 -22.12 -22.54 16.48
CA ASP B 39 -23.43 -22.26 15.93
C ASP B 39 -23.41 -22.20 14.40
N LEU B 40 -22.22 -22.17 13.81
CA LEU B 40 -22.11 -22.31 12.36
C LEU B 40 -22.46 -23.72 11.93
N PHE B 41 -22.18 -24.72 12.77
CA PHE B 41 -22.63 -26.07 12.50
C PHE B 41 -24.14 -26.21 12.70
N GLY B 42 -24.71 -25.40 13.59
CA GLY B 42 -26.16 -25.40 13.74
C GLY B 42 -26.87 -24.69 12.62
N LEU B 43 -26.26 -23.65 12.06
CA LEU B 43 -26.82 -22.99 10.88
C LEU B 43 -26.70 -23.88 9.65
N GLU B 44 -25.58 -24.56 9.49
CA GLU B 44 -25.36 -25.42 8.33
C GLU B 44 -26.27 -26.66 8.37
N THR B 45 -26.57 -27.16 9.56
CA THR B 45 -27.52 -28.27 9.70
C THR B 45 -28.92 -27.86 9.26
N ALA B 46 -29.30 -26.59 9.50
CA ALA B 46 -30.59 -26.11 9.03
C ALA B 46 -30.60 -25.93 7.52
N PHE B 47 -29.45 -25.58 6.93
CA PHE B 47 -29.39 -25.35 5.49
C PHE B 47 -29.52 -26.65 4.71
N ARG B 48 -28.97 -27.74 5.24
CA ARG B 48 -29.11 -29.04 4.58
C ARG B 48 -30.55 -29.56 4.70
N LEU B 49 -31.25 -29.19 5.76
CA LEU B 49 -32.63 -29.63 5.93
C LEU B 49 -33.58 -28.79 5.09
N LYS B 50 -33.25 -27.50 4.89
CA LYS B 50 -34.06 -26.66 4.01
C LYS B 50 -33.90 -27.05 2.55
N GLU B 51 -32.73 -27.56 2.17
CA GLU B 51 -32.54 -28.02 0.80
C GLU B 51 -33.23 -29.35 0.55
N GLN B 52 -33.62 -30.05 1.62
CA GLN B 52 -34.29 -31.33 1.45
C GLN B 52 -35.80 -31.20 1.67
N LEU B 53 -36.23 -30.30 2.54
CA LEU B 53 -37.64 -30.18 2.90
C LEU B 53 -38.31 -28.92 2.39
N GLY B 54 -37.56 -27.84 2.17
CA GLY B 54 -38.10 -26.67 1.50
C GLY B 54 -38.81 -25.66 2.37
N GLY B 55 -38.63 -25.71 3.68
CA GLY B 55 -39.31 -24.78 4.56
C GLY B 55 -38.57 -23.46 4.71
N THR B 56 -38.76 -22.84 5.88
CA THR B 56 -38.08 -21.59 6.18
C THR B 56 -37.17 -21.75 7.39
N ILE B 57 -36.29 -20.78 7.58
CA ILE B 57 -35.28 -20.82 8.64
C ILE B 57 -35.33 -19.48 9.37
N THR B 58 -35.57 -19.52 10.67
CA THR B 58 -35.54 -18.31 11.49
C THR B 58 -34.35 -18.35 12.44
N THR B 59 -33.64 -17.22 12.55
CA THR B 59 -32.54 -17.11 13.49
C THR B 59 -32.97 -16.29 14.70
N LEU B 60 -32.50 -16.72 15.87
CA LEU B 60 -32.89 -16.10 17.13
C LEU B 60 -31.65 -15.84 17.97
N SER B 61 -31.57 -14.64 18.53
CA SER B 61 -30.41 -14.26 19.32
C SER B 61 -30.87 -13.43 20.51
N MET B 62 -30.10 -13.53 21.59
CA MET B 62 -30.38 -12.77 22.81
C MET B 62 -29.10 -12.04 23.22
N GLY B 63 -29.20 -10.72 23.32
CA GLY B 63 -28.07 -9.90 23.68
C GLY B 63 -28.37 -8.43 23.47
N PRO B 64 -27.33 -7.62 23.34
CA PRO B 64 -27.55 -6.18 23.07
C PRO B 64 -27.89 -5.93 21.62
N MET B 65 -27.96 -4.65 21.27
CA MET B 65 -28.19 -4.27 19.88
C MET B 65 -26.96 -4.51 19.01
N GLN B 66 -25.80 -4.75 19.61
CA GLN B 66 -24.62 -5.14 18.86
C GLN B 66 -24.76 -6.56 18.31
N SER B 67 -25.62 -7.38 18.91
CA SER B 67 -25.85 -8.74 18.44
C SER B 67 -26.72 -8.80 17.19
N LYS B 68 -27.09 -7.65 16.62
CA LYS B 68 -27.78 -7.62 15.34
C LYS B 68 -26.84 -7.96 14.19
N GLU B 69 -25.53 -7.89 14.41
CA GLU B 69 -24.56 -8.16 13.35
C GLU B 69 -24.48 -9.64 13.03
N VAL B 70 -24.65 -10.51 14.03
CA VAL B 70 -24.62 -11.94 13.74
C VAL B 70 -25.96 -12.41 13.19
N LEU B 71 -27.01 -11.61 13.36
CA LEU B 71 -28.27 -11.90 12.69
C LEU B 71 -28.19 -11.52 11.21
N MET B 72 -27.50 -10.43 10.89
CA MET B 72 -27.23 -10.10 9.49
C MET B 72 -26.22 -11.06 8.88
N GLU B 73 -25.30 -11.59 9.69
CA GLU B 73 -24.31 -12.53 9.19
C GLU B 73 -24.95 -13.87 8.84
N SER B 74 -25.95 -14.30 9.61
CA SER B 74 -26.68 -15.52 9.28
C SER B 74 -27.55 -15.33 8.04
N PHE B 75 -27.96 -14.08 7.77
CA PHE B 75 -28.70 -13.78 6.55
C PHE B 75 -27.85 -13.96 5.31
N TYR B 76 -26.56 -13.64 5.40
CA TYR B 76 -25.67 -13.78 4.25
C TYR B 76 -25.35 -15.24 3.96
N MET B 77 -25.49 -16.11 4.97
CA MET B 77 -25.32 -17.54 4.77
C MET B 77 -26.59 -18.21 4.24
N GLY B 78 -27.74 -17.56 4.35
CA GLY B 78 -28.97 -18.08 3.78
C GLY B 78 -30.17 -18.17 4.71
N ALA B 79 -30.16 -17.47 5.84
CA ALA B 79 -31.34 -17.47 6.71
C ALA B 79 -32.43 -16.59 6.12
N ASP B 80 -33.68 -16.90 6.45
CA ASP B 80 -34.80 -16.21 5.84
C ASP B 80 -35.25 -15.00 6.66
N GLU B 81 -35.33 -15.14 7.98
CA GLU B 81 -35.70 -14.02 8.83
C GLU B 81 -35.01 -14.19 10.19
N GLY B 82 -34.92 -13.07 10.92
CA GLY B 82 -34.23 -13.08 12.19
C GLY B 82 -35.05 -12.38 13.26
N CYS B 83 -34.56 -12.50 14.50
CA CYS B 83 -35.26 -11.91 15.64
C CYS B 83 -34.22 -11.66 16.74
N LEU B 84 -34.10 -10.39 17.15
CA LEU B 84 -33.29 -10.06 18.30
C LEU B 84 -34.16 -10.01 19.56
N LEU B 85 -33.55 -10.28 20.70
CA LEU B 85 -34.22 -10.23 22.00
C LEU B 85 -33.57 -9.18 22.88
N SER B 86 -33.37 -8.00 22.33
CA SER B 86 -32.62 -6.96 23.04
C SER B 86 -33.51 -6.23 24.04
N ASP B 87 -33.08 -6.25 25.30
CA ASP B 87 -33.74 -5.50 26.37
C ASP B 87 -32.74 -5.35 27.51
N ARG B 88 -32.91 -4.26 28.27
CA ARG B 88 -32.03 -4.02 29.41
C ARG B 88 -32.36 -4.96 30.57
N LYS B 89 -33.59 -5.47 30.62
CA LYS B 89 -33.99 -6.34 31.73
C LYS B 89 -33.54 -7.78 31.51
N PHE B 90 -32.96 -8.10 30.35
CA PHE B 90 -32.53 -9.46 30.05
C PHE B 90 -31.06 -9.71 30.39
N GLY B 91 -30.27 -8.65 30.61
CA GLY B 91 -28.86 -8.82 30.84
C GLY B 91 -28.52 -9.42 32.20
N GLY B 92 -27.27 -9.84 32.34
CA GLY B 92 -26.80 -10.48 33.54
C GLY B 92 -27.34 -11.88 33.78
N ALA B 93 -27.85 -12.54 32.75
CA ALA B 93 -28.54 -13.80 32.93
C ALA B 93 -27.57 -14.98 32.93
N ASP B 94 -27.92 -16.01 33.70
CA ASP B 94 -27.25 -17.30 33.59
C ASP B 94 -28.01 -18.17 32.59
N VAL B 95 -27.70 -19.46 32.59
CA VAL B 95 -28.32 -20.41 31.65
C VAL B 95 -29.83 -20.52 31.88
N VAL B 96 -30.27 -20.51 33.14
CA VAL B 96 -31.68 -20.69 33.46
C VAL B 96 -32.51 -19.50 33.00
N ALA B 97 -31.95 -18.29 33.06
CA ALA B 97 -32.69 -17.12 32.61
C ALA B 97 -32.50 -16.87 31.11
N THR B 98 -31.38 -17.31 30.54
CA THR B 98 -31.19 -17.20 29.09
C THR B 98 -32.09 -18.18 28.34
N SER B 99 -32.19 -19.41 28.84
CA SER B 99 -33.04 -20.40 28.18
C SER B 99 -34.52 -20.13 28.43
N TYR B 100 -34.85 -19.28 29.40
CA TYR B 100 -36.24 -18.90 29.59
C TYR B 100 -36.66 -17.79 28.64
N THR B 101 -35.80 -16.79 28.45
CA THR B 101 -36.16 -15.71 27.53
C THR B 101 -36.00 -16.14 26.07
N LEU B 102 -35.22 -17.19 25.80
CA LEU B 102 -35.16 -17.73 24.46
C LEU B 102 -36.38 -18.59 24.16
N ALA B 103 -36.93 -19.25 25.20
CA ALA B 103 -38.15 -20.01 25.00
C ALA B 103 -39.38 -19.10 24.98
N GLN B 104 -39.31 -17.95 25.65
CA GLN B 104 -40.41 -17.00 25.59
C GLN B 104 -40.44 -16.29 24.25
N GLY B 105 -39.26 -16.01 23.66
CA GLY B 105 -39.21 -15.45 22.33
C GLY B 105 -39.58 -16.44 21.25
N THR B 106 -39.47 -17.74 21.55
CA THR B 106 -39.88 -18.76 20.58
C THR B 106 -41.40 -18.85 20.50
N LYS B 107 -42.08 -18.78 21.65
CA LYS B 107 -43.54 -18.83 21.66
C LYS B 107 -44.16 -17.58 21.05
N ARG B 108 -43.46 -16.45 21.12
CA ARG B 108 -43.94 -15.23 20.47
C ARG B 108 -43.81 -15.31 18.96
N LEU B 109 -42.81 -16.01 18.45
CA LEU B 109 -42.58 -16.15 17.02
C LEU B 109 -43.39 -17.27 16.38
N GLY B 110 -44.24 -17.95 17.14
CA GLY B 110 -45.06 -19.01 16.60
C GLY B 110 -44.43 -20.38 16.79
N ASP B 111 -45.04 -21.36 16.13
CA ASP B 111 -44.59 -22.74 16.26
C ASP B 111 -43.48 -23.04 15.25
N PHE B 112 -42.54 -23.88 15.67
CA PHE B 112 -41.46 -24.35 14.83
C PHE B 112 -41.39 -25.86 14.90
N ASP B 113 -41.10 -26.49 13.77
CA ASP B 113 -40.99 -27.94 13.75
C ASP B 113 -39.68 -28.41 14.36
N LEU B 114 -38.66 -27.55 14.38
CA LEU B 114 -37.34 -27.95 14.84
C LEU B 114 -36.57 -26.73 15.29
N ILE B 115 -35.98 -26.80 16.48
CA ILE B 115 -35.08 -25.77 17.00
C ILE B 115 -33.69 -26.36 17.03
N ILE B 116 -32.74 -25.67 16.40
CA ILE B 116 -31.36 -26.16 16.28
C ILE B 116 -30.48 -25.22 17.10
N CYS B 117 -30.02 -25.68 18.25
CA CYS B 117 -29.02 -24.96 19.01
C CYS B 117 -27.64 -25.56 18.75
N GLY B 118 -26.61 -24.75 18.93
CA GLY B 118 -25.25 -25.25 18.82
C GLY B 118 -24.85 -26.04 20.04
N LYS B 119 -23.62 -26.60 19.98
CA LYS B 119 -23.12 -27.42 21.07
C LYS B 119 -22.85 -26.60 22.31
N GLN B 120 -22.13 -25.50 22.17
CA GLN B 120 -21.78 -24.63 23.28
C GLN B 120 -21.40 -23.27 22.73
N THR B 121 -21.21 -22.31 23.62
CA THR B 121 -20.63 -21.04 23.23
C THR B 121 -19.13 -21.09 23.43
N THR B 122 -18.45 -19.98 23.15
CA THR B 122 -17.01 -19.94 23.39
C THR B 122 -16.65 -19.05 24.58
N ASP B 123 -17.61 -18.39 25.20
CA ASP B 123 -17.33 -17.55 26.37
C ASP B 123 -17.86 -18.23 27.63
N GLY B 124 -19.04 -18.84 27.54
CA GLY B 124 -19.59 -19.55 28.68
C GLY B 124 -19.18 -20.99 28.81
N ASP B 125 -19.12 -21.73 27.69
CA ASP B 125 -18.70 -23.13 27.62
C ASP B 125 -19.56 -24.06 28.49
N THR B 126 -20.80 -23.67 28.80
CA THR B 126 -21.59 -24.48 29.70
C THR B 126 -22.32 -25.60 28.96
N ALA B 127 -22.59 -25.41 27.67
CA ALA B 127 -23.21 -26.36 26.76
C ALA B 127 -24.59 -26.84 27.23
N GLN B 128 -25.35 -25.98 27.92
CA GLN B 128 -26.57 -26.43 28.55
C GLN B 128 -27.74 -25.46 28.39
N VAL B 129 -27.62 -24.45 27.52
CA VAL B 129 -28.77 -23.59 27.24
C VAL B 129 -29.81 -24.37 26.43
N GLY B 130 -29.36 -25.16 25.46
CA GLY B 130 -30.19 -26.02 24.64
C GLY B 130 -31.11 -26.99 25.36
N PRO B 131 -30.56 -27.85 26.24
CA PRO B 131 -31.44 -28.74 27.02
C PRO B 131 -32.35 -28.01 28.00
N GLU B 132 -31.95 -26.84 28.49
CA GLU B 132 -32.83 -26.10 29.39
C GLU B 132 -33.93 -25.38 28.62
N MET B 133 -33.63 -24.96 27.39
CA MET B 133 -34.63 -24.27 26.58
C MET B 133 -35.76 -25.19 26.15
N ALA B 134 -35.44 -26.46 25.84
CA ALA B 134 -36.48 -27.41 25.44
C ALA B 134 -37.34 -27.85 26.61
N GLU B 135 -36.85 -27.66 27.85
CA GLU B 135 -37.68 -27.96 29.01
C GLU B 135 -38.78 -26.93 29.18
N PHE B 136 -38.47 -25.66 28.97
CA PHE B 136 -39.49 -24.61 29.05
C PHE B 136 -40.48 -24.68 27.89
N LEU B 137 -40.02 -25.16 26.73
CA LEU B 137 -40.93 -25.32 25.60
C LEU B 137 -41.75 -26.60 25.72
N GLY B 138 -41.27 -27.58 26.48
CA GLY B 138 -41.96 -28.84 26.63
C GLY B 138 -41.75 -29.82 25.50
N ILE B 139 -40.77 -29.58 24.63
CA ILE B 139 -40.53 -30.41 23.45
C ILE B 139 -39.46 -31.43 23.77
N PRO B 140 -39.40 -32.56 23.05
CA PRO B 140 -38.26 -33.48 23.23
C PRO B 140 -36.98 -32.88 22.68
N HIS B 141 -35.85 -33.35 23.21
CA HIS B 141 -34.56 -32.85 22.77
C HIS B 141 -33.53 -33.97 22.72
N VAL B 142 -32.60 -33.84 21.78
CA VAL B 142 -31.50 -34.79 21.59
C VAL B 142 -30.23 -33.95 21.46
N THR B 143 -29.24 -34.22 22.31
CA THR B 143 -28.00 -33.48 22.26
C THR B 143 -26.92 -34.28 21.54
N ASN B 144 -25.89 -33.54 21.06
CA ASN B 144 -24.68 -34.10 20.44
C ASN B 144 -25.01 -34.93 19.20
N VAL B 145 -25.63 -34.30 18.20
CA VAL B 145 -25.98 -35.00 16.97
C VAL B 145 -24.86 -34.87 15.96
N ILE B 146 -24.29 -35.99 15.55
CA ILE B 146 -23.22 -36.00 14.56
C ILE B 146 -23.71 -36.31 13.15
N LYS B 147 -24.90 -36.90 13.01
CA LYS B 147 -25.36 -37.32 11.70
C LYS B 147 -26.89 -37.37 11.69
N ILE B 148 -27.47 -36.89 10.59
CA ILE B 148 -28.90 -36.99 10.35
C ILE B 148 -29.08 -38.05 9.28
N LEU B 149 -29.63 -39.21 9.67
CA LEU B 149 -29.77 -40.31 8.73
C LEU B 149 -30.99 -40.14 7.84
N ALA B 150 -32.11 -39.70 8.40
CA ALA B 150 -33.32 -39.49 7.62
C ALA B 150 -33.92 -38.14 8.00
N ALA B 151 -34.59 -37.52 7.04
CA ALA B 151 -35.12 -36.18 7.18
C ALA B 151 -36.58 -36.15 6.67
N ASP B 152 -37.37 -37.08 7.20
CA ASP B 152 -38.79 -37.20 6.86
C ASP B 152 -39.54 -35.94 7.26
N GLU B 153 -40.69 -35.72 6.62
CA GLU B 153 -41.48 -34.52 6.90
C GLU B 153 -42.18 -34.60 8.26
N LYS B 154 -42.22 -35.79 8.87
CA LYS B 154 -42.62 -35.93 10.27
C LYS B 154 -41.50 -36.60 11.06
N GLY B 155 -40.56 -35.79 11.51
CA GLY B 155 -39.51 -36.26 12.38
C GLY B 155 -38.19 -36.52 11.70
N LEU B 156 -37.19 -36.84 12.53
CA LEU B 156 -35.82 -37.04 12.07
C LEU B 156 -35.27 -38.34 12.63
N THR B 157 -34.40 -38.98 11.86
CA THR B 157 -33.59 -40.08 12.39
C THR B 157 -32.16 -39.59 12.63
N LEU B 158 -31.76 -39.57 13.89
CA LEU B 158 -30.54 -38.91 14.30
C LEU B 158 -29.52 -39.94 14.76
N GLN B 159 -28.26 -39.51 14.80
CA GLN B 159 -27.17 -40.30 15.36
C GLN B 159 -26.54 -39.47 16.49
N MET B 160 -26.92 -39.78 17.73
CA MET B 160 -26.38 -39.11 18.90
C MET B 160 -25.20 -39.93 19.41
N ASN B 161 -24.05 -39.27 19.58
CA ASN B 161 -22.87 -40.00 20.04
C ASN B 161 -22.67 -39.84 21.54
N MET B 162 -22.08 -40.88 22.13
CA MET B 162 -21.52 -40.86 23.48
C MET B 162 -20.00 -40.91 23.36
N GLU B 163 -19.32 -41.11 24.50
CA GLU B 163 -17.86 -41.25 24.46
C GLU B 163 -17.42 -42.49 23.70
N GLU B 164 -18.24 -43.55 23.70
CA GLU B 164 -17.85 -44.81 23.10
C GLU B 164 -18.96 -45.51 22.32
N SER B 165 -20.16 -44.93 22.20
CA SER B 165 -21.24 -45.56 21.46
C SER B 165 -21.92 -44.55 20.55
N LEU B 166 -22.79 -45.05 19.68
CA LEU B 166 -23.59 -44.24 18.75
C LEU B 166 -25.06 -44.63 18.89
N GLU B 167 -25.82 -43.80 19.60
CA GLU B 167 -27.26 -44.03 19.71
C GLU B 167 -27.97 -43.50 18.47
N ILE B 168 -28.85 -44.33 17.91
CA ILE B 168 -29.67 -43.94 16.77
C ILE B 168 -31.12 -43.81 17.24
N GLN B 169 -31.66 -42.61 17.10
CA GLN B 169 -32.98 -42.29 17.62
C GLN B 169 -33.88 -41.80 16.52
N ARG B 170 -35.17 -41.96 16.72
CA ARG B 170 -36.16 -41.43 15.74
C ARG B 170 -37.07 -40.52 16.56
N VAL B 171 -36.84 -39.22 16.48
CA VAL B 171 -37.51 -38.19 17.27
C VAL B 171 -38.51 -37.47 16.36
N PRO B 172 -39.75 -37.23 16.80
CA PRO B 172 -40.71 -36.55 15.94
C PRO B 172 -40.73 -35.04 16.18
N TYR B 173 -41.46 -34.34 15.31
CA TYR B 173 -41.65 -32.90 15.46
C TYR B 173 -42.80 -32.61 16.41
N PRO B 174 -42.72 -31.51 17.18
CA PRO B 174 -41.62 -30.55 17.32
C PRO B 174 -40.56 -31.03 18.29
N CYS B 175 -39.31 -30.62 18.07
CA CYS B 175 -38.21 -31.07 18.91
C CYS B 175 -37.04 -30.11 18.80
N LEU B 176 -36.18 -30.16 19.81
CA LEU B 176 -34.92 -29.43 19.77
C LEU B 176 -33.77 -30.41 19.49
N ILE B 177 -32.79 -29.94 18.72
CA ILE B 177 -31.57 -30.70 18.53
C ILE B 177 -30.38 -29.82 18.88
N THR B 178 -29.31 -30.48 19.32
CA THR B 178 -28.04 -29.82 19.64
C THR B 178 -26.98 -30.56 18.85
N VAL B 179 -26.53 -29.95 17.75
CA VAL B 179 -25.46 -30.55 16.97
C VAL B 179 -24.11 -30.20 17.61
N ASP B 180 -23.11 -31.01 17.35
CA ASP B 180 -21.78 -30.79 17.90
C ASP B 180 -20.81 -30.42 16.77
N LYS B 181 -19.53 -30.38 17.13
CA LYS B 181 -18.50 -29.90 16.21
C LYS B 181 -18.30 -30.88 15.05
N ASP B 182 -18.13 -30.31 13.84
CA ASP B 182 -17.81 -31.03 12.60
C ASP B 182 -18.88 -32.02 12.18
N ILE B 183 -20.15 -31.61 12.29
CA ILE B 183 -21.21 -32.40 11.66
C ILE B 183 -21.22 -32.16 10.15
N TYR B 184 -21.06 -30.91 9.73
CA TYR B 184 -20.86 -30.55 8.34
C TYR B 184 -19.81 -29.46 8.29
N THR B 185 -19.38 -29.11 7.08
CA THR B 185 -18.57 -27.90 6.92
C THR B 185 -19.50 -26.72 6.68
N PRO B 186 -19.46 -25.69 7.51
CA PRO B 186 -20.38 -24.56 7.34
C PRO B 186 -20.03 -23.72 6.13
N ARG B 187 -21.06 -23.28 5.41
CA ARG B 187 -20.85 -22.46 4.23
C ARG B 187 -20.45 -21.05 4.63
N LEU B 188 -19.85 -20.32 3.69
CA LEU B 188 -19.34 -19.00 3.98
C LEU B 188 -20.42 -17.95 3.68
N PRO B 189 -20.39 -16.81 4.36
CA PRO B 189 -21.35 -15.74 4.06
C PRO B 189 -21.09 -15.13 2.69
N SER B 190 -22.12 -15.13 1.86
CA SER B 190 -22.00 -14.66 0.50
C SER B 190 -22.07 -13.14 0.44
N TYR B 191 -21.19 -12.55 -0.38
CA TYR B 191 -21.26 -11.11 -0.61
C TYR B 191 -22.35 -10.75 -1.61
N LYS B 192 -22.75 -11.70 -2.46
CA LYS B 192 -23.85 -11.47 -3.39
C LYS B 192 -25.18 -11.35 -2.66
N ARG B 193 -25.32 -12.08 -1.55
CA ARG B 193 -26.57 -12.08 -0.75
C ARG B 193 -26.61 -10.82 0.12
N LYS B 194 -25.45 -10.17 0.32
CA LYS B 194 -25.37 -8.94 1.14
C LYS B 194 -25.39 -7.71 0.23
N LEU B 195 -25.45 -7.93 -1.09
CA LEU B 195 -25.43 -6.82 -2.07
C LEU B 195 -26.86 -6.56 -2.59
N ASP B 196 -27.84 -7.32 -2.09
CA ASP B 196 -29.26 -7.14 -2.53
C ASP B 196 -29.64 -5.67 -2.38
N ILE B 197 -29.59 -5.16 -1.14
CA ILE B 197 -29.89 -3.74 -0.80
C ILE B 197 -29.43 -3.52 0.65
N SER B 198 -29.56 -4.57 1.46
CA SER B 198 -29.18 -4.62 2.90
C SER B 198 -29.41 -6.05 3.40
N LYS B 199 -30.68 -6.44 3.52
CA LYS B 199 -31.12 -7.79 3.95
C LYS B 199 -32.63 -7.89 3.71
N ASN B 200 -33.04 -8.88 2.90
CA ASN B 200 -34.47 -9.09 2.54
C ASN B 200 -35.34 -9.05 3.81
N PRO B 201 -35.11 -9.94 4.80
CA PRO B 201 -35.91 -9.94 6.04
C PRO B 201 -35.40 -8.87 7.00
N GLU B 202 -36.29 -8.32 7.83
CA GLU B 202 -35.91 -7.27 8.81
C GLU B 202 -35.83 -7.91 10.21
N ILE B 203 -34.75 -7.61 10.95
CA ILE B 203 -34.54 -8.17 12.31
C ILE B 203 -35.66 -7.71 13.24
N LYS B 204 -36.66 -8.55 13.48
CA LYS B 204 -37.80 -8.22 14.39
C LYS B 204 -37.28 -8.21 15.83
N ILE B 205 -37.23 -7.03 16.45
CA ILE B 205 -36.70 -6.91 17.85
C ILE B 205 -37.84 -7.12 18.85
N LEU B 206 -37.55 -7.85 19.94
CA LEU B 206 -38.52 -8.12 20.99
C LEU B 206 -37.94 -7.67 22.33
N THR B 207 -38.81 -7.11 23.16
CA THR B 207 -38.48 -6.69 24.51
C THR B 207 -39.32 -7.50 25.50
N LEU B 208 -39.30 -7.10 26.77
CA LEU B 208 -40.10 -7.78 27.78
C LEU B 208 -41.58 -7.48 27.61
N LYS B 209 -41.93 -6.39 26.91
CA LYS B 209 -43.32 -6.06 26.66
C LYS B 209 -43.95 -7.02 25.65
N ASP B 210 -43.14 -7.68 24.83
CA ASP B 210 -43.68 -8.51 23.76
C ASP B 210 -43.89 -9.95 24.20
N MET B 211 -43.27 -10.36 25.30
CA MET B 211 -43.36 -11.74 25.76
C MET B 211 -44.75 -12.05 26.31
N TYR B 212 -45.12 -13.32 26.26
CA TYR B 212 -46.41 -13.74 26.81
C TYR B 212 -46.38 -13.81 28.33
N ASP B 213 -45.20 -13.89 28.92
CA ASP B 213 -45.03 -13.77 30.37
C ASP B 213 -44.19 -12.51 30.60
N THR B 214 -44.89 -11.39 30.80
CA THR B 214 -44.25 -10.09 30.93
C THR B 214 -44.07 -9.76 32.41
N ASN B 215 -43.16 -10.48 33.07
CA ASN B 215 -42.87 -10.26 34.47
C ASN B 215 -41.38 -10.45 34.68
N GLU B 216 -40.70 -9.38 35.10
CA GLU B 216 -39.24 -9.32 35.09
C GLU B 216 -38.58 -10.08 36.23
N LYS B 217 -39.33 -10.85 37.02
CA LYS B 217 -38.70 -11.66 38.07
C LYS B 217 -38.09 -12.94 37.51
N LYS B 218 -38.56 -13.39 36.36
CA LYS B 218 -38.05 -14.62 35.77
C LYS B 218 -36.98 -14.38 34.72
N TYR B 219 -36.66 -13.12 34.40
CA TYR B 219 -35.64 -12.80 33.42
C TYR B 219 -34.46 -12.11 34.08
N GLY B 220 -33.36 -12.04 33.33
CA GLY B 220 -32.18 -11.29 33.72
C GLY B 220 -31.47 -11.83 34.95
N LEU B 221 -30.96 -10.88 35.75
CA LEU B 221 -30.22 -11.24 36.96
C LEU B 221 -31.16 -11.62 38.09
N SER B 222 -32.43 -11.21 38.00
CA SER B 222 -33.39 -11.54 39.06
C SER B 222 -33.81 -12.99 39.01
N GLY B 223 -33.87 -13.57 37.81
CA GLY B 223 -34.21 -14.97 37.64
C GLY B 223 -33.03 -15.90 37.55
N SER B 224 -31.85 -15.45 37.95
CA SER B 224 -30.65 -16.27 37.90
C SER B 224 -30.39 -16.89 39.26
N PRO B 225 -30.40 -18.22 39.38
CA PRO B 225 -30.02 -18.83 40.66
C PRO B 225 -28.53 -18.76 40.93
N THR B 226 -27.70 -18.81 39.90
CA THR B 226 -26.25 -18.75 40.04
C THR B 226 -25.73 -17.34 39.80
N GLN B 227 -24.50 -17.11 40.25
CA GLN B 227 -23.78 -15.87 40.02
C GLN B 227 -22.30 -16.15 40.17
N VAL B 228 -21.48 -15.41 39.43
CA VAL B 228 -20.04 -15.53 39.58
C VAL B 228 -19.60 -14.86 40.88
N GLU B 229 -18.70 -15.53 41.60
CA GLU B 229 -18.11 -14.91 42.79
C GLU B 229 -16.77 -14.25 42.48
N ARG B 230 -15.90 -14.97 41.77
CA ARG B 230 -14.62 -14.42 41.33
C ARG B 230 -14.14 -15.22 40.13
N ILE B 231 -13.38 -14.55 39.26
CA ILE B 231 -12.76 -15.19 38.12
C ILE B 231 -11.25 -14.95 38.19
N PHE B 232 -10.48 -15.99 37.90
CA PHE B 232 -9.05 -16.01 38.13
C PHE B 232 -8.39 -16.91 37.10
N PRO B 233 -7.13 -16.66 36.74
CA PRO B 233 -6.45 -17.51 35.77
C PRO B 233 -6.17 -18.88 36.36
N PRO B 234 -6.16 -19.93 35.52
CA PRO B 234 -5.93 -21.28 36.05
C PRO B 234 -4.46 -21.51 36.37
N GLU B 235 -4.22 -22.10 37.54
CA GLU B 235 -2.82 -22.32 37.95
C GLU B 235 -2.29 -23.56 37.28
N SER B 236 -1.34 -23.37 36.36
CA SER B 236 -0.68 -24.47 35.66
C SER B 236 0.82 -24.37 35.89
N ASN B 237 1.46 -25.53 35.97
CA ASN B 237 2.89 -25.57 36.25
C ASN B 237 3.59 -26.61 35.37
N VAL B 238 4.70 -26.19 34.76
CA VAL B 238 5.52 -27.11 33.97
C VAL B 238 6.69 -27.58 34.82
N GLU B 239 6.78 -28.90 35.04
CA GLU B 239 7.89 -29.48 35.79
C GLU B 239 8.65 -30.44 34.88
N LYS B 240 9.92 -30.14 34.65
CA LYS B 240 10.77 -31.05 33.89
C LYS B 240 11.43 -32.05 34.83
N THR B 241 11.05 -33.31 34.69
CA THR B 241 11.58 -34.37 35.53
C THR B 241 12.27 -35.40 34.65
N SER B 242 13.45 -35.83 35.08
CA SER B 242 14.23 -36.79 34.32
C SER B 242 14.29 -38.09 35.09
N PHE B 243 14.47 -39.19 34.36
CA PHE B 243 14.51 -40.50 34.96
C PHE B 243 15.56 -41.34 34.25
N GLU B 244 16.60 -41.72 35.00
CA GLU B 244 17.62 -42.62 34.48
C GLU B 244 17.73 -43.82 35.40
N GLY B 245 18.45 -44.84 34.92
CA GLY B 245 18.54 -46.11 35.59
C GLY B 245 17.62 -47.10 34.91
N ASP B 246 18.18 -47.93 34.04
CA ASP B 246 17.35 -48.72 33.14
C ASP B 246 16.97 -50.06 33.76
N GLY B 247 16.06 -50.74 33.10
CA GLY B 247 15.35 -51.88 33.67
C GLY B 247 13.90 -51.54 33.91
N LYS B 248 13.36 -52.10 35.01
CA LYS B 248 12.03 -51.68 35.42
C LYS B 248 12.08 -50.57 36.46
N VAL B 249 13.26 -49.94 36.63
CA VAL B 249 13.32 -48.74 37.46
C VAL B 249 12.64 -47.57 36.75
N LEU B 250 12.72 -47.53 35.42
CA LEU B 250 11.98 -46.54 34.66
C LEU B 250 10.53 -46.98 34.44
N ALA B 251 10.30 -48.30 34.37
CA ALA B 251 8.96 -48.81 34.12
C ALA B 251 8.06 -48.64 35.33
N LYS B 252 8.62 -48.63 36.55
CA LYS B 252 7.81 -48.30 37.70
C LYS B 252 7.54 -46.79 37.77
N ALA B 253 8.46 -45.98 37.25
CA ALA B 253 8.26 -44.54 37.22
C ALA B 253 7.28 -44.14 36.13
N LEU B 254 7.22 -44.91 35.03
CA LEU B 254 6.24 -44.61 33.98
C LEU B 254 4.86 -45.10 34.37
N LEU B 255 4.78 -46.25 35.06
CA LEU B 255 3.49 -46.71 35.56
C LEU B 255 3.04 -45.89 36.75
N GLY B 256 3.97 -45.32 37.51
CA GLY B 256 3.61 -44.42 38.59
C GLY B 256 3.05 -43.10 38.10
N ILE B 257 3.45 -42.67 36.91
CA ILE B 257 2.94 -41.43 36.34
C ILE B 257 1.62 -41.67 35.61
N LEU B 258 1.50 -42.79 34.89
CA LEU B 258 0.28 -43.09 34.14
C LEU B 258 -0.89 -43.44 35.07
N THR B 259 -0.60 -43.92 36.27
CA THR B 259 -1.68 -44.16 37.23
C THR B 259 -2.01 -42.89 38.01
N GLU B 260 -1.05 -41.98 38.18
CA GLU B 260 -1.35 -40.70 38.83
C GLU B 260 -2.20 -39.82 37.93
N LYS B 261 -2.07 -39.98 36.61
CA LYS B 261 -2.94 -39.29 35.67
C LYS B 261 -4.14 -40.13 35.25
N LYS B 262 -4.38 -41.25 35.95
CA LYS B 262 -5.57 -42.10 35.82
C LYS B 262 -5.72 -42.72 34.44
N TYR B 263 -4.60 -42.99 33.76
CA TYR B 263 -4.67 -43.75 32.52
C TYR B 263 -4.69 -45.25 32.79
N LEU B 264 -4.15 -45.67 33.95
CA LEU B 264 -4.10 -47.06 34.41
C LEU B 264 -3.34 -47.96 33.43
N GLY B 265 -2.14 -47.52 33.08
CA GLY B 265 -1.30 -48.24 32.13
C GLY B 265 0.17 -48.21 32.49
N MET C 1 36.43 -34.00 -12.45
CA MET C 1 37.85 -33.79 -12.65
C MET C 1 38.68 -34.52 -11.59
N ASN C 2 39.93 -34.10 -11.43
CA ASN C 2 40.84 -34.74 -10.48
C ASN C 2 40.64 -34.21 -9.06
N TYR C 3 39.49 -34.52 -8.47
CA TYR C 3 39.25 -34.18 -7.08
C TYR C 3 39.97 -35.17 -6.18
N LYS C 4 40.57 -34.65 -5.11
CA LYS C 4 41.24 -35.52 -4.15
C LYS C 4 40.23 -36.15 -3.20
N LYS C 5 40.29 -37.46 -3.07
CA LYS C 5 39.45 -38.15 -2.10
C LYS C 5 39.96 -37.88 -0.69
N VAL C 6 39.02 -37.75 0.25
CA VAL C 6 39.40 -37.44 1.62
C VAL C 6 39.99 -38.67 2.30
N GLU C 7 41.23 -38.56 2.73
CA GLU C 7 41.92 -39.65 3.40
C GLU C 7 41.97 -39.35 4.89
N ALA C 8 42.64 -40.26 5.63
CA ALA C 8 42.65 -40.15 7.09
C ALA C 8 43.52 -38.99 7.56
N SER C 9 44.49 -38.57 6.76
CA SER C 9 45.29 -37.40 7.13
C SER C 9 44.50 -36.11 6.97
N ASP C 10 43.48 -36.11 6.10
CA ASP C 10 42.62 -34.94 6.00
C ASP C 10 41.62 -34.86 7.13
N ILE C 11 41.24 -36.02 7.70
CA ILE C 11 40.38 -36.04 8.87
C ILE C 11 41.09 -35.44 10.08
N ALA C 12 42.39 -35.72 10.23
CA ALA C 12 43.14 -35.20 11.35
C ALA C 12 43.37 -33.70 11.22
N ALA C 13 43.65 -33.21 10.01
CA ALA C 13 43.89 -31.79 9.82
C ALA C 13 42.60 -30.97 9.92
N ILE C 14 41.46 -31.58 9.60
CA ILE C 14 40.18 -30.91 9.80
C ILE C 14 39.85 -30.84 11.29
N LYS C 15 40.17 -31.88 12.05
CA LYS C 15 39.84 -31.91 13.47
C LYS C 15 40.76 -31.03 14.30
N GLU C 16 41.81 -30.46 13.69
CA GLU C 16 42.54 -29.39 14.37
C GLU C 16 41.85 -28.05 14.16
N LEU C 17 41.20 -27.87 13.01
CA LEU C 17 40.49 -26.62 12.75
C LEU C 17 39.12 -26.59 13.43
N ILE C 18 38.38 -27.69 13.35
CA ILE C 18 37.05 -27.78 13.94
C ILE C 18 37.14 -28.71 15.15
N PRO C 19 36.47 -28.40 16.26
CA PRO C 19 36.35 -29.37 17.35
C PRO C 19 35.67 -30.65 16.89
N ALA C 20 36.09 -31.78 17.47
CA ALA C 20 35.73 -33.09 16.93
C ALA C 20 34.29 -33.48 17.24
N GLU C 21 33.58 -32.69 18.04
CA GLU C 21 32.17 -32.98 18.29
C GLU C 21 31.30 -32.61 17.11
N ARG C 22 31.82 -31.76 16.21
CA ARG C 22 31.06 -31.30 15.05
C ARG C 22 31.60 -31.83 13.74
N VAL C 23 32.46 -32.85 13.79
CA VAL C 23 32.95 -33.52 12.58
C VAL C 23 32.44 -34.95 12.56
N PHE C 24 31.84 -35.35 11.44
CA PHE C 24 31.24 -36.67 11.32
C PHE C 24 31.81 -37.37 10.09
N VAL C 25 32.41 -38.53 10.32
CA VAL C 25 33.08 -39.29 9.27
C VAL C 25 32.46 -40.69 9.20
N GLY C 26 32.16 -41.12 7.98
CA GLY C 26 31.80 -42.53 7.76
C GLY C 26 30.39 -42.85 8.19
N THR C 27 30.27 -43.76 9.16
CA THR C 27 28.95 -44.18 9.62
C THR C 27 28.34 -43.19 10.60
N GLU C 28 29.08 -42.18 11.03
CA GLU C 28 28.50 -41.13 11.85
C GLU C 28 27.62 -40.20 11.02
N ILE C 29 27.84 -40.15 9.71
CA ILE C 29 26.98 -39.39 8.82
C ILE C 29 25.69 -40.15 8.60
N GLY C 30 24.56 -39.54 8.98
CA GLY C 30 23.27 -40.16 8.83
C GLY C 30 22.81 -40.23 7.39
N GLU C 31 21.70 -40.95 7.19
CA GLU C 31 21.15 -41.11 5.85
C GLU C 31 20.44 -39.85 5.38
N ASP C 32 20.10 -38.95 6.30
CA ASP C 32 19.39 -37.73 5.93
C ASP C 32 20.29 -36.75 5.20
N PHE C 33 21.61 -36.85 5.40
CA PHE C 33 22.54 -35.96 4.74
C PHE C 33 22.98 -36.46 3.37
N SER C 34 22.45 -37.60 2.92
CA SER C 34 22.80 -38.13 1.61
C SER C 34 21.83 -37.71 0.52
N HIS C 35 20.76 -37.00 0.87
CA HIS C 35 19.77 -36.58 -0.11
C HIS C 35 19.05 -35.35 0.40
N ASP C 36 18.26 -34.75 -0.49
CA ASP C 36 17.27 -33.74 -0.14
C ASP C 36 15.91 -34.24 -0.61
N GLU C 37 14.92 -33.34 -0.62
CA GLU C 37 13.54 -33.74 -0.89
C GLU C 37 13.26 -34.09 -2.36
N LEU C 38 14.27 -34.03 -3.24
CA LEU C 38 14.10 -34.56 -4.58
C LEU C 38 13.95 -36.08 -4.56
N GLY C 39 14.83 -36.78 -3.85
CA GLY C 39 14.69 -38.21 -3.63
C GLY C 39 15.18 -39.10 -4.74
N SER C 40 15.58 -38.54 -5.89
CA SER C 40 16.07 -39.37 -6.98
C SER C 40 17.55 -39.65 -6.82
N ILE C 41 18.36 -38.61 -6.57
CA ILE C 41 19.79 -38.80 -6.43
C ILE C 41 20.15 -39.00 -4.96
N HIS C 42 21.15 -39.84 -4.73
N HIS C 42 21.19 -39.79 -4.72
CA HIS C 42 21.62 -40.15 -3.38
CA HIS C 42 21.61 -40.13 -3.38
C HIS C 42 23.14 -40.22 -3.41
C HIS C 42 23.13 -40.27 -3.36
N SER C 43 23.78 -39.45 -2.55
CA SER C 43 25.23 -39.42 -2.49
C SER C 43 25.73 -38.97 -1.12
N TYR C 44 26.64 -39.73 -0.54
CA TYR C 44 27.17 -39.43 0.78
C TYR C 44 28.40 -38.54 0.68
N PRO C 45 28.54 -37.56 1.57
CA PRO C 45 29.81 -36.85 1.69
C PRO C 45 30.81 -37.69 2.47
N GLU C 46 32.09 -37.37 2.32
CA GLU C 46 33.10 -38.08 3.10
C GLU C 46 33.27 -37.48 4.48
N VAL C 47 33.16 -36.15 4.61
CA VAL C 47 33.19 -35.48 5.90
C VAL C 47 31.94 -34.64 6.05
N LEU C 48 31.26 -34.75 7.19
CA LEU C 48 30.22 -33.81 7.53
C LEU C 48 30.69 -32.90 8.65
N ILE C 49 30.67 -31.59 8.39
CA ILE C 49 31.16 -30.59 9.32
C ILE C 49 30.02 -29.64 9.66
N LYS C 50 29.64 -29.59 10.93
CA LYS C 50 28.71 -28.57 11.38
C LYS C 50 29.46 -27.34 11.86
N VAL C 51 29.39 -26.28 11.06
CA VAL C 51 30.15 -25.06 11.31
C VAL C 51 29.37 -24.17 12.26
N THR C 52 30.09 -23.29 12.95
CA THR C 52 29.48 -22.39 13.94
C THR C 52 29.85 -20.93 13.74
N SER C 53 30.82 -20.63 12.87
CA SER C 53 31.26 -19.25 12.72
C SER C 53 31.74 -19.01 11.30
N THR C 54 31.92 -17.74 10.96
CA THR C 54 32.44 -17.37 9.65
C THR C 54 33.90 -17.79 9.50
N GLU C 55 34.70 -17.60 10.54
CA GLU C 55 36.12 -17.94 10.46
C GLU C 55 36.35 -19.45 10.48
N GLU C 56 35.38 -20.22 10.98
CA GLU C 56 35.47 -21.67 10.85
C GLU C 56 35.19 -22.12 9.41
N VAL C 57 34.29 -21.43 8.72
CA VAL C 57 34.02 -21.73 7.32
C VAL C 57 35.22 -21.37 6.45
N SER C 58 35.85 -20.22 6.74
CA SER C 58 37.00 -19.77 5.95
C SER C 58 38.22 -20.65 6.17
N LYS C 59 38.34 -21.28 7.34
CA LYS C 59 39.43 -22.22 7.55
C LYS C 59 39.22 -23.51 6.77
N ILE C 60 37.97 -23.94 6.62
CA ILE C 60 37.67 -25.15 5.85
C ILE C 60 37.84 -24.89 4.36
N MET C 61 37.37 -23.72 3.88
CA MET C 61 37.51 -23.40 2.47
C MET C 61 38.98 -23.13 2.09
N LYS C 62 39.80 -22.70 3.05
CA LYS C 62 41.22 -22.59 2.78
C LYS C 62 41.88 -23.96 2.69
N TYR C 63 41.40 -24.93 3.48
CA TYR C 63 41.98 -26.28 3.44
C TYR C 63 41.56 -27.03 2.18
N ALA C 64 40.30 -26.92 1.79
CA ALA C 64 39.82 -27.64 0.62
C ALA C 64 40.33 -27.03 -0.68
N TYR C 65 40.70 -25.76 -0.66
CA TYR C 65 41.26 -25.13 -1.86
C TYR C 65 42.66 -25.63 -2.15
N GLU C 66 43.50 -25.73 -1.13
CA GLU C 66 44.88 -26.15 -1.35
C GLU C 66 45.01 -27.66 -1.49
N HIS C 67 43.96 -28.41 -1.14
CA HIS C 67 44.00 -29.86 -1.23
C HIS C 67 43.03 -30.42 -2.26
N ASN C 68 42.32 -29.55 -3.00
CA ASN C 68 41.46 -29.92 -4.13
C ASN C 68 40.33 -30.85 -3.71
N ILE C 69 39.59 -30.47 -2.69
CA ILE C 69 38.49 -31.28 -2.17
C ILE C 69 37.19 -30.52 -2.43
N PRO C 70 36.18 -31.13 -3.03
CA PRO C 70 34.93 -30.41 -3.29
C PRO C 70 34.12 -30.17 -2.02
N VAL C 71 33.39 -29.05 -2.02
CA VAL C 71 32.62 -28.62 -0.86
C VAL C 71 31.17 -28.38 -1.29
N VAL C 72 30.24 -28.95 -0.55
CA VAL C 72 28.82 -28.73 -0.75
C VAL C 72 28.23 -28.18 0.55
N VAL C 73 27.60 -27.01 0.49
CA VAL C 73 26.99 -26.45 1.68
C VAL C 73 25.56 -26.97 1.78
N ARG C 74 25.09 -27.22 3.00
CA ARG C 74 23.76 -27.76 3.21
C ARG C 74 23.03 -26.96 4.29
N GLY C 75 21.78 -26.64 4.03
CA GLY C 75 20.92 -26.01 5.03
C GLY C 75 20.10 -27.05 5.76
N SER C 76 18.79 -27.06 5.52
CA SER C 76 17.92 -28.07 6.12
C SER C 76 17.74 -29.29 5.24
N GLY C 77 18.36 -29.34 4.06
CA GLY C 77 18.12 -30.40 3.11
C GLY C 77 16.73 -30.42 2.54
N THR C 78 16.11 -29.26 2.38
CA THR C 78 14.70 -29.15 2.06
C THR C 78 14.48 -28.92 0.57
N GLY C 79 15.49 -28.43 -0.14
CA GLY C 79 15.34 -28.05 -1.53
C GLY C 79 15.04 -29.25 -2.43
N LEU C 80 14.38 -28.97 -3.55
CA LEU C 80 13.63 -30.00 -4.28
C LEU C 80 14.29 -30.42 -5.58
N VAL C 81 15.48 -29.94 -5.90
CA VAL C 81 16.08 -30.16 -7.20
C VAL C 81 17.45 -30.83 -7.10
N GLY C 82 17.79 -31.37 -5.94
CA GLY C 82 19.08 -32.01 -5.78
C GLY C 82 20.26 -31.07 -5.69
N ALA C 83 20.06 -29.86 -5.14
CA ALA C 83 21.10 -28.85 -5.21
C ALA C 83 22.14 -29.03 -4.12
N CYS C 84 21.76 -29.61 -2.97
CA CYS C 84 22.70 -29.79 -1.88
C CYS C 84 23.24 -31.22 -1.78
N VAL C 85 23.16 -31.99 -2.86
CA VAL C 85 23.62 -33.38 -2.82
C VAL C 85 25.09 -33.44 -3.23
N PRO C 86 25.97 -34.01 -2.41
CA PRO C 86 27.41 -34.05 -2.76
C PRO C 86 27.75 -35.17 -3.73
N LEU C 87 27.62 -34.89 -5.03
CA LEU C 87 27.79 -35.90 -6.07
C LEU C 87 29.19 -36.49 -6.10
N PHE C 88 30.21 -35.70 -5.73
CA PHE C 88 31.58 -36.17 -5.72
C PHE C 88 32.06 -36.53 -4.33
N GLY C 89 31.27 -36.23 -3.29
CA GLY C 89 31.54 -36.72 -1.96
C GLY C 89 32.75 -36.14 -1.26
N GLY C 90 32.80 -34.83 -1.07
CA GLY C 90 33.89 -34.20 -0.35
C GLY C 90 33.46 -33.70 1.02
N ILE C 91 33.75 -32.42 1.26
CA ILE C 91 33.32 -31.78 2.49
C ILE C 91 31.87 -31.36 2.36
N MET C 92 31.08 -31.62 3.41
CA MET C 92 29.72 -31.07 3.49
C MET C 92 29.67 -30.12 4.67
N LEU C 93 29.52 -28.83 4.38
CA LEU C 93 29.28 -27.85 5.43
C LEU C 93 27.80 -27.78 5.75
N GLU C 94 27.48 -27.89 7.04
CA GLU C 94 26.10 -27.98 7.51
C GLU C 94 25.88 -26.84 8.48
N THR C 95 24.92 -25.97 8.18
CA THR C 95 24.84 -24.69 8.86
C THR C 95 23.73 -24.59 9.90
N THR C 96 23.09 -25.70 10.28
CA THR C 96 21.93 -25.58 11.17
C THR C 96 22.32 -25.31 12.62
N LEU C 97 23.62 -25.28 12.94
CA LEU C 97 24.03 -24.89 14.28
C LEU C 97 24.22 -23.37 14.39
N MET C 98 24.31 -22.68 13.26
CA MET C 98 24.35 -21.22 13.26
C MET C 98 22.93 -20.66 13.14
N ASN C 99 22.16 -20.87 14.21
CA ASN C 99 20.77 -20.42 14.24
C ASN C 99 20.56 -19.21 15.13
N ASN C 100 21.55 -18.31 15.20
CA ASN C 100 21.41 -17.14 16.05
C ASN C 100 20.97 -15.92 15.25
N ILE C 101 19.98 -15.21 15.78
CA ILE C 101 19.56 -13.92 15.23
C ILE C 101 20.45 -12.87 15.91
N LEU C 102 21.34 -12.26 15.13
CA LEU C 102 22.42 -11.48 15.71
C LEU C 102 21.97 -10.09 16.15
N GLU C 103 21.15 -9.42 15.36
CA GLU C 103 20.80 -8.04 15.65
C GLU C 103 19.46 -7.71 15.00
N LEU C 104 18.62 -7.01 15.75
CA LEU C 104 17.39 -6.44 15.22
C LEU C 104 17.50 -4.92 15.27
N ASP C 105 17.70 -4.31 14.10
CA ASP C 105 17.80 -2.85 13.99
C ASP C 105 16.39 -2.32 13.76
N THR C 106 15.83 -1.68 14.79
CA THR C 106 14.48 -1.13 14.66
C THR C 106 14.50 0.26 14.04
N GLU C 107 15.68 0.87 13.92
CA GLU C 107 15.78 2.16 13.25
C GLU C 107 15.82 2.00 11.74
N ASN C 108 16.64 1.07 11.25
CA ASN C 108 16.76 0.82 9.82
C ASN C 108 15.76 -0.21 9.31
N LEU C 109 14.99 -0.82 10.22
CA LEU C 109 14.08 -1.94 9.94
C LEU C 109 14.80 -3.10 9.25
N THR C 110 15.95 -3.48 9.78
CA THR C 110 16.69 -4.62 9.30
C THR C 110 16.90 -5.63 10.43
N VAL C 111 17.21 -6.86 10.03
CA VAL C 111 17.54 -7.92 10.97
C VAL C 111 18.78 -8.63 10.44
N THR C 112 19.73 -8.90 11.32
CA THR C 112 20.94 -9.62 10.92
C THR C 112 20.88 -11.05 11.45
N VAL C 113 20.98 -12.01 10.52
CA VAL C 113 20.76 -13.41 10.85
C VAL C 113 21.98 -14.21 10.47
N GLU C 114 22.13 -15.36 11.13
CA GLU C 114 23.16 -16.31 10.75
C GLU C 114 22.58 -17.34 9.78
N PRO C 115 23.40 -17.96 8.93
CA PRO C 115 22.88 -19.00 8.04
C PRO C 115 22.51 -20.25 8.83
N GLY C 116 21.24 -20.61 8.78
CA GLY C 116 20.74 -21.64 9.65
C GLY C 116 19.66 -21.19 10.59
N VAL C 117 19.43 -19.87 10.69
CA VAL C 117 18.19 -19.38 11.28
C VAL C 117 17.03 -19.87 10.43
N LEU C 118 16.11 -20.58 11.06
CA LEU C 118 15.00 -21.15 10.32
C LEU C 118 13.98 -20.07 9.98
N LEU C 119 13.20 -20.32 8.94
CA LEU C 119 12.19 -19.36 8.52
C LEU C 119 11.04 -19.29 9.51
N MET C 120 10.74 -20.40 10.20
CA MET C 120 9.66 -20.39 11.16
C MET C 120 10.03 -19.64 12.44
N GLU C 121 11.32 -19.47 12.71
CA GLU C 121 11.75 -18.79 13.93
C GLU C 121 12.22 -17.37 13.67
N LEU C 122 12.55 -17.02 12.42
CA LEU C 122 12.78 -15.62 12.09
C LEU C 122 11.45 -14.87 12.02
N SER C 123 10.46 -15.45 11.33
CA SER C 123 9.16 -14.80 11.19
C SER C 123 8.40 -14.76 12.51
N LYS C 124 8.68 -15.70 13.42
CA LYS C 124 8.12 -15.60 14.76
C LYS C 124 8.79 -14.51 15.57
N PHE C 125 10.10 -14.31 15.38
CA PHE C 125 10.86 -13.33 16.14
C PHE C 125 10.51 -11.90 15.73
N VAL C 126 10.39 -11.64 14.43
CA VAL C 126 10.16 -10.28 13.99
C VAL C 126 8.70 -9.88 14.21
N GLU C 127 7.77 -10.84 14.26
CA GLU C 127 6.37 -10.49 14.47
C GLU C 127 6.07 -10.28 15.95
N GLU C 128 6.98 -10.71 16.83
CA GLU C 128 6.86 -10.32 18.24
C GLU C 128 7.26 -8.87 18.45
N ASN C 129 8.06 -8.33 17.54
CA ASN C 129 8.47 -6.93 17.57
C ASN C 129 7.69 -6.05 16.62
N ASP C 130 6.52 -6.54 16.16
CA ASP C 130 5.60 -5.84 15.25
C ASP C 130 6.29 -5.50 13.93
N LEU C 131 7.09 -6.45 13.44
CA LEU C 131 7.74 -6.32 12.14
C LEU C 131 7.36 -7.54 11.30
N PHE C 132 7.83 -7.55 10.06
CA PHE C 132 7.28 -8.45 9.05
C PHE C 132 8.36 -8.83 8.05
N TYR C 133 8.59 -10.14 7.88
CA TYR C 133 9.43 -10.67 6.83
C TYR C 133 8.51 -11.23 5.75
N PRO C 134 8.38 -10.54 4.63
CA PRO C 134 7.33 -10.86 3.65
C PRO C 134 7.50 -12.15 2.86
N PRO C 135 8.71 -12.61 2.46
CA PRO C 135 8.76 -13.87 1.69
C PRO C 135 8.33 -15.09 2.50
N ASP C 136 7.40 -15.86 1.95
CA ASP C 136 6.84 -17.04 2.60
C ASP C 136 6.91 -18.26 1.68
N PRO C 137 8.04 -18.96 1.64
CA PRO C 137 8.06 -20.29 1.04
C PRO C 137 7.20 -21.26 1.84
N GLY C 138 6.71 -22.29 1.16
CA GLY C 138 5.77 -23.24 1.72
C GLY C 138 6.29 -24.07 2.87
N GLU C 139 7.59 -24.32 2.93
CA GLU C 139 8.20 -25.04 4.04
C GLU C 139 8.88 -24.02 4.96
N LYS C 140 8.49 -24.03 6.23
CA LYS C 140 9.01 -23.06 7.18
C LYS C 140 10.25 -23.54 7.91
N SER C 141 10.64 -24.81 7.74
CA SER C 141 11.85 -25.31 8.37
C SER C 141 13.10 -25.07 7.53
N ALA C 142 12.97 -24.33 6.43
CA ALA C 142 14.12 -24.00 5.62
C ALA C 142 14.97 -22.93 6.30
N THR C 143 16.27 -22.98 6.07
CA THR C 143 17.15 -21.94 6.59
C THR C 143 17.03 -20.69 5.73
N ILE C 144 17.49 -19.56 6.27
CA ILE C 144 17.38 -18.30 5.56
C ILE C 144 18.36 -18.24 4.40
N ALA C 145 19.59 -18.70 4.60
CA ALA C 145 20.57 -18.71 3.52
C ALA C 145 20.24 -19.77 2.47
N GLY C 146 19.45 -20.78 2.84
CA GLY C 146 18.88 -21.65 1.82
C GLY C 146 17.83 -20.97 0.98
N ASN C 147 17.06 -20.06 1.58
CA ASN C 147 16.10 -19.27 0.82
C ASN C 147 16.79 -18.23 -0.05
N ILE C 148 17.92 -17.69 0.40
CA ILE C 148 18.67 -16.73 -0.39
C ILE C 148 19.36 -17.41 -1.56
N SER C 149 19.93 -18.59 -1.33
CA SER C 149 20.67 -19.29 -2.38
C SER C 149 19.75 -19.86 -3.45
N THR C 150 18.48 -20.10 -3.12
CA THR C 150 17.54 -20.60 -4.12
C THR C 150 16.61 -19.53 -4.66
N ASN C 151 16.70 -18.31 -4.14
CA ASN C 151 15.76 -17.21 -4.40
C ASN C 151 14.32 -17.67 -4.16
N ALA C 152 14.06 -18.10 -2.94
CA ALA C 152 12.81 -18.76 -2.63
C ALA C 152 11.68 -17.75 -2.50
N GLY C 153 10.59 -18.00 -3.22
CA GLY C 153 9.42 -17.15 -3.18
C GLY C 153 8.19 -17.99 -2.90
N GLY C 154 7.09 -17.31 -2.65
CA GLY C 154 5.90 -18.01 -2.25
C GLY C 154 4.62 -17.28 -2.58
N MET C 155 3.73 -17.27 -1.59
CA MET C 155 2.35 -16.84 -1.81
C MET C 155 2.25 -15.31 -1.92
N ARG C 156 3.06 -14.57 -1.17
CA ARG C 156 2.96 -13.12 -1.11
C ARG C 156 3.74 -12.41 -2.21
N ALA C 157 4.14 -13.10 -3.28
CA ALA C 157 5.01 -12.49 -4.27
C ALA C 157 4.26 -11.54 -5.19
N VAL C 158 2.93 -11.60 -5.20
CA VAL C 158 2.16 -10.69 -6.05
C VAL C 158 2.16 -9.29 -5.47
N LYS C 159 2.26 -9.16 -4.14
CA LYS C 159 2.27 -7.86 -3.49
C LYS C 159 3.67 -7.49 -3.01
N TYR C 160 4.39 -8.46 -2.45
CA TYR C 160 5.62 -8.16 -1.74
C TYR C 160 6.88 -8.60 -2.48
N GLY C 161 6.80 -9.63 -3.30
CA GLY C 161 7.98 -10.13 -3.99
C GLY C 161 8.57 -11.37 -3.35
N VAL C 162 9.85 -11.56 -3.64
CA VAL C 162 10.56 -12.78 -3.26
C VAL C 162 11.74 -12.43 -2.37
N THR C 163 12.57 -13.43 -2.04
CA THR C 163 13.69 -13.26 -1.13
C THR C 163 14.72 -12.26 -1.65
N ARG C 164 14.85 -12.14 -2.97
CA ARG C 164 15.80 -11.20 -3.58
C ARG C 164 15.49 -9.75 -3.25
N ASP C 165 14.21 -9.42 -3.07
CA ASP C 165 13.83 -8.03 -2.80
C ASP C 165 14.09 -7.62 -1.36
N TYR C 166 14.49 -8.56 -0.50
CA TYR C 166 14.65 -8.29 0.92
C TYR C 166 16.02 -8.67 1.46
N VAL C 167 17.00 -8.92 0.60
CA VAL C 167 18.38 -9.16 1.04
C VAL C 167 19.10 -7.83 0.95
N ARG C 168 19.48 -7.28 2.11
CA ARG C 168 20.19 -6.01 2.12
C ARG C 168 21.69 -6.20 2.02
N GLY C 169 22.24 -7.17 2.74
CA GLY C 169 23.68 -7.40 2.71
C GLY C 169 23.98 -8.85 2.98
N LEU C 170 25.17 -9.26 2.55
CA LEU C 170 25.62 -10.63 2.75
C LEU C 170 27.10 -10.61 3.09
N THR C 171 27.49 -11.48 4.02
CA THR C 171 28.89 -11.81 4.24
C THR C 171 29.14 -13.20 3.71
N VAL C 172 29.95 -13.30 2.65
CA VAL C 172 30.17 -14.55 1.96
C VAL C 172 31.64 -14.96 2.11
N VAL C 173 31.88 -16.25 1.97
CA VAL C 173 33.22 -16.82 1.98
C VAL C 173 33.44 -17.49 0.64
N LEU C 174 34.48 -17.06 -0.07
CA LEU C 174 34.77 -17.63 -1.38
C LEU C 174 35.43 -18.99 -1.25
N ALA C 175 35.74 -19.59 -2.40
CA ALA C 175 36.30 -20.94 -2.42
C ALA C 175 37.73 -20.98 -1.92
N ASN C 176 38.46 -19.87 -1.98
CA ASN C 176 39.82 -19.83 -1.46
C ASN C 176 39.87 -19.38 -0.01
N GLY C 177 38.73 -19.10 0.62
CA GLY C 177 38.69 -18.70 2.01
C GLY C 177 38.58 -17.21 2.26
N GLU C 178 38.45 -16.40 1.21
CA GLU C 178 38.37 -14.96 1.39
C GLU C 178 36.98 -14.55 1.86
N ILE C 179 36.93 -13.69 2.87
CA ILE C 179 35.66 -13.21 3.42
C ILE C 179 35.30 -11.89 2.75
N ILE C 180 34.11 -11.84 2.17
CA ILE C 180 33.65 -10.68 1.42
C ILE C 180 32.34 -10.17 1.99
N GLU C 181 32.28 -8.88 2.33
CA GLU C 181 31.02 -8.24 2.66
C GLU C 181 30.45 -7.58 1.41
N LEU C 182 29.17 -7.84 1.14
CA LEU C 182 28.58 -7.50 -0.15
C LEU C 182 27.66 -6.29 -0.12
N GLY C 183 26.78 -6.17 0.86
CA GLY C 183 25.88 -5.04 0.90
C GLY C 183 26.02 -4.18 2.14
N GLY C 184 25.00 -4.16 2.97
CA GLY C 184 25.03 -3.37 4.19
C GLY C 184 23.62 -3.07 4.64
N LYS C 185 23.53 -2.13 5.59
CA LYS C 185 22.24 -1.65 6.06
C LYS C 185 21.71 -0.48 5.24
N ILE C 186 22.35 -0.18 4.11
CA ILE C 186 21.91 0.89 3.24
C ILE C 186 20.67 0.47 2.47
N VAL C 187 20.02 1.45 1.83
CA VAL C 187 18.86 1.14 1.02
C VAL C 187 19.20 1.22 -0.47
N LYS C 188 19.86 2.29 -0.88
CA LYS C 188 20.24 2.50 -2.28
C LYS C 188 21.65 1.99 -2.53
N ASN C 189 21.85 1.39 -3.70
CA ASN C 189 23.14 0.80 -4.05
C ASN C 189 23.38 0.98 -5.55
N SER C 190 24.40 1.77 -5.88
CA SER C 190 24.85 1.90 -7.25
C SER C 190 26.37 1.91 -7.32
N SER C 191 27.02 1.11 -6.48
CA SER C 191 28.48 1.12 -6.35
C SER C 191 29.02 -0.21 -6.88
N GLY C 192 29.36 -0.24 -8.16
CA GLY C 192 29.95 -1.41 -8.75
C GLY C 192 28.93 -2.41 -9.24
N TYR C 193 29.43 -3.59 -9.60
CA TYR C 193 28.56 -4.69 -10.01
C TYR C 193 27.87 -5.26 -8.79
N SER C 194 26.58 -5.62 -8.97
CA SER C 194 25.81 -6.22 -7.88
C SER C 194 26.23 -7.67 -7.74
N LEU C 195 27.30 -7.88 -6.97
CA LEU C 195 27.74 -9.23 -6.66
C LEU C 195 26.79 -9.92 -5.70
N LYS C 196 26.08 -9.12 -4.88
CA LYS C 196 25.06 -9.66 -3.98
C LYS C 196 23.91 -10.30 -4.75
N ASP C 197 23.55 -9.74 -5.89
CA ASP C 197 22.46 -10.27 -6.69
C ASP C 197 22.87 -11.49 -7.52
N LEU C 198 24.16 -11.79 -7.62
CA LEU C 198 24.59 -13.06 -8.20
C LEU C 198 24.49 -14.19 -7.19
N VAL C 199 24.76 -13.88 -5.92
CA VAL C 199 24.72 -14.90 -4.87
C VAL C 199 23.27 -15.33 -4.61
N ILE C 200 22.34 -14.39 -4.72
CA ILE C 200 20.91 -14.71 -4.60
C ILE C 200 20.49 -15.51 -5.84
N GLY C 201 20.23 -16.80 -5.65
CA GLY C 201 19.87 -17.67 -6.74
C GLY C 201 20.98 -18.55 -7.25
N SER C 202 22.17 -18.50 -6.65
CA SER C 202 23.32 -19.25 -7.14
C SER C 202 23.38 -20.68 -6.64
N GLU C 203 22.62 -21.02 -5.59
CA GLU C 203 22.46 -22.37 -5.06
C GLU C 203 23.79 -22.97 -4.58
N GLY C 204 24.57 -22.16 -3.87
CA GLY C 204 25.81 -22.60 -3.26
C GLY C 204 26.94 -22.91 -4.23
N THR C 205 26.86 -22.43 -5.47
CA THR C 205 27.88 -22.73 -6.46
C THR C 205 28.95 -21.65 -6.56
N LEU C 206 28.77 -20.52 -5.89
CA LEU C 206 29.71 -19.41 -5.95
C LEU C 206 30.45 -19.16 -4.65
N CYS C 207 29.75 -19.19 -3.51
CA CYS C 207 30.34 -18.85 -2.22
C CYS C 207 29.49 -19.41 -1.10
N VAL C 208 30.00 -19.26 0.12
CA VAL C 208 29.27 -19.71 1.30
C VAL C 208 28.78 -18.49 2.09
N ILE C 209 27.46 -18.33 2.15
CA ILE C 209 26.85 -17.23 2.88
C ILE C 209 27.02 -17.51 4.37
N THR C 210 27.65 -16.56 5.08
CA THR C 210 27.90 -16.70 6.50
C THR C 210 27.25 -15.63 7.35
N LYS C 211 26.55 -14.68 6.73
CA LYS C 211 25.74 -13.68 7.43
C LYS C 211 24.81 -13.04 6.41
N ALA C 212 23.63 -12.64 6.87
CA ALA C 212 22.66 -11.99 6.00
C ALA C 212 21.99 -10.85 6.76
N ILE C 213 21.72 -9.77 6.03
CA ILE C 213 20.99 -8.62 6.56
C ILE C 213 19.69 -8.54 5.77
N LEU C 214 18.57 -8.68 6.46
CA LEU C 214 17.28 -8.77 5.77
C LEU C 214 16.42 -7.54 6.03
N LYS C 215 15.80 -7.05 4.97
CA LYS C 215 14.90 -5.90 5.08
C LYS C 215 13.54 -6.35 5.62
N LEU C 216 13.03 -5.60 6.59
CA LEU C 216 11.74 -5.89 7.20
C LEU C 216 10.76 -4.76 6.91
N LEU C 217 9.49 -5.10 7.03
CA LEU C 217 8.38 -4.17 6.88
C LEU C 217 7.61 -4.08 8.18
N PRO C 218 6.86 -2.99 8.40
CA PRO C 218 5.91 -2.99 9.52
C PRO C 218 4.80 -4.00 9.31
N LEU C 219 4.45 -4.71 10.38
CA LEU C 219 3.55 -5.84 10.30
C LEU C 219 2.11 -5.36 10.15
N PRO C 220 1.38 -5.82 9.14
CA PRO C 220 -0.05 -5.46 9.04
C PRO C 220 -0.86 -6.17 10.11
N LYS C 221 -1.79 -5.44 10.72
CA LYS C 221 -2.55 -5.97 11.84
C LYS C 221 -3.60 -6.98 11.39
N MET C 222 -4.45 -6.61 10.44
CA MET C 222 -5.60 -7.42 10.07
C MET C 222 -5.40 -8.08 8.71
N THR C 223 -6.24 -9.09 8.46
CA THR C 223 -6.14 -9.92 7.28
C THR C 223 -7.51 -10.50 6.99
N LEU C 224 -7.94 -10.43 5.73
CA LEU C 224 -9.24 -10.97 5.33
C LEU C 224 -9.09 -11.61 3.96
N SER C 225 -9.76 -12.75 3.78
CA SER C 225 -9.63 -13.57 2.58
C SER C 225 -10.94 -13.63 1.82
N LEU C 226 -10.85 -13.88 0.51
CA LEU C 226 -12.02 -14.03 -0.35
C LEU C 226 -11.94 -15.32 -1.14
N LEU C 227 -13.08 -15.98 -1.26
CA LEU C 227 -13.24 -17.19 -2.05
C LEU C 227 -14.23 -16.90 -3.17
N ILE C 228 -13.75 -16.92 -4.40
CA ILE C 228 -14.56 -16.53 -5.56
C ILE C 228 -14.66 -17.73 -6.49
N PRO C 229 -15.83 -18.37 -6.57
CA PRO C 229 -16.03 -19.46 -7.53
C PRO C 229 -16.14 -18.96 -8.96
N PHE C 230 -15.68 -19.79 -9.89
CA PHE C 230 -15.78 -19.52 -11.31
C PHE C 230 -16.24 -20.77 -12.05
N GLU C 231 -16.59 -20.60 -13.32
CA GLU C 231 -17.05 -21.73 -14.11
C GLU C 231 -15.89 -22.61 -14.57
N ASN C 232 -14.77 -22.00 -14.95
CA ASN C 232 -13.60 -22.75 -15.39
C ASN C 232 -12.36 -21.95 -15.06
N ILE C 233 -11.20 -22.53 -15.38
CA ILE C 233 -9.93 -21.92 -15.00
C ILE C 233 -9.59 -20.76 -15.92
N SER C 234 -10.25 -20.67 -17.08
CA SER C 234 -10.03 -19.53 -17.97
C SER C 234 -10.69 -18.27 -17.44
N ASP C 235 -11.87 -18.40 -16.84
CA ASP C 235 -12.50 -17.25 -16.21
C ASP C 235 -11.80 -16.87 -14.92
N ALA C 236 -11.22 -17.84 -14.22
CA ALA C 236 -10.56 -17.59 -12.95
C ALA C 236 -9.22 -16.89 -13.13
N ALA C 237 -8.45 -17.29 -14.14
CA ALA C 237 -7.15 -16.65 -14.37
C ALA C 237 -7.30 -15.28 -15.02
N GLY C 238 -8.42 -15.05 -15.73
CA GLY C 238 -8.62 -13.80 -16.44
C GLY C 238 -9.02 -12.62 -15.58
N ILE C 239 -9.44 -12.85 -14.34
CA ILE C 239 -9.89 -11.76 -13.48
C ILE C 239 -8.70 -11.07 -12.83
N VAL C 240 -7.53 -11.71 -12.87
CA VAL C 240 -6.37 -11.22 -12.12
C VAL C 240 -5.80 -9.89 -12.65
N PRO C 241 -5.73 -9.63 -13.98
CA PRO C 241 -5.40 -8.26 -14.39
C PRO C 241 -6.44 -7.21 -14.02
N LYS C 242 -7.73 -7.56 -13.98
CA LYS C 242 -8.74 -6.59 -13.59
C LYS C 242 -8.72 -6.33 -12.09
N ILE C 243 -8.25 -7.30 -11.29
CA ILE C 243 -8.16 -7.10 -9.85
C ILE C 243 -7.03 -6.14 -9.51
N ILE C 244 -5.87 -6.34 -10.14
CA ILE C 244 -4.68 -5.55 -9.84
C ILE C 244 -4.84 -4.11 -10.35
N LYS C 245 -5.46 -3.93 -11.52
CA LYS C 245 -5.69 -2.60 -12.08
C LYS C 245 -6.76 -1.81 -11.34
N SER C 246 -7.50 -2.43 -10.42
CA SER C 246 -8.45 -1.72 -9.58
C SER C 246 -7.81 -1.13 -8.32
N LYS C 247 -6.48 -1.17 -8.23
CA LYS C 247 -5.64 -0.58 -7.18
C LYS C 247 -5.83 -1.21 -5.80
N ALA C 248 -6.61 -2.28 -5.69
CA ALA C 248 -6.73 -3.04 -4.44
C ALA C 248 -5.90 -4.31 -4.60
N ILE C 249 -4.63 -4.21 -4.27
CA ILE C 249 -3.67 -5.29 -4.52
C ILE C 249 -3.85 -6.34 -3.44
N PRO C 250 -4.14 -7.60 -3.79
CA PRO C 250 -4.23 -8.64 -2.76
C PRO C 250 -2.86 -9.10 -2.32
N THR C 251 -2.81 -9.64 -1.10
CA THR C 251 -1.56 -10.21 -0.60
C THR C 251 -1.26 -11.54 -1.28
N ALA C 252 -2.27 -12.35 -1.53
CA ALA C 252 -2.09 -13.64 -2.18
C ALA C 252 -3.23 -13.86 -3.16
N ILE C 253 -2.89 -14.39 -4.34
CA ILE C 253 -3.88 -14.77 -5.34
C ILE C 253 -3.65 -16.22 -5.73
N GLU C 254 -4.53 -17.11 -5.30
CA GLU C 254 -4.36 -18.54 -5.53
C GLU C 254 -5.48 -19.06 -6.41
N PHE C 255 -5.12 -19.84 -7.43
CA PHE C 255 -6.14 -20.59 -8.14
C PHE C 255 -6.10 -22.04 -7.72
N MET C 256 -7.28 -22.65 -7.59
CA MET C 256 -7.39 -24.06 -7.27
C MET C 256 -8.58 -24.62 -8.03
N GLU C 257 -8.36 -25.73 -8.73
CA GLU C 257 -9.45 -26.39 -9.41
C GLU C 257 -10.10 -27.42 -8.49
N ARG C 258 -11.21 -27.99 -8.94
CA ARG C 258 -12.01 -28.86 -8.08
C ARG C 258 -11.31 -30.19 -7.82
N GLN C 259 -10.59 -30.72 -8.81
CA GLN C 259 -9.95 -32.02 -8.66
C GLN C 259 -8.77 -31.97 -7.70
N THR C 260 -8.17 -30.81 -7.51
CA THR C 260 -7.12 -30.67 -6.49
C THR C 260 -7.74 -30.51 -5.11
N ILE C 261 -8.92 -29.89 -5.03
CA ILE C 261 -9.61 -29.72 -3.75
C ILE C 261 -10.13 -31.06 -3.22
N LEU C 262 -10.54 -31.95 -4.13
CA LEU C 262 -11.04 -33.27 -3.73
C LEU C 262 -9.94 -34.14 -3.13
N PHE C 263 -8.68 -33.87 -3.47
CA PHE C 263 -7.57 -34.55 -2.81
C PHE C 263 -7.45 -34.09 -1.36
N ALA C 264 -7.57 -32.77 -1.13
CA ALA C 264 -7.38 -32.24 0.22
C ALA C 264 -8.57 -32.56 1.12
N GLU C 265 -9.74 -32.82 0.54
CA GLU C 265 -10.88 -33.24 1.35
C GLU C 265 -10.70 -34.66 1.87
N ASP C 266 -10.14 -35.55 1.05
CA ASP C 266 -9.90 -36.91 1.50
C ASP C 266 -8.73 -36.99 2.46
N PHE C 267 -7.77 -36.09 2.33
CA PHE C 267 -6.61 -36.08 3.23
C PHE C 267 -6.97 -35.51 4.59
N LEU C 268 -7.59 -34.33 4.62
CA LEU C 268 -7.95 -33.69 5.88
C LEU C 268 -9.17 -34.32 6.54
N GLY C 269 -10.02 -35.02 5.79
CA GLY C 269 -11.24 -35.57 6.34
C GLY C 269 -12.37 -34.59 6.46
N LYS C 270 -12.22 -33.38 5.94
CA LYS C 270 -13.20 -32.31 6.04
C LYS C 270 -13.54 -31.84 4.63
N LYS C 271 -14.81 -31.53 4.40
CA LYS C 271 -15.21 -30.97 3.12
C LYS C 271 -14.80 -29.51 3.01
N PHE C 272 -14.61 -29.07 1.78
CA PHE C 272 -14.38 -27.66 1.50
C PHE C 272 -15.70 -26.91 1.70
N PRO C 273 -15.66 -25.63 2.11
CA PRO C 273 -16.90 -24.91 2.43
C PRO C 273 -17.88 -24.75 1.27
N ASP C 274 -17.39 -24.70 0.03
CA ASP C 274 -18.25 -24.72 -1.15
C ASP C 274 -17.47 -25.28 -2.33
N SER C 275 -17.88 -26.44 -2.82
CA SER C 275 -17.25 -27.03 -3.99
C SER C 275 -18.34 -27.37 -5.02
N SER C 276 -19.23 -26.41 -5.24
CA SER C 276 -20.22 -26.51 -6.30
C SER C 276 -19.72 -25.95 -7.62
N SER C 277 -18.43 -25.61 -7.72
CA SER C 277 -17.85 -25.02 -8.91
C SER C 277 -16.56 -25.77 -9.26
N ASN C 278 -16.04 -25.47 -10.45
CA ASN C 278 -14.87 -26.18 -10.97
C ASN C 278 -13.56 -25.44 -10.73
N ALA C 279 -13.59 -24.12 -10.56
CA ALA C 279 -12.36 -23.36 -10.35
C ALA C 279 -12.62 -22.30 -9.29
N TYR C 280 -11.55 -21.92 -8.59
CA TYR C 280 -11.67 -20.98 -7.49
C TYR C 280 -10.51 -20.00 -7.52
N ILE C 281 -10.78 -18.79 -7.08
CA ILE C 281 -9.75 -17.79 -6.82
C ILE C 281 -9.79 -17.45 -5.35
N LEU C 282 -8.67 -17.66 -4.65
CA LEU C 282 -8.58 -17.46 -3.21
C LEU C 282 -7.69 -16.25 -2.96
N LEU C 283 -8.32 -15.13 -2.58
CA LEU C 283 -7.59 -13.89 -2.36
C LEU C 283 -7.27 -13.68 -0.88
N THR C 284 -6.44 -12.68 -0.62
CA THR C 284 -6.10 -12.25 0.73
C THR C 284 -5.75 -10.77 0.72
N PHE C 285 -6.42 -10.01 1.58
CA PHE C 285 -6.11 -8.60 1.74
C PHE C 285 -5.64 -8.37 3.16
N ASP C 286 -4.71 -7.43 3.32
CA ASP C 286 -4.22 -7.07 4.64
C ASP C 286 -4.31 -5.57 4.81
N GLY C 287 -4.22 -5.13 6.05
CA GLY C 287 -4.33 -3.72 6.37
C GLY C 287 -4.23 -3.53 7.87
N ASN C 288 -4.41 -2.27 8.28
CA ASN C 288 -4.23 -1.90 9.68
C ASN C 288 -5.54 -1.64 10.41
N THR C 289 -6.57 -1.19 9.71
CA THR C 289 -7.88 -1.01 10.32
C THR C 289 -8.89 -1.88 9.59
N LYS C 290 -10.05 -2.09 10.21
CA LYS C 290 -11.08 -2.91 9.59
C LYS C 290 -11.72 -2.20 8.41
N GLU C 291 -11.76 -0.87 8.44
CA GLU C 291 -12.39 -0.11 7.36
C GLU C 291 -11.50 0.00 6.14
N GLN C 292 -10.17 -0.09 6.33
CA GLN C 292 -9.24 -0.08 5.21
C GLN C 292 -9.29 -1.38 4.44
N VAL C 293 -9.36 -2.51 5.15
CA VAL C 293 -9.51 -3.81 4.50
C VAL C 293 -10.90 -3.93 3.87
N GLU C 294 -11.91 -3.30 4.49
CA GLU C 294 -13.27 -3.38 3.95
C GLU C 294 -13.42 -2.58 2.65
N ALA C 295 -12.68 -1.48 2.52
CA ALA C 295 -12.68 -0.77 1.25
C ALA C 295 -11.90 -1.50 0.18
N GLU C 296 -10.93 -2.33 0.59
CA GLU C 296 -10.14 -3.08 -0.37
C GLU C 296 -10.91 -4.26 -0.93
N TYR C 297 -11.60 -5.03 -0.07
CA TYR C 297 -12.19 -6.26 -0.55
C TYR C 297 -13.55 -6.01 -1.22
N GLU C 298 -14.26 -4.96 -0.82
CA GLU C 298 -15.52 -4.64 -1.47
C GLU C 298 -15.30 -4.07 -2.87
N THR C 299 -14.12 -3.51 -3.11
CA THR C 299 -13.77 -3.07 -4.46
C THR C 299 -13.62 -4.25 -5.40
N VAL C 300 -12.94 -5.30 -4.96
CA VAL C 300 -12.68 -6.46 -5.80
C VAL C 300 -13.92 -7.34 -5.90
N ALA C 301 -14.69 -7.44 -4.81
CA ALA C 301 -15.90 -8.27 -4.82
C ALA C 301 -16.98 -7.69 -5.72
N ASN C 302 -17.08 -6.36 -5.80
CA ASN C 302 -17.96 -5.74 -6.78
C ASN C 302 -17.42 -5.93 -8.19
N LEU C 303 -16.09 -5.98 -8.33
CA LEU C 303 -15.48 -6.19 -9.64
C LEU C 303 -15.62 -7.62 -10.11
N CYS C 304 -15.54 -8.59 -9.19
CA CYS C 304 -15.67 -9.99 -9.59
C CYS C 304 -17.11 -10.35 -9.96
N LEU C 305 -18.08 -9.85 -9.19
CA LEU C 305 -19.49 -10.16 -9.45
C LEU C 305 -19.97 -9.52 -10.76
N ALA C 306 -19.34 -8.42 -11.18
CA ALA C 306 -19.68 -7.79 -12.44
C ALA C 306 -18.97 -8.41 -13.64
N GLU C 307 -18.09 -9.38 -13.42
CA GLU C 307 -17.30 -9.98 -14.48
C GLU C 307 -17.47 -11.50 -14.52
N GLY C 308 -18.66 -11.98 -14.16
CA GLY C 308 -18.99 -13.38 -14.39
C GLY C 308 -18.67 -14.33 -13.26
N ALA C 309 -18.51 -13.85 -12.03
CA ALA C 309 -18.33 -14.76 -10.91
C ALA C 309 -19.68 -15.26 -10.43
N LYS C 310 -19.72 -16.52 -9.99
CA LYS C 310 -20.96 -17.10 -9.51
C LYS C 310 -21.35 -16.54 -8.14
N ASP C 311 -20.36 -16.28 -7.29
CA ASP C 311 -20.56 -15.73 -5.96
C ASP C 311 -19.24 -15.15 -5.48
N VAL C 312 -19.29 -14.46 -4.35
CA VAL C 312 -18.11 -14.03 -3.61
C VAL C 312 -18.35 -14.36 -2.15
N TYR C 313 -17.46 -15.18 -1.57
CA TYR C 313 -17.60 -15.63 -0.20
C TYR C 313 -16.60 -14.91 0.69
N ILE C 314 -17.10 -14.37 1.81
CA ILE C 314 -16.23 -13.64 2.72
C ILE C 314 -15.64 -14.60 3.75
N VAL C 315 -14.32 -14.61 3.84
CA VAL C 315 -13.59 -15.44 4.79
C VAL C 315 -12.91 -14.52 5.80
N ASP C 316 -13.57 -14.29 6.93
CA ASP C 316 -13.17 -13.18 7.80
C ASP C 316 -12.71 -13.62 9.18
N THR C 317 -13.20 -14.74 9.71
CA THR C 317 -12.86 -15.16 11.06
C THR C 317 -11.70 -16.14 11.03
N VAL C 318 -11.19 -16.47 12.21
CA VAL C 318 -10.05 -17.38 12.33
C VAL C 318 -10.46 -18.80 11.96
N GLU C 319 -11.65 -19.22 12.39
CA GLU C 319 -12.12 -20.57 12.06
C GLU C 319 -12.46 -20.71 10.59
N ARG C 320 -12.91 -19.63 9.96
CA ARG C 320 -13.22 -19.68 8.52
C ARG C 320 -11.92 -19.67 7.74
N LYS C 321 -10.92 -18.91 8.16
CA LYS C 321 -9.64 -18.93 7.46
C LYS C 321 -8.95 -20.28 7.59
N ASP C 322 -9.11 -20.93 8.75
CA ASP C 322 -8.49 -22.24 8.94
C ASP C 322 -9.28 -23.35 8.26
N SER C 323 -10.51 -23.05 7.82
CA SER C 323 -11.26 -24.04 7.05
C SER C 323 -10.90 -24.00 5.57
N VAL C 324 -10.39 -22.87 5.09
CA VAL C 324 -10.06 -22.69 3.68
C VAL C 324 -8.55 -22.80 3.45
N TRP C 325 -7.75 -22.24 4.35
CA TRP C 325 -6.31 -22.21 4.11
C TRP C 325 -5.62 -23.50 4.55
N SER C 326 -6.26 -24.31 5.38
CA SER C 326 -5.70 -25.62 5.67
C SER C 326 -5.95 -26.58 4.51
N ALA C 327 -6.95 -26.30 3.68
CA ALA C 327 -7.11 -27.06 2.45
C ALA C 327 -6.03 -26.70 1.45
N ARG C 328 -5.75 -25.40 1.27
CA ARG C 328 -4.69 -24.95 0.37
C ARG C 328 -3.32 -25.34 0.89
N GLY C 329 -3.11 -25.26 2.20
CA GLY C 329 -1.85 -25.68 2.79
C GLY C 329 -1.57 -27.16 2.73
N ALA C 330 -2.61 -27.98 2.48
CA ALA C 330 -2.44 -29.41 2.36
C ALA C 330 -2.61 -29.93 0.94
N PHE C 331 -2.46 -29.09 -0.09
CA PHE C 331 -2.48 -29.58 -1.46
C PHE C 331 -1.30 -30.49 -1.77
N LEU C 332 -0.11 -30.15 -1.27
CA LEU C 332 1.08 -30.95 -1.58
C LEU C 332 1.05 -32.30 -0.88
N GLU C 333 0.54 -32.34 0.36
CA GLU C 333 0.51 -33.60 1.10
C GLU C 333 -0.63 -34.50 0.62
N ALA C 334 -1.72 -33.92 0.11
CA ALA C 334 -2.82 -34.73 -0.39
C ALA C 334 -2.48 -35.38 -1.71
N ILE C 335 -1.65 -34.72 -2.53
CA ILE C 335 -1.22 -35.32 -3.79
C ILE C 335 -0.25 -36.46 -3.51
N LYS C 336 0.64 -36.29 -2.52
CA LYS C 336 1.58 -37.34 -2.15
C LYS C 336 0.89 -38.54 -1.51
N ALA C 337 -0.21 -38.31 -0.79
CA ALA C 337 -0.89 -39.42 -0.13
C ALA C 337 -1.72 -40.24 -1.11
N SER C 338 -2.02 -39.68 -2.29
CA SER C 338 -2.86 -40.37 -3.25
C SER C 338 -2.07 -41.15 -4.31
N THR C 339 -0.75 -41.08 -4.29
CA THR C 339 0.05 -41.72 -5.32
C THR C 339 1.14 -42.57 -4.69
N THR C 340 1.74 -43.43 -5.50
CA THR C 340 2.92 -44.17 -5.06
C THR C 340 4.13 -43.25 -4.96
N GLU C 341 4.44 -42.54 -6.03
CA GLU C 341 5.50 -41.53 -6.03
C GLU C 341 5.14 -40.52 -7.11
N MET C 342 5.82 -39.37 -7.07
CA MET C 342 5.54 -38.31 -8.03
C MET C 342 6.83 -37.59 -8.37
N ASP C 343 6.75 -36.76 -9.42
CA ASP C 343 7.80 -35.82 -9.76
C ASP C 343 7.13 -34.52 -10.20
N GLU C 344 7.78 -33.40 -9.92
CA GLU C 344 7.11 -32.12 -9.94
C GLU C 344 7.74 -31.17 -10.95
N CYS C 345 7.08 -30.03 -11.10
CA CYS C 345 7.42 -29.00 -12.08
C CYS C 345 6.89 -27.67 -11.57
N ASP C 346 7.74 -26.64 -11.61
CA ASP C 346 7.38 -25.32 -11.10
C ASP C 346 7.69 -24.25 -12.16
N VAL C 347 7.20 -24.49 -13.38
CA VAL C 347 7.33 -23.51 -14.46
C VAL C 347 6.60 -22.22 -14.13
N VAL C 348 7.22 -21.11 -14.44
CA VAL C 348 6.58 -19.81 -14.43
C VAL C 348 6.31 -19.41 -15.88
N VAL C 349 5.12 -18.89 -16.13
CA VAL C 349 4.73 -18.44 -17.46
C VAL C 349 4.34 -16.97 -17.34
N PRO C 350 4.16 -16.24 -18.44
CA PRO C 350 3.46 -14.95 -18.34
C PRO C 350 2.05 -15.12 -17.80
N ARG C 351 1.64 -14.16 -17.01
CA ARG C 351 0.37 -14.22 -16.29
C ARG C 351 -0.83 -14.39 -17.23
N ASN C 352 -0.83 -13.87 -18.44
CA ASN C 352 -1.94 -14.07 -19.35
C ASN C 352 -1.92 -15.45 -19.99
N ARG C 353 -0.88 -16.24 -19.76
CA ARG C 353 -0.79 -17.59 -20.31
C ARG C 353 -0.99 -18.66 -19.26
N ILE C 354 -1.55 -18.33 -18.10
CA ILE C 354 -1.77 -19.31 -17.04
C ILE C 354 -2.85 -20.29 -17.43
N ALA C 355 -3.97 -19.79 -17.96
CA ALA C 355 -5.12 -20.64 -18.27
C ALA C 355 -4.86 -21.55 -19.46
N GLU C 356 -4.04 -21.11 -20.41
CA GLU C 356 -3.71 -21.96 -21.54
C GLU C 356 -2.77 -23.10 -21.14
N PHE C 357 -1.93 -22.87 -20.13
CA PHE C 357 -1.02 -23.92 -19.68
C PHE C 357 -1.72 -24.93 -18.78
N ILE C 358 -2.66 -24.47 -17.95
CA ILE C 358 -3.44 -25.37 -17.10
C ILE C 358 -4.35 -26.24 -17.94
N GLU C 359 -4.96 -25.67 -18.98
CA GLU C 359 -5.77 -26.47 -19.91
C GLU C 359 -4.91 -27.39 -20.76
N PHE C 360 -3.63 -27.05 -20.95
CA PHE C 360 -2.72 -27.95 -21.67
C PHE C 360 -2.38 -29.18 -20.84
N THR C 361 -2.25 -29.03 -19.53
CA THR C 361 -1.95 -30.19 -18.67
C THR C 361 -3.15 -31.10 -18.52
N HIS C 362 -4.36 -30.59 -18.77
CA HIS C 362 -5.54 -31.45 -18.76
C HIS C 362 -5.62 -32.28 -20.04
N ASP C 363 -5.22 -31.70 -21.17
CA ASP C 363 -5.16 -32.47 -22.41
C ASP C 363 -3.99 -33.44 -22.39
N LEU C 364 -2.92 -33.11 -21.70
CA LEU C 364 -1.76 -34.01 -21.61
C LEU C 364 -2.03 -35.18 -20.68
N ALA C 365 -2.73 -34.93 -19.57
CA ALA C 365 -3.08 -35.99 -18.65
C ALA C 365 -4.10 -36.96 -19.25
N LYS C 366 -5.01 -36.44 -20.08
CA LYS C 366 -6.00 -37.29 -20.72
C LYS C 366 -5.38 -38.14 -21.83
N GLU C 367 -4.32 -37.64 -22.48
CA GLU C 367 -3.70 -38.34 -23.58
C GLU C 367 -2.72 -39.39 -23.10
N MET C 368 -1.89 -39.05 -22.12
CA MET C 368 -0.86 -39.97 -21.62
C MET C 368 -1.38 -40.92 -20.55
N ASP C 369 -2.64 -40.74 -20.12
CA ASP C 369 -3.30 -41.55 -19.07
C ASP C 369 -2.54 -41.51 -17.74
N VAL C 370 -1.92 -40.39 -17.44
CA VAL C 370 -1.32 -40.17 -16.13
C VAL C 370 -2.14 -39.12 -15.40
N ARG C 371 -2.04 -39.08 -14.08
CA ARG C 371 -2.69 -38.04 -13.32
C ARG C 371 -1.77 -36.84 -13.15
N ILE C 372 -2.21 -35.69 -13.64
CA ILE C 372 -1.44 -34.46 -13.48
C ILE C 372 -2.26 -33.45 -12.70
N PRO C 373 -2.26 -33.49 -11.37
CA PRO C 373 -2.88 -32.40 -10.60
C PRO C 373 -1.98 -31.18 -10.59
N SER C 374 -2.60 -30.01 -10.50
CA SER C 374 -1.84 -28.78 -10.57
C SER C 374 -2.53 -27.69 -9.79
N PHE C 375 -1.73 -26.78 -9.26
CA PHE C 375 -2.21 -25.53 -8.69
C PHE C 375 -1.10 -24.50 -8.87
N GLY C 376 -1.28 -23.35 -8.25
CA GLY C 376 -0.24 -22.34 -8.32
C GLY C 376 -0.77 -20.99 -7.91
N HIS C 377 0.05 -19.98 -8.16
CA HIS C 377 -0.22 -18.62 -7.71
C HIS C 377 -0.66 -17.85 -8.94
N ALA C 378 -1.91 -17.38 -8.94
CA ALA C 378 -2.45 -16.77 -10.15
C ALA C 378 -1.98 -15.34 -10.34
N GLY C 379 -1.30 -14.77 -9.35
CA GLY C 379 -0.87 -13.38 -9.43
C GLY C 379 0.50 -13.17 -10.02
N ASP C 380 1.28 -14.23 -10.22
CA ASP C 380 2.64 -14.09 -10.74
C ASP C 380 3.01 -15.09 -11.82
N GLY C 381 2.21 -16.12 -12.04
CA GLY C 381 2.44 -17.05 -13.13
C GLY C 381 3.12 -18.36 -12.76
N ASN C 382 3.46 -18.56 -11.49
CA ASN C 382 4.13 -19.80 -11.10
C ASN C 382 3.11 -20.92 -10.88
N LEU C 383 3.33 -22.04 -11.57
CA LEU C 383 2.40 -23.16 -11.56
C LEU C 383 3.09 -24.38 -10.97
N HIS C 384 2.53 -24.92 -9.90
CA HIS C 384 3.04 -26.13 -9.26
C HIS C 384 2.33 -27.34 -9.84
N ILE C 385 3.06 -28.15 -10.60
CA ILE C 385 2.49 -29.19 -11.44
C ILE C 385 3.16 -30.51 -11.09
N TYR C 386 2.35 -31.56 -10.88
CA TYR C 386 2.83 -32.83 -10.35
C TYR C 386 2.41 -33.97 -11.27
N VAL C 387 3.36 -34.80 -11.68
CA VAL C 387 3.03 -36.00 -12.45
C VAL C 387 3.12 -37.21 -11.53
N CYS C 388 1.98 -37.88 -11.37
CA CYS C 388 1.88 -39.06 -10.46
C CYS C 388 2.07 -40.37 -11.23
N ARG C 389 2.79 -41.32 -10.62
CA ARG C 389 3.07 -42.64 -11.24
C ARG C 389 1.87 -43.57 -10.98
N ASP C 390 1.10 -43.30 -9.93
CA ASP C 390 -0.09 -44.12 -9.58
C ASP C 390 0.33 -45.60 -9.52
N GLU C 391 -0.18 -46.40 -10.45
CA GLU C 391 0.16 -47.86 -10.48
C GLU C 391 0.97 -48.28 -11.70
N LEU C 392 1.78 -47.42 -12.27
CA LEU C 392 2.55 -47.77 -13.46
C LEU C 392 3.75 -48.64 -13.07
N CYS C 393 4.11 -49.57 -13.96
CA CYS C 393 5.33 -50.33 -13.73
C CYS C 393 6.55 -49.45 -13.98
N GLN C 394 7.71 -49.94 -13.53
CA GLN C 394 8.89 -49.08 -13.39
C GLN C 394 9.44 -48.65 -14.75
N ALA C 395 9.38 -49.54 -15.74
CA ALA C 395 9.82 -49.16 -17.08
C ALA C 395 8.81 -48.24 -17.76
N ASP C 396 7.52 -48.45 -17.50
CA ASP C 396 6.50 -47.59 -18.08
C ASP C 396 6.42 -46.23 -17.38
N TRP C 397 6.84 -46.16 -16.12
CA TRP C 397 6.80 -44.89 -15.42
C TRP C 397 7.89 -43.95 -15.89
N GLU C 398 9.11 -44.47 -16.09
CA GLU C 398 10.22 -43.62 -16.54
C GLU C 398 10.05 -43.19 -17.99
N ALA C 399 9.27 -43.94 -18.77
CA ALA C 399 8.97 -43.51 -20.13
C ALA C 399 7.87 -42.44 -20.15
N LYS C 400 6.90 -42.56 -19.25
CA LYS C 400 5.82 -41.58 -19.21
C LYS C 400 6.22 -40.33 -18.45
N LEU C 401 7.09 -40.45 -17.44
CA LEU C 401 7.58 -39.26 -16.75
C LEU C 401 8.46 -38.43 -17.65
N ALA C 402 9.32 -39.06 -18.44
CA ALA C 402 10.20 -38.34 -19.36
C ALA C 402 9.41 -37.65 -20.47
N GLU C 403 8.35 -38.29 -20.96
CA GLU C 403 7.56 -37.68 -22.02
C GLU C 403 6.69 -36.54 -21.50
N ALA C 404 6.12 -36.69 -20.30
CA ALA C 404 5.28 -35.64 -19.74
C ALA C 404 6.09 -34.43 -19.30
N MET C 405 7.31 -34.66 -18.81
CA MET C 405 8.14 -33.54 -18.39
C MET C 405 8.74 -32.81 -19.58
N ASP C 406 9.11 -33.54 -20.65
CA ASP C 406 9.69 -32.90 -21.82
C ASP C 406 8.67 -32.04 -22.55
N ARG C 407 7.42 -32.48 -22.60
CA ARG C 407 6.41 -31.73 -23.33
C ARG C 407 5.91 -30.53 -22.54
N MET C 408 6.01 -30.59 -21.21
CA MET C 408 5.60 -29.45 -20.40
C MET C 408 6.68 -28.38 -20.33
N TYR C 409 7.95 -28.79 -20.37
CA TYR C 409 9.02 -27.80 -20.39
C TYR C 409 9.21 -27.21 -21.77
N ALA C 410 8.80 -27.93 -22.82
CA ALA C 410 8.86 -27.37 -24.17
C ALA C 410 7.69 -26.42 -24.41
N LYS C 411 6.54 -26.69 -23.80
CA LYS C 411 5.38 -25.81 -23.96
C LYS C 411 5.59 -24.51 -23.20
N ALA C 412 6.23 -24.56 -22.03
CA ALA C 412 6.56 -23.35 -21.30
C ALA C 412 7.67 -22.56 -22.00
N LEU C 413 8.48 -23.23 -22.81
CA LEU C 413 9.44 -22.53 -23.66
C LEU C 413 8.73 -21.78 -24.78
N THR C 414 7.69 -22.38 -25.36
CA THR C 414 6.91 -21.74 -26.41
C THR C 414 6.11 -20.56 -25.85
N PHE C 415 5.67 -20.66 -24.59
CA PHE C 415 4.92 -19.60 -23.94
C PHE C 415 5.80 -18.46 -23.44
N GLU C 416 7.11 -18.50 -23.73
CA GLU C 416 8.12 -17.55 -23.25
C GLU C 416 8.16 -17.47 -21.72
N GLY C 417 8.09 -18.64 -21.08
CA GLY C 417 8.32 -18.72 -19.66
C GLY C 417 9.67 -19.35 -19.34
N LEU C 418 9.89 -19.64 -18.07
CA LEU C 418 11.16 -20.27 -17.70
C LEU C 418 10.95 -21.66 -17.10
N VAL C 419 12.07 -22.30 -16.78
CA VAL C 419 12.08 -23.65 -16.22
C VAL C 419 11.57 -23.66 -14.80
N SER C 420 12.07 -22.77 -13.96
CA SER C 420 11.68 -22.74 -12.56
C SER C 420 11.51 -21.30 -12.11
N GLY C 421 10.53 -21.04 -11.27
CA GLY C 421 10.32 -19.73 -10.72
C GLY C 421 10.51 -19.70 -9.21
N GLU C 422 10.46 -20.94 -8.57
CA GLU C 422 10.62 -21.01 -7.12
C GLU C 422 11.85 -21.83 -6.69
N HIS C 423 11.70 -23.06 -7.19
CA HIS C 423 12.52 -24.10 -6.59
C HIS C 423 13.97 -24.08 -7.06
N GLY C 424 14.24 -23.57 -8.26
CA GLY C 424 15.59 -23.54 -8.77
C GLY C 424 15.87 -24.65 -9.78
N ILE C 425 17.13 -24.71 -10.18
CA ILE C 425 17.55 -25.65 -11.22
C ILE C 425 18.20 -26.87 -10.58
N GLY C 426 19.27 -26.64 -9.81
CA GLY C 426 19.92 -27.70 -9.06
C GLY C 426 20.61 -28.74 -9.93
N TYR C 427 20.27 -29.99 -9.65
CA TYR C 427 20.77 -31.09 -10.47
C TYR C 427 19.70 -31.59 -11.45
N ALA C 428 18.42 -31.49 -11.06
CA ALA C 428 17.36 -32.14 -11.82
C ALA C 428 17.01 -31.40 -13.10
N LYS C 429 16.97 -30.07 -13.05
CA LYS C 429 16.49 -29.27 -14.17
C LYS C 429 17.60 -28.69 -15.03
N ARG C 430 18.77 -29.34 -15.08
CA ARG C 430 19.89 -28.78 -15.82
C ARG C 430 19.70 -28.91 -17.32
N LYS C 431 19.04 -29.99 -17.77
CA LYS C 431 18.85 -30.20 -19.20
C LYS C 431 17.82 -29.24 -19.77
N TYR C 432 16.81 -28.88 -18.99
CA TYR C 432 15.79 -27.96 -19.48
C TYR C 432 16.29 -26.52 -19.48
N LEU C 433 17.30 -26.21 -18.66
CA LEU C 433 17.93 -24.90 -18.72
C LEU C 433 18.80 -24.75 -19.96
N LEU C 434 19.38 -25.85 -20.43
CA LEU C 434 20.15 -25.82 -21.67
C LEU C 434 19.24 -25.78 -22.89
N ASN C 435 17.98 -26.18 -22.74
CA ASN C 435 17.03 -26.07 -23.83
C ASN C 435 16.42 -24.68 -23.91
N ASP C 436 16.14 -24.07 -22.75
CA ASP C 436 15.57 -22.72 -22.74
C ASP C 436 16.61 -21.69 -23.13
N PHE C 437 17.68 -21.58 -22.36
CA PHE C 437 18.75 -20.66 -22.67
C PHE C 437 19.70 -21.31 -23.68
N GLY C 438 20.41 -20.49 -24.43
CA GLY C 438 21.33 -21.03 -25.40
C GLY C 438 22.62 -21.53 -24.76
N THR C 439 23.53 -21.99 -25.63
CA THR C 439 24.85 -22.37 -25.14
C THR C 439 25.69 -21.15 -24.82
N GLU C 440 25.42 -20.02 -25.48
CA GLU C 440 26.12 -18.79 -25.17
C GLU C 440 25.64 -18.19 -23.86
N HIS C 441 24.39 -18.43 -23.49
CA HIS C 441 23.86 -17.99 -22.20
C HIS C 441 24.43 -18.82 -21.05
N LEU C 442 24.65 -20.09 -21.30
CA LEU C 442 25.17 -20.92 -20.22
C LEU C 442 26.68 -20.83 -20.17
N ALA C 443 27.34 -20.36 -21.23
CA ALA C 443 28.77 -20.11 -21.18
C ALA C 443 29.09 -18.86 -20.38
N LEU C 444 28.16 -17.91 -20.32
CA LEU C 444 28.34 -16.77 -19.43
C LEU C 444 28.17 -17.16 -17.98
N MET C 445 27.27 -18.10 -17.69
CA MET C 445 27.09 -18.58 -16.32
C MET C 445 28.28 -19.43 -15.88
N ALA C 446 28.82 -20.24 -16.80
CA ALA C 446 29.96 -21.09 -16.44
C ALA C 446 31.24 -20.28 -16.31
N GLY C 447 31.36 -19.18 -17.04
CA GLY C 447 32.51 -18.31 -16.87
C GLY C 447 32.46 -17.45 -15.63
N ILE C 448 31.27 -17.27 -15.07
CA ILE C 448 31.14 -16.53 -13.82
C ILE C 448 31.51 -17.43 -12.64
N LYS C 449 31.11 -18.71 -12.70
CA LYS C 449 31.53 -19.67 -11.69
C LYS C 449 33.03 -19.94 -11.76
N GLN C 450 33.64 -19.79 -12.94
CA GLN C 450 35.09 -19.90 -13.05
C GLN C 450 35.79 -18.70 -12.42
N THR C 451 35.09 -17.56 -12.32
CA THR C 451 35.67 -16.39 -11.65
C THR C 451 35.62 -16.56 -10.13
N PHE C 452 34.46 -16.94 -9.60
CA PHE C 452 34.31 -17.11 -8.16
C PHE C 452 35.03 -18.36 -7.67
N ASP C 453 35.05 -19.42 -8.48
CA ASP C 453 35.55 -20.73 -8.08
C ASP C 453 36.35 -21.32 -9.24
N PRO C 454 37.63 -20.96 -9.35
CA PRO C 454 38.42 -21.42 -10.51
C PRO C 454 38.79 -22.89 -10.45
N LYS C 455 38.93 -23.46 -9.25
CA LYS C 455 39.27 -24.87 -9.13
C LYS C 455 38.05 -25.77 -9.13
N ASN C 456 36.84 -25.20 -9.28
CA ASN C 456 35.57 -25.93 -9.41
C ASN C 456 35.27 -26.80 -8.20
N LEU C 457 35.33 -26.23 -7.00
CA LEU C 457 35.17 -27.03 -5.79
C LEU C 457 33.80 -26.82 -5.15
N LEU C 458 33.22 -25.63 -5.27
CA LEU C 458 31.96 -25.31 -4.62
C LEU C 458 30.80 -25.84 -5.46
N ASN C 459 30.28 -26.99 -5.06
CA ASN C 459 29.08 -27.61 -5.63
C ASN C 459 29.16 -27.84 -7.15
N PRO C 460 29.99 -28.78 -7.60
CA PRO C 460 30.16 -28.96 -9.05
C PRO C 460 29.03 -29.78 -9.66
N LYS C 461 28.86 -29.55 -10.96
CA LYS C 461 27.84 -30.17 -11.84
C LYS C 461 26.46 -29.78 -11.35
N LYS C 462 26.22 -28.52 -11.07
CA LYS C 462 24.88 -28.09 -10.63
C LYS C 462 24.58 -26.79 -11.34
N VAL C 463 23.30 -26.57 -11.65
CA VAL C 463 22.77 -25.34 -12.33
C VAL C 463 23.37 -25.21 -13.75
N CYS C 464 24.47 -24.46 -13.89
CA CYS C 464 25.08 -24.21 -15.22
C CYS C 464 26.31 -25.11 -15.43
N GLN C 465 26.18 -26.41 -15.14
CA GLN C 465 27.33 -27.34 -15.31
C GLN C 465 26.83 -28.65 -15.91
N MET C 466 27.45 -29.10 -17.01
CA MET C 466 27.06 -30.36 -17.69
C MET C 466 25.56 -30.29 -18.03
N ALA C 467 24.98 -29.08 -17.99
CA ALA C 467 23.55 -28.88 -18.30
C ALA C 467 23.05 -30.03 -19.18
N GLU D 62 -43.48 40.30 -14.07
CA GLU D 62 -42.89 40.88 -15.27
C GLU D 62 -41.92 42.01 -14.91
N LYS D 63 -41.20 42.52 -15.92
CA LYS D 63 -40.10 43.44 -15.71
C LYS D 63 -40.42 44.79 -16.35
N VAL D 64 -40.06 45.86 -15.65
CA VAL D 64 -40.25 47.20 -16.21
C VAL D 64 -39.19 47.45 -17.28
N ALA D 65 -39.59 48.11 -18.35
CA ALA D 65 -38.72 48.33 -19.49
C ALA D 65 -38.17 49.75 -19.48
N ILE D 66 -37.07 49.93 -20.21
CA ILE D 66 -36.44 51.23 -20.38
C ILE D 66 -36.64 51.67 -21.83
N ASP D 67 -36.54 52.98 -22.06
CA ASP D 67 -36.53 53.52 -23.41
C ASP D 67 -35.07 53.76 -23.82
N LYS D 68 -34.58 52.94 -24.75
CA LYS D 68 -33.20 53.07 -25.19
C LYS D 68 -32.99 54.19 -26.20
N SER D 69 -34.06 54.88 -26.60
CA SER D 69 -33.92 56.02 -27.50
C SER D 69 -33.30 57.23 -26.80
N LEU D 70 -33.42 57.28 -25.47
CA LEU D 70 -32.84 58.39 -24.71
C LEU D 70 -31.32 58.30 -24.70
N TYR D 71 -30.78 57.09 -24.70
CA TYR D 71 -29.35 56.87 -24.60
C TYR D 71 -28.82 56.54 -25.99
N ARG D 72 -28.04 57.45 -26.57
CA ARG D 72 -27.45 57.24 -27.87
C ARG D 72 -26.02 57.76 -27.89
N GLY D 73 -25.19 57.12 -28.70
CA GLY D 73 -23.78 57.45 -28.79
C GLY D 73 -22.92 56.39 -28.12
N ILE D 74 -21.72 56.20 -28.69
CA ILE D 74 -20.76 55.24 -28.17
C ILE D 74 -19.49 55.99 -27.76
N THR D 75 -19.18 55.96 -26.46
CA THR D 75 -18.08 56.77 -25.95
C THR D 75 -16.83 55.91 -25.75
N VAL D 76 -15.71 56.37 -26.29
CA VAL D 76 -14.40 55.78 -26.02
C VAL D 76 -13.69 56.61 -24.98
N TYR D 77 -13.47 56.04 -23.80
CA TYR D 77 -12.67 56.71 -22.79
C TYR D 77 -11.20 56.70 -23.19
N VAL D 78 -10.62 57.87 -23.33
CA VAL D 78 -9.27 58.03 -23.85
C VAL D 78 -8.31 57.73 -22.71
N ASP D 79 -7.51 56.68 -22.87
CA ASP D 79 -6.51 56.33 -21.86
C ASP D 79 -5.18 56.99 -22.21
N HIS D 80 -4.57 57.59 -21.20
CA HIS D 80 -3.32 58.32 -21.38
C HIS D 80 -2.61 58.41 -20.04
N ILE D 81 -1.31 58.72 -20.11
CA ILE D 81 -0.50 58.96 -18.92
C ILE D 81 0.13 60.32 -19.11
N GLU D 82 -0.49 61.36 -18.51
CA GLU D 82 -0.07 62.76 -18.59
C GLU D 82 0.10 63.25 -20.03
N GLY D 83 -0.89 62.94 -20.87
CA GLY D 83 -0.90 63.42 -22.24
C GLY D 83 -0.64 62.38 -23.29
N GLN D 84 0.30 61.47 -23.08
CA GLN D 84 0.68 60.49 -24.10
C GLN D 84 -0.39 59.40 -24.12
N ILE D 85 -1.14 59.35 -25.23
CA ILE D 85 -2.31 58.47 -25.31
C ILE D 85 -1.85 57.03 -25.51
N HIS D 86 -2.46 56.12 -24.74
CA HIS D 86 -2.25 54.70 -24.93
C HIS D 86 -2.78 54.27 -26.31
N PRO D 87 -2.12 53.31 -26.96
CA PRO D 87 -2.60 52.87 -28.28
C PRO D 87 -3.89 52.06 -28.25
N VAL D 88 -4.42 51.73 -27.08
CA VAL D 88 -5.68 51.00 -27.01
C VAL D 88 -6.85 51.93 -27.33
N THR D 89 -6.65 53.25 -27.24
CA THR D 89 -7.71 54.20 -27.55
C THR D 89 -8.03 54.24 -29.03
N PHE D 90 -6.99 54.21 -29.89
CA PHE D 90 -7.22 54.30 -31.32
C PHE D 90 -7.83 53.02 -31.88
N GLU D 91 -7.52 51.87 -31.28
CA GLU D 91 -8.16 50.63 -31.70
C GLU D 91 -9.64 50.61 -31.33
N LEU D 92 -10.03 51.32 -30.27
CA LEU D 92 -11.43 51.34 -29.88
C LEU D 92 -12.24 52.33 -30.71
N ILE D 93 -11.58 53.36 -31.26
CA ILE D 93 -12.27 54.30 -32.13
C ILE D 93 -12.68 53.63 -33.43
N GLY D 94 -11.80 52.82 -34.03
CA GLY D 94 -12.16 52.07 -35.21
C GLY D 94 -13.18 50.99 -34.96
N LYS D 95 -13.24 50.47 -33.73
CA LYS D 95 -14.31 49.54 -33.39
C LYS D 95 -15.62 50.27 -33.10
N ALA D 96 -15.55 51.45 -32.48
CA ALA D 96 -16.77 52.20 -32.17
C ALA D 96 -17.39 52.76 -33.44
N ARG D 97 -16.57 53.19 -34.40
CA ARG D 97 -17.10 53.67 -35.67
C ARG D 97 -17.70 52.52 -36.48
N GLU D 98 -17.23 51.30 -36.28
CA GLU D 98 -17.84 50.14 -36.90
C GLU D 98 -19.15 49.76 -36.22
N LEU D 99 -19.18 49.81 -34.88
CA LEU D 99 -20.38 49.41 -34.15
C LEU D 99 -21.48 50.45 -34.26
N ALA D 100 -21.13 51.74 -34.26
CA ALA D 100 -22.15 52.77 -34.30
C ALA D 100 -22.70 53.00 -35.71
N ALA D 101 -22.03 52.43 -36.72
CA ALA D 101 -22.58 52.50 -38.08
C ALA D 101 -23.71 51.49 -38.27
N VAL D 102 -23.79 50.49 -37.40
CA VAL D 102 -24.88 49.53 -37.44
C VAL D 102 -26.18 50.19 -36.97
N ILE D 103 -26.09 51.13 -36.04
CA ILE D 103 -27.25 51.72 -35.40
C ILE D 103 -27.45 53.19 -35.75
N GLY D 104 -26.45 53.84 -36.34
CA GLY D 104 -26.57 55.24 -36.69
C GLY D 104 -26.25 56.21 -35.57
N HIS D 105 -25.57 55.76 -34.52
CA HIS D 105 -25.26 56.63 -33.40
C HIS D 105 -23.93 57.34 -33.64
N PRO D 106 -23.70 58.47 -32.97
CA PRO D 106 -22.37 59.10 -33.05
C PRO D 106 -21.36 58.38 -32.18
N VAL D 107 -20.10 58.82 -32.27
CA VAL D 107 -18.99 58.24 -31.53
C VAL D 107 -18.38 59.36 -30.70
N TYR D 108 -18.34 59.16 -29.38
CA TYR D 108 -17.82 60.18 -28.48
C TYR D 108 -16.47 59.76 -27.91
N ALA D 109 -15.75 60.74 -27.35
CA ALA D 109 -14.48 60.50 -26.69
C ALA D 109 -14.44 61.33 -25.41
N LEU D 110 -14.14 60.68 -24.29
CA LEU D 110 -14.02 61.39 -23.02
C LEU D 110 -12.56 61.60 -22.67
N LEU D 111 -12.25 62.82 -22.23
CA LEU D 111 -10.86 63.23 -22.03
C LEU D 111 -10.72 63.82 -20.64
N MET D 112 -9.78 63.27 -19.87
CA MET D 112 -9.57 63.65 -18.48
C MET D 112 -8.09 63.87 -18.24
N GLY D 113 -7.74 65.03 -17.71
CA GLY D 113 -6.34 65.33 -17.41
C GLY D 113 -6.20 66.75 -16.94
N THR D 114 -4.94 67.22 -16.97
CA THR D 114 -4.60 68.56 -16.49
C THR D 114 -4.17 69.52 -17.59
N ASN D 115 -3.24 69.13 -18.47
CA ASN D 115 -2.78 70.00 -19.56
C ASN D 115 -2.98 69.38 -20.93
N ILE D 116 -4.12 68.74 -21.18
CA ILE D 116 -4.22 67.90 -22.36
C ILE D 116 -5.30 68.37 -23.34
N THR D 117 -5.67 69.65 -23.27
CA THR D 117 -6.71 70.13 -24.19
C THR D 117 -6.20 70.29 -25.61
N GLU D 118 -4.87 70.36 -25.78
CA GLU D 118 -4.30 70.41 -27.13
C GLU D 118 -4.13 69.02 -27.72
N LYS D 119 -4.39 67.99 -26.93
CA LYS D 119 -4.37 66.62 -27.44
C LYS D 119 -5.74 66.18 -27.93
N ALA D 120 -6.68 67.12 -28.08
CA ALA D 120 -8.06 66.74 -28.39
C ALA D 120 -8.30 66.60 -29.89
N ASP D 121 -7.65 67.41 -30.73
CA ASP D 121 -7.90 67.29 -32.16
C ASP D 121 -7.11 66.14 -32.78
N GLU D 122 -6.31 65.47 -31.96
CA GLU D 122 -5.67 64.22 -32.41
C GLU D 122 -6.79 63.17 -32.40
N LEU D 123 -7.74 63.30 -31.46
CA LEU D 123 -8.89 62.41 -31.45
C LEU D 123 -9.83 62.71 -32.61
N LEU D 124 -9.85 63.97 -33.07
CA LEU D 124 -10.73 64.36 -34.17
C LEU D 124 -10.23 63.82 -35.50
N LYS D 125 -8.93 63.51 -35.61
CA LYS D 125 -8.36 63.00 -36.84
C LYS D 125 -8.60 61.50 -37.05
N TYR D 126 -9.32 60.84 -36.15
CA TYR D 126 -9.66 59.44 -36.32
C TYR D 126 -11.15 59.22 -36.61
N GLY D 127 -11.94 60.29 -36.69
CA GLY D 127 -13.35 60.17 -36.97
C GLY D 127 -14.26 60.32 -35.77
N VAL D 128 -13.78 60.89 -34.67
CA VAL D 128 -14.60 61.03 -33.48
C VAL D 128 -15.51 62.23 -33.62
N ASP D 129 -16.80 62.03 -33.35
CA ASP D 129 -17.79 63.10 -33.53
C ASP D 129 -17.67 64.18 -32.45
N LYS D 130 -17.52 63.80 -31.19
CA LYS D 130 -17.40 64.79 -30.12
C LYS D 130 -16.32 64.35 -29.14
N VAL D 131 -15.46 65.29 -28.76
CA VAL D 131 -14.38 65.05 -27.82
C VAL D 131 -14.68 65.88 -26.58
N PHE D 132 -15.29 65.26 -25.58
CA PHE D 132 -15.57 65.95 -24.33
C PHE D 132 -14.33 66.00 -23.46
N VAL D 133 -13.86 67.21 -23.15
CA VAL D 133 -12.59 67.40 -22.47
C VAL D 133 -12.84 67.98 -21.09
N TYR D 134 -12.44 67.23 -20.07
CA TYR D 134 -12.37 67.71 -18.70
C TYR D 134 -10.91 67.96 -18.35
N ASP D 135 -10.57 69.23 -18.11
CA ASP D 135 -9.17 69.64 -18.03
C ASP D 135 -8.91 70.37 -16.71
N LYS D 136 -9.33 69.75 -15.60
CA LYS D 136 -9.14 70.33 -14.28
C LYS D 136 -7.76 69.95 -13.73
N PRO D 137 -7.17 70.80 -12.86
CA PRO D 137 -5.80 70.52 -12.38
C PRO D 137 -5.70 69.34 -11.43
N GLU D 138 -6.80 68.86 -10.86
CA GLU D 138 -6.73 67.72 -9.95
C GLU D 138 -6.73 66.38 -10.67
N LEU D 139 -6.79 66.38 -12.00
CA LEU D 139 -6.83 65.14 -12.77
C LEU D 139 -5.47 64.73 -13.33
N LYS D 140 -4.37 65.01 -12.62
CA LYS D 140 -3.04 64.72 -13.16
C LYS D 140 -2.75 63.22 -13.12
N HIS D 141 -2.71 62.62 -11.94
CA HIS D 141 -2.55 61.19 -11.78
C HIS D 141 -3.92 60.56 -11.57
N PHE D 142 -3.98 59.24 -11.81
CA PHE D 142 -5.26 58.54 -11.71
C PHE D 142 -5.57 58.27 -10.24
N VAL D 143 -6.44 59.10 -9.66
CA VAL D 143 -7.12 58.82 -8.41
C VAL D 143 -8.58 58.59 -8.73
N ILE D 144 -9.21 57.66 -8.01
CA ILE D 144 -10.47 57.09 -8.49
C ILE D 144 -11.65 58.04 -8.27
N GLU D 145 -11.64 58.80 -7.18
CA GLU D 145 -12.82 59.63 -6.86
C GLU D 145 -12.99 60.86 -7.75
N PRO D 146 -11.95 61.61 -8.14
CA PRO D 146 -12.20 62.63 -9.18
C PRO D 146 -12.48 62.04 -10.54
N TYR D 147 -11.96 60.85 -10.84
CA TYR D 147 -12.17 60.26 -12.15
C TYR D 147 -13.55 59.61 -12.26
N ALA D 148 -14.06 59.04 -11.16
CA ALA D 148 -15.39 58.46 -11.20
C ALA D 148 -16.48 59.51 -11.08
N ASN D 149 -16.20 60.64 -10.40
CA ASN D 149 -17.19 61.70 -10.32
C ASN D 149 -17.36 62.42 -11.65
N VAL D 150 -16.27 62.54 -12.42
CA VAL D 150 -16.35 63.18 -13.73
C VAL D 150 -17.07 62.28 -14.72
N LEU D 151 -16.72 60.99 -14.72
CA LEU D 151 -17.37 60.02 -15.61
C LEU D 151 -18.84 59.83 -15.26
N GLU D 152 -19.20 59.96 -13.98
CA GLU D 152 -20.62 59.98 -13.62
C GLU D 152 -21.28 61.28 -14.07
N ASP D 153 -20.55 62.40 -14.00
CA ASP D 153 -21.08 63.67 -14.47
C ASP D 153 -21.22 63.69 -15.98
N PHE D 154 -20.35 62.98 -16.70
CA PHE D 154 -20.44 62.91 -18.15
C PHE D 154 -21.64 62.10 -18.61
N ILE D 155 -21.97 61.03 -17.89
CA ILE D 155 -23.13 60.22 -18.23
C ILE D 155 -24.43 60.97 -17.95
N GLU D 156 -24.44 61.80 -16.90
CA GLU D 156 -25.64 62.56 -16.56
C GLU D 156 -25.97 63.65 -17.58
N LYS D 157 -24.97 64.13 -18.31
CA LYS D 157 -25.19 65.19 -19.29
C LYS D 157 -25.44 64.64 -20.69
N VAL D 158 -24.53 63.80 -21.18
CA VAL D 158 -24.56 63.40 -22.58
C VAL D 158 -25.43 62.16 -22.77
N LYS D 159 -25.49 61.28 -21.77
CA LYS D 159 -26.20 60.00 -21.79
C LYS D 159 -25.82 59.11 -22.97
N PRO D 160 -24.62 58.53 -22.96
CA PRO D 160 -24.24 57.63 -24.06
C PRO D 160 -24.95 56.29 -23.94
N SER D 161 -24.91 55.51 -25.03
CA SER D 161 -25.53 54.19 -25.01
C SER D 161 -24.54 53.11 -24.63
N SER D 162 -23.26 53.30 -24.97
CA SER D 162 -22.22 52.34 -24.64
C SER D 162 -20.94 53.09 -24.35
N ILE D 163 -20.15 52.55 -23.43
CA ILE D 163 -18.86 53.15 -23.10
C ILE D 163 -17.78 52.08 -23.21
N LEU D 164 -16.85 52.28 -24.14
CA LEU D 164 -15.76 51.35 -24.32
C LEU D 164 -14.47 51.92 -23.71
N VAL D 165 -13.91 51.18 -22.75
CA VAL D 165 -12.64 51.56 -22.14
C VAL D 165 -11.66 50.42 -22.39
N GLY D 166 -10.38 50.72 -22.23
CA GLY D 166 -9.36 49.71 -22.43
C GLY D 166 -9.23 48.79 -21.23
N ALA D 167 -8.49 47.70 -21.44
CA ALA D 167 -8.20 46.74 -20.38
C ALA D 167 -6.95 47.08 -19.59
N THR D 168 -6.55 48.35 -19.58
CA THR D 168 -5.43 48.77 -18.75
C THR D 168 -5.83 48.78 -17.28
N ASN D 169 -4.84 48.92 -16.39
CA ASN D 169 -5.10 48.89 -14.96
C ASN D 169 -5.86 50.12 -14.50
N VAL D 170 -5.82 51.22 -15.27
CA VAL D 170 -6.70 52.34 -15.01
C VAL D 170 -8.12 52.03 -15.47
N GLY D 171 -8.26 51.46 -16.67
CA GLY D 171 -9.57 51.12 -17.18
C GLY D 171 -10.25 49.96 -16.49
N ARG D 172 -9.45 49.05 -15.91
CA ARG D 172 -10.03 47.96 -15.12
C ARG D 172 -10.39 48.41 -13.72
N SER D 173 -10.04 49.64 -13.35
CA SER D 173 -10.34 50.20 -12.04
C SER D 173 -11.40 51.29 -12.10
N LEU D 174 -11.39 52.10 -13.15
CA LEU D 174 -12.33 53.22 -13.25
C LEU D 174 -13.71 52.76 -13.69
N ALA D 175 -13.77 51.86 -14.68
CA ALA D 175 -15.04 51.36 -15.18
C ALA D 175 -15.89 50.59 -14.18
N PRO D 176 -15.36 49.74 -13.28
CA PRO D 176 -16.25 49.13 -12.28
C PRO D 176 -16.77 50.08 -11.23
N ARG D 177 -16.07 51.19 -10.96
CA ARG D 177 -16.54 52.12 -9.94
C ARG D 177 -17.76 52.89 -10.41
N VAL D 178 -17.88 53.12 -11.72
CA VAL D 178 -19.00 53.89 -12.23
C VAL D 178 -20.13 52.96 -12.68
N ALA D 179 -19.80 51.73 -13.07
CA ALA D 179 -20.83 50.76 -13.42
C ALA D 179 -21.62 50.31 -12.20
N ALA D 180 -20.97 50.23 -11.03
CA ALA D 180 -21.69 49.91 -9.81
C ALA D 180 -22.49 51.11 -9.30
N ARG D 181 -22.06 52.33 -9.65
CA ARG D 181 -22.79 53.52 -9.24
C ARG D 181 -24.13 53.65 -9.97
N TYR D 182 -24.20 53.14 -11.20
CA TYR D 182 -25.43 53.16 -11.97
C TYR D 182 -26.18 51.84 -11.92
N ARG D 183 -25.54 50.85 -11.34
CA ARG D 183 -26.03 49.46 -11.19
C ARG D 183 -26.22 48.86 -12.57
N THR D 184 -25.36 49.20 -13.51
CA THR D 184 -25.42 48.74 -14.89
C THR D 184 -24.38 47.66 -15.13
N GLY D 185 -24.54 46.96 -16.25
CA GLY D 185 -23.67 45.84 -16.54
C GLY D 185 -22.30 46.24 -17.06
N LEU D 186 -21.33 45.36 -16.81
CA LEU D 186 -19.98 45.56 -17.29
C LEU D 186 -19.33 44.20 -17.52
N THR D 187 -18.74 44.04 -18.71
CA THR D 187 -18.04 42.83 -19.09
C THR D 187 -16.54 43.09 -19.14
N ALA D 188 -15.76 42.05 -18.83
CA ALA D 188 -14.32 42.20 -18.67
C ALA D 188 -13.59 41.69 -19.89
N ASP D 189 -12.52 42.42 -20.29
CA ASP D 189 -11.49 42.13 -21.30
C ASP D 189 -12.01 41.36 -22.52
N CYS D 190 -13.02 41.95 -23.15
CA CYS D 190 -13.72 41.35 -24.28
C CYS D 190 -12.84 41.29 -25.51
N THR D 191 -13.09 40.29 -26.36
CA THR D 191 -12.36 40.14 -27.60
C THR D 191 -13.22 40.40 -28.83
N ILE D 192 -14.51 40.04 -28.80
CA ILE D 192 -15.40 40.26 -29.93
C ILE D 192 -16.56 41.14 -29.47
N LEU D 193 -16.84 42.18 -30.24
CA LEU D 193 -17.95 43.08 -29.96
C LEU D 193 -18.89 43.12 -31.15
N GLU D 194 -20.14 42.73 -30.93
CA GLU D 194 -21.16 42.73 -31.99
C GLU D 194 -22.31 43.62 -31.55
N MET D 195 -22.74 44.50 -32.46
CA MET D 195 -23.85 45.39 -32.16
C MET D 195 -25.14 44.87 -32.78
N LYS D 196 -26.20 44.86 -31.98
CA LYS D 196 -27.54 44.57 -32.46
C LYS D 196 -28.24 45.87 -32.82
N GLU D 197 -29.19 45.79 -33.75
CA GLU D 197 -29.85 46.98 -34.25
C GLU D 197 -30.90 47.53 -33.29
N ASN D 198 -31.20 46.81 -32.21
CA ASN D 198 -32.03 47.33 -31.12
C ASN D 198 -31.18 47.90 -29.99
N THR D 199 -29.95 48.35 -30.29
CA THR D 199 -28.97 48.94 -29.38
C THR D 199 -28.62 48.02 -28.20
N ASP D 200 -28.29 46.76 -28.49
CA ASP D 200 -27.76 45.85 -27.47
C ASP D 200 -26.37 45.38 -27.89
N LEU D 201 -25.35 45.75 -27.11
CA LEU D 201 -24.01 45.28 -27.36
C LEU D 201 -23.87 43.82 -26.95
N VAL D 202 -23.26 43.03 -27.83
CA VAL D 202 -23.03 41.61 -27.58
C VAL D 202 -21.53 41.45 -27.32
N GLN D 203 -21.18 41.18 -26.07
CA GLN D 203 -19.78 41.11 -25.68
C GLN D 203 -19.34 39.66 -25.50
N ILE D 204 -18.30 39.28 -26.23
CA ILE D 204 -17.70 37.96 -26.11
C ILE D 204 -16.37 38.11 -25.37
N ARG D 205 -16.19 37.31 -24.33
CA ARG D 205 -15.01 37.42 -23.50
C ARG D 205 -14.49 36.04 -23.12
N PRO D 206 -13.17 35.90 -22.93
CA PRO D 206 -12.64 34.64 -22.42
C PRO D 206 -12.81 34.53 -20.91
N ALA D 207 -12.99 33.31 -20.44
CA ALA D 207 -13.13 33.05 -19.02
C ALA D 207 -12.45 31.72 -18.69
N PHE D 208 -12.39 31.42 -17.38
CA PHE D 208 -11.70 30.25 -16.83
C PHE D 208 -10.24 30.21 -17.26
N GLY D 209 -9.60 31.37 -17.28
CA GLY D 209 -8.25 31.48 -17.80
C GLY D 209 -8.14 31.33 -19.29
N GLY D 210 -9.20 31.60 -20.04
CA GLY D 210 -9.21 31.41 -21.48
C GLY D 210 -9.65 30.04 -21.95
N ASN D 211 -10.16 29.20 -21.04
CA ASN D 211 -10.51 27.84 -21.43
C ASN D 211 -11.88 27.78 -22.09
N ILE D 212 -12.76 28.73 -21.79
CA ILE D 212 -14.04 28.86 -22.49
C ILE D 212 -14.25 30.32 -22.86
N MET D 213 -15.13 30.55 -23.82
CA MET D 213 -15.59 31.90 -24.11
C MET D 213 -17.03 32.05 -23.65
N ALA D 214 -17.43 33.29 -23.38
CA ALA D 214 -18.75 33.57 -22.83
C ALA D 214 -19.41 34.72 -23.58
N GLN D 215 -20.68 34.55 -23.90
CA GLN D 215 -21.44 35.59 -24.57
C GLN D 215 -22.32 36.33 -23.57
N ILE D 216 -22.05 37.63 -23.42
CA ILE D 216 -22.72 38.44 -22.40
C ILE D 216 -23.53 39.51 -23.12
N VAL D 217 -24.71 39.80 -22.57
CA VAL D 217 -25.57 40.86 -23.10
C VAL D 217 -26.16 41.63 -21.92
N THR D 218 -26.43 42.93 -22.15
CA THR D 218 -26.98 43.83 -21.15
C THR D 218 -28.23 44.50 -21.75
N GLU D 219 -29.40 43.96 -21.42
CA GLU D 219 -30.61 44.31 -22.16
C GLU D 219 -31.39 45.44 -21.52
N ASN D 220 -31.29 45.62 -20.20
CA ASN D 220 -32.07 46.64 -19.50
C ASN D 220 -31.30 47.93 -19.22
N THR D 221 -30.10 47.84 -18.67
CA THR D 221 -29.47 49.01 -18.09
C THR D 221 -28.57 49.70 -19.11
N ARG D 222 -28.51 51.02 -18.99
CA ARG D 222 -27.73 51.90 -19.86
C ARG D 222 -27.04 52.95 -19.00
N PRO D 223 -25.80 53.33 -19.35
CA PRO D 223 -24.96 52.84 -20.44
C PRO D 223 -24.25 51.53 -20.11
N GLN D 224 -24.25 50.59 -21.05
CA GLN D 224 -23.58 49.32 -20.84
C GLN D 224 -22.07 49.49 -21.02
N PHE D 225 -21.33 49.11 -19.98
CA PHE D 225 -19.88 49.24 -19.99
C PHE D 225 -19.24 47.95 -20.48
N CYS D 226 -18.06 48.09 -21.09
CA CYS D 226 -17.28 46.92 -21.48
C CYS D 226 -15.81 47.33 -21.56
N THR D 227 -14.94 46.49 -21.03
CA THR D 227 -13.50 46.70 -21.16
C THR D 227 -12.99 45.81 -22.28
N VAL D 228 -12.11 46.35 -23.12
CA VAL D 228 -11.65 45.65 -24.31
C VAL D 228 -10.15 45.38 -24.19
N ARG D 229 -9.76 44.14 -24.52
CA ARG D 229 -8.36 43.74 -24.46
C ARG D 229 -7.53 44.47 -25.51
N TYR D 230 -6.31 44.84 -25.14
CA TYR D 230 -5.41 45.55 -26.04
C TYR D 230 -4.98 44.65 -27.20
N LYS D 231 -4.65 45.30 -28.33
CA LYS D 231 -4.19 44.70 -29.60
C LYS D 231 -5.06 43.53 -30.06
N VAL D 232 -6.37 43.72 -29.98
CA VAL D 232 -7.32 42.77 -30.56
C VAL D 232 -7.93 43.41 -31.80
N PHE D 233 -8.36 44.67 -31.67
CA PHE D 233 -8.90 45.40 -32.80
C PHE D 233 -7.83 46.30 -33.41
N THR D 234 -8.08 46.76 -34.64
CA THR D 234 -7.09 47.57 -35.33
C THR D 234 -7.50 49.04 -35.35
N ALA D 235 -6.49 49.90 -35.33
CA ALA D 235 -6.74 51.33 -35.45
C ALA D 235 -7.12 51.68 -36.89
N PRO D 236 -8.07 52.59 -37.08
CA PRO D 236 -8.47 52.94 -38.45
C PRO D 236 -7.48 53.91 -39.08
N GLU D 237 -7.61 54.09 -40.39
CA GLU D 237 -6.80 55.08 -41.07
C GLU D 237 -7.27 56.47 -40.71
N ARG D 238 -6.32 57.41 -40.62
CA ARG D 238 -6.65 58.79 -40.29
C ARG D 238 -7.42 59.45 -41.43
N VAL D 239 -8.41 60.26 -41.06
CA VAL D 239 -9.21 60.97 -42.05
C VAL D 239 -8.40 62.13 -42.61
N ASN D 240 -8.64 62.45 -43.88
CA ASN D 240 -7.96 63.57 -44.51
C ASN D 240 -8.52 64.91 -44.03
N GLU D 241 -9.84 65.04 -43.94
CA GLU D 241 -10.46 66.17 -43.27
C GLU D 241 -11.11 65.72 -41.97
N PRO D 242 -10.88 66.40 -40.85
CA PRO D 242 -11.57 66.02 -39.63
C PRO D 242 -12.88 66.76 -39.47
N TRP D 243 -13.92 66.03 -39.09
CA TRP D 243 -15.21 66.63 -38.77
C TRP D 243 -15.47 66.46 -37.28
N GLY D 244 -16.48 67.16 -36.80
CA GLY D 244 -16.77 67.15 -35.39
C GLY D 244 -16.10 68.29 -34.64
N ASP D 245 -16.27 68.28 -33.33
CA ASP D 245 -15.85 69.40 -32.51
C ASP D 245 -15.39 68.90 -31.16
N VAL D 246 -14.68 69.78 -30.43
CA VAL D 246 -14.42 69.52 -29.01
C VAL D 246 -15.45 70.26 -28.17
N GLU D 247 -15.72 69.73 -26.98
CA GLU D 247 -16.63 70.35 -26.03
C GLU D 247 -15.95 70.44 -24.68
N MET D 248 -15.58 71.66 -24.30
CA MET D 248 -14.99 71.87 -22.98
C MET D 248 -16.06 71.79 -21.91
N MET D 249 -15.88 70.87 -20.98
CA MET D 249 -16.84 70.66 -19.90
C MET D 249 -16.24 71.12 -18.59
N ASP D 250 -17.09 71.25 -17.58
CA ASP D 250 -16.64 71.71 -16.28
C ASP D 250 -17.38 70.94 -15.18
N ILE D 251 -16.83 70.99 -13.98
CA ILE D 251 -17.39 70.33 -12.82
C ILE D 251 -16.95 71.11 -11.58
N GLU D 252 -17.77 71.07 -10.54
CA GLU D 252 -17.45 71.81 -9.32
C GLU D 252 -16.29 71.17 -8.59
N LYS D 253 -15.59 71.97 -7.78
CA LYS D 253 -14.34 71.52 -7.19
C LYS D 253 -14.55 70.61 -5.99
N ALA D 254 -15.79 70.52 -5.49
CA ALA D 254 -16.07 69.59 -4.40
C ALA D 254 -16.09 68.15 -4.88
N LYS D 255 -16.34 67.93 -6.17
CA LYS D 255 -16.36 66.58 -6.70
C LYS D 255 -14.94 66.08 -7.01
N LEU D 256 -13.97 66.98 -7.06
CA LEU D 256 -12.62 66.61 -7.46
C LEU D 256 -11.66 66.42 -6.28
N VAL D 257 -12.16 66.41 -5.05
CA VAL D 257 -11.30 66.10 -3.92
C VAL D 257 -11.19 64.59 -3.76
N SER D 258 -10.15 64.14 -3.08
CA SER D 258 -9.89 62.72 -2.92
C SER D 258 -9.13 62.47 -1.63
N ALA D 259 -9.44 61.34 -0.97
CA ALA D 259 -8.68 60.93 0.19
C ALA D 259 -7.31 60.39 -0.21
N ILE D 260 -7.22 59.72 -1.35
CA ILE D 260 -5.94 59.23 -1.83
C ILE D 260 -5.16 60.37 -2.47
N GLU D 261 -3.88 60.48 -2.10
CA GLU D 261 -3.01 61.48 -2.70
C GLU D 261 -1.76 60.78 -3.22
N VAL D 262 -1.30 61.20 -4.40
CA VAL D 262 -0.23 60.49 -5.08
C VAL D 262 1.12 61.07 -4.67
N MET D 263 2.04 60.18 -4.24
CA MET D 263 3.39 60.62 -3.94
C MET D 263 4.20 60.86 -5.21
N GLU D 264 4.38 59.82 -6.02
CA GLU D 264 5.18 59.92 -7.24
C GLU D 264 4.81 58.77 -8.17
N VAL D 265 5.07 58.97 -9.46
CA VAL D 265 4.84 57.94 -10.46
C VAL D 265 6.18 57.50 -11.04
N ILE D 266 6.72 56.40 -10.50
CA ILE D 266 8.06 55.93 -10.87
C ILE D 266 7.96 54.96 -12.05
N LYS D 267 8.81 55.17 -13.05
CA LYS D 267 8.91 54.27 -14.20
C LYS D 267 9.44 52.91 -13.77
N LYS D 268 8.89 51.85 -14.35
CA LYS D 268 9.39 50.50 -14.10
C LYS D 268 10.79 50.33 -14.71
N GLU D 269 11.77 50.10 -13.85
CA GLU D 269 13.19 50.08 -14.24
C GLU D 269 13.80 48.75 -13.77
N LYS D 270 13.02 47.68 -13.89
CA LYS D 270 13.52 46.35 -13.56
C LYS D 270 13.27 45.42 -14.74
N GLY D 271 14.20 44.49 -14.96
CA GLY D 271 14.07 43.50 -16.00
C GLY D 271 13.18 42.35 -15.56
N ILE D 272 12.21 42.01 -16.42
CA ILE D 272 11.21 41.02 -16.04
C ILE D 272 11.81 39.61 -16.08
N ASP D 273 11.37 38.79 -15.13
CA ASP D 273 11.75 37.39 -15.11
C ASP D 273 11.08 36.65 -16.27
N LEU D 274 11.71 35.56 -16.71
CA LEU D 274 11.30 34.87 -17.93
C LEU D 274 9.91 34.25 -17.83
N SER D 275 9.53 33.75 -16.65
CA SER D 275 8.23 33.10 -16.50
C SER D 275 7.08 34.10 -16.54
N GLU D 276 7.35 35.39 -16.30
CA GLU D 276 6.32 36.41 -16.41
C GLU D 276 6.27 37.08 -17.78
N ALA D 277 7.22 36.77 -18.67
CA ALA D 277 7.27 37.43 -19.97
C ALA D 277 6.34 36.76 -20.97
N GLU D 278 5.67 37.57 -21.79
CA GLU D 278 4.86 37.09 -22.89
C GLU D 278 5.47 37.37 -24.26
N THR D 279 6.66 37.94 -24.34
CA THR D 279 7.40 37.96 -25.60
C THR D 279 8.89 37.80 -25.31
N ILE D 280 9.52 36.91 -26.07
CA ILE D 280 10.87 36.44 -25.76
C ILE D 280 11.63 36.25 -27.06
N VAL D 281 12.85 36.78 -27.13
CA VAL D 281 13.78 36.50 -28.22
C VAL D 281 14.82 35.55 -27.62
N ALA D 282 14.87 34.32 -28.14
CA ALA D 282 15.80 33.33 -27.63
C ALA D 282 16.92 33.08 -28.63
N VAL D 283 18.15 33.08 -28.14
CA VAL D 283 19.34 32.90 -28.96
C VAL D 283 19.96 31.55 -28.62
N GLY D 284 20.78 31.04 -29.53
CA GLY D 284 21.43 29.75 -29.35
C GLY D 284 22.91 29.79 -29.71
N ARG D 285 23.39 28.63 -30.15
CA ARG D 285 24.79 28.51 -30.53
C ARG D 285 25.05 29.10 -31.92
N GLY D 286 24.01 29.42 -32.67
CA GLY D 286 24.14 30.10 -33.95
C GLY D 286 24.67 31.52 -33.87
N VAL D 287 24.58 32.14 -32.70
CA VAL D 287 25.17 33.46 -32.47
C VAL D 287 26.62 33.22 -32.06
N LYS D 288 27.57 33.74 -32.83
CA LYS D 288 28.96 33.33 -32.68
C LYS D 288 29.65 34.06 -31.52
N CYS D 289 29.64 35.38 -31.53
CA CYS D 289 30.39 36.13 -30.52
C CYS D 289 29.42 36.94 -29.67
N GLU D 290 29.94 37.47 -28.56
CA GLU D 290 29.10 38.18 -27.60
C GLU D 290 28.69 39.55 -28.11
N LYS D 291 29.49 40.15 -29.00
CA LYS D 291 29.14 41.48 -29.50
C LYS D 291 28.05 41.44 -30.56
N ASP D 292 27.66 40.25 -31.01
CA ASP D 292 26.51 40.12 -31.91
C ASP D 292 25.21 40.20 -31.14
N LEU D 293 25.26 40.16 -29.81
CA LEU D 293 24.06 40.28 -29.00
C LEU D 293 23.54 41.72 -28.98
N ASP D 294 24.41 42.69 -29.28
CA ASP D 294 23.97 44.09 -29.36
C ASP D 294 23.03 44.31 -30.52
N MET D 295 23.22 43.57 -31.61
CA MET D 295 22.27 43.60 -32.72
C MET D 295 20.96 42.91 -32.33
N ILE D 296 21.04 41.94 -31.43
CA ILE D 296 19.85 41.22 -30.99
C ILE D 296 19.14 41.99 -29.88
N HIS D 297 19.89 42.64 -28.99
CA HIS D 297 19.28 43.41 -27.90
C HIS D 297 18.54 44.64 -28.41
N GLU D 298 19.00 45.23 -29.52
CA GLU D 298 18.24 46.34 -30.10
C GLU D 298 17.03 45.84 -30.89
N PHE D 299 17.04 44.58 -31.32
CA PHE D 299 15.88 44.01 -32.00
C PHE D 299 14.79 43.62 -31.02
N ALA D 300 15.17 43.13 -29.84
CA ALA D 300 14.20 42.68 -28.86
C ALA D 300 13.47 43.84 -28.19
N GLU D 301 14.09 45.02 -28.16
CA GLU D 301 13.40 46.19 -27.60
C GLU D 301 12.51 46.88 -28.62
N LYS D 302 12.63 46.51 -29.90
CA LYS D 302 11.67 46.99 -30.90
C LYS D 302 10.31 46.35 -30.68
N ILE D 303 10.29 45.09 -30.25
CA ILE D 303 9.04 44.39 -29.97
C ILE D 303 8.80 44.21 -28.47
N GLY D 304 9.72 44.70 -27.63
CA GLY D 304 9.56 44.59 -26.19
C GLY D 304 9.89 43.23 -25.61
N ALA D 305 10.76 42.46 -26.25
CA ALA D 305 10.97 41.08 -25.85
C ALA D 305 12.10 40.95 -24.84
N THR D 306 12.00 39.94 -24.00
CA THR D 306 13.09 39.61 -23.08
C THR D 306 14.06 38.65 -23.75
N VAL D 307 15.36 38.98 -23.69
CA VAL D 307 16.35 38.15 -24.35
C VAL D 307 16.70 36.96 -23.45
N ALA D 308 16.52 35.76 -24.01
CA ALA D 308 16.87 34.53 -23.32
C ALA D 308 17.83 33.75 -24.19
N CYS D 309 18.31 32.63 -23.67
CA CYS D 309 19.33 31.87 -24.38
C CYS D 309 19.21 30.39 -24.05
N THR D 310 19.98 29.59 -24.78
CA THR D 310 20.14 28.19 -24.46
C THR D 310 21.30 28.00 -23.49
N ARG D 311 21.56 26.75 -23.14
CA ARG D 311 22.66 26.43 -22.21
C ARG D 311 24.06 26.69 -22.76
N PRO D 312 24.34 26.61 -24.09
CA PRO D 312 25.61 27.19 -24.57
C PRO D 312 25.77 28.68 -24.31
N GLY D 313 24.68 29.44 -24.20
CA GLY D 313 24.78 30.83 -23.81
C GLY D 313 25.18 31.03 -22.36
N ILE D 314 24.85 30.08 -21.49
CA ILE D 314 25.23 30.17 -20.09
C ILE D 314 26.69 29.78 -19.90
N GLU D 315 27.15 28.75 -20.62
CA GLU D 315 28.52 28.28 -20.49
C GLU D 315 29.52 29.29 -21.03
N ALA D 316 29.12 30.11 -21.99
CA ALA D 316 29.98 31.20 -22.47
C ALA D 316 29.93 32.42 -21.56
N GLY D 317 29.02 32.43 -20.59
CA GLY D 317 28.90 33.55 -19.67
C GLY D 317 28.24 34.78 -20.23
N TRP D 318 27.47 34.64 -21.32
CA TRP D 318 26.86 35.81 -21.95
C TRP D 318 25.61 36.28 -21.21
N PHE D 319 24.98 35.39 -20.45
CA PHE D 319 23.71 35.70 -19.81
C PHE D 319 23.72 35.18 -18.37
N ASP D 320 22.81 35.75 -17.57
CA ASP D 320 22.59 35.22 -16.23
C ASP D 320 21.91 33.87 -16.31
N ALA D 321 22.12 33.04 -15.28
CA ALA D 321 21.59 31.67 -15.28
C ALA D 321 20.08 31.63 -15.12
N ARG D 322 19.50 32.77 -14.82
CA ARG D 322 18.04 32.83 -14.67
C ARG D 322 17.42 33.11 -16.03
N LEU D 323 18.24 33.36 -17.03
CA LEU D 323 17.76 33.61 -18.38
C LEU D 323 17.84 32.40 -19.30
N GLN D 324 18.04 31.21 -18.74
CA GLN D 324 18.11 30.00 -19.54
C GLN D 324 16.74 29.33 -19.63
N ILE D 325 16.35 28.97 -20.84
CA ILE D 325 15.06 28.29 -21.09
C ILE D 325 15.32 26.80 -21.21
N GLY D 326 14.57 26.02 -20.43
CA GLY D 326 14.57 24.58 -20.61
C GLY D 326 14.34 23.86 -19.30
N LEU D 327 14.73 22.58 -19.31
CA LEU D 327 14.56 21.74 -18.12
C LEU D 327 15.53 22.15 -17.02
N SER D 328 16.78 22.48 -17.37
CA SER D 328 17.76 23.00 -16.43
C SER D 328 17.59 24.50 -16.18
N GLY D 329 16.58 25.13 -16.76
CA GLY D 329 16.33 26.53 -16.57
C GLY D 329 14.86 26.82 -16.29
N ARG D 330 14.32 27.76 -17.06
CA ARG D 330 12.95 28.20 -16.87
C ARG D 330 12.02 27.52 -17.87
N THR D 331 10.86 27.08 -17.40
CA THR D 331 9.79 26.68 -18.29
C THR D 331 8.88 27.88 -18.55
N VAL D 332 8.77 28.27 -19.82
CA VAL D 332 8.12 29.52 -20.18
C VAL D 332 6.90 29.22 -21.04
N LYS D 333 5.92 30.12 -20.96
CA LYS D 333 4.76 30.12 -21.86
C LYS D 333 4.50 31.55 -22.31
N PRO D 334 5.29 32.09 -23.23
CA PRO D 334 5.03 33.44 -23.72
C PRO D 334 4.02 33.43 -24.85
N LYS D 335 3.56 34.63 -25.22
CA LYS D 335 2.66 34.74 -26.36
C LYS D 335 3.41 34.59 -27.68
N LEU D 336 4.70 34.92 -27.68
CA LEU D 336 5.52 34.86 -28.88
C LEU D 336 6.97 34.62 -28.49
N ILE D 337 7.56 33.57 -29.07
CA ILE D 337 8.98 33.29 -28.87
C ILE D 337 9.64 33.19 -30.24
N ILE D 338 10.80 33.83 -30.37
CA ILE D 338 11.56 33.86 -31.61
C ILE D 338 12.88 33.15 -31.34
N ALA D 339 13.03 31.93 -31.86
CA ALA D 339 14.26 31.17 -31.67
C ALA D 339 15.26 31.51 -32.77
N LEU D 340 16.44 31.97 -32.36
CA LEU D 340 17.47 32.43 -33.29
C LEU D 340 18.66 31.49 -33.19
N GLY D 341 18.88 30.69 -34.22
CA GLY D 341 19.98 29.75 -34.23
C GLY D 341 19.87 28.63 -33.23
N ILE D 342 18.67 28.13 -32.96
CA ILE D 342 18.46 27.10 -31.96
C ILE D 342 17.95 25.85 -32.65
N SER D 343 18.70 24.75 -32.52
CA SER D 343 18.15 23.46 -32.85
C SER D 343 17.26 22.99 -31.71
N GLY D 344 16.07 22.49 -32.05
CA GLY D 344 15.10 22.15 -31.03
C GLY D 344 15.41 20.89 -30.26
N ALA D 345 16.46 20.93 -29.45
CA ALA D 345 16.82 19.78 -28.63
C ALA D 345 15.78 19.58 -27.54
N VAL D 346 15.73 18.36 -27.00
CA VAL D 346 14.62 17.96 -26.14
C VAL D 346 14.72 18.62 -24.77
N GLN D 347 15.91 19.09 -24.39
CA GLN D 347 16.04 19.78 -23.11
C GLN D 347 15.62 21.23 -23.22
N PHE D 348 15.84 21.87 -24.37
CA PHE D 348 15.37 23.23 -24.58
C PHE D 348 13.88 23.25 -24.89
N ALA D 349 13.42 22.33 -25.75
CA ALA D 349 12.04 22.38 -26.24
C ALA D 349 11.04 21.98 -25.18
N ALA D 350 11.48 21.28 -24.12
CA ALA D 350 10.56 20.90 -23.06
C ALA D 350 10.16 22.10 -22.19
N GLY D 351 10.94 23.18 -22.23
CA GLY D 351 10.62 24.37 -21.49
C GLY D 351 9.91 25.45 -22.27
N MET D 352 9.66 25.24 -23.57
CA MET D 352 8.99 26.28 -24.36
C MET D 352 7.99 25.74 -25.36
N GLN D 353 7.59 24.46 -25.31
CA GLN D 353 6.72 23.91 -26.34
C GLN D 353 5.29 24.38 -26.20
N ASN D 354 4.89 24.84 -25.00
CA ASN D 354 3.54 25.34 -24.77
C ASN D 354 3.42 26.83 -25.07
N SER D 355 4.34 27.38 -25.85
CA SER D 355 4.20 28.76 -26.33
C SER D 355 3.06 28.84 -27.33
N GLU D 356 2.40 29.99 -27.38
CA GLU D 356 1.25 30.12 -28.28
C GLU D 356 1.68 30.41 -29.71
N TYR D 357 2.88 30.95 -29.91
CA TYR D 357 3.40 31.15 -31.25
C TYR D 357 4.92 31.06 -31.22
N ILE D 358 5.47 30.18 -32.05
CA ILE D 358 6.90 29.93 -32.09
C ILE D 358 7.46 30.26 -33.47
N ILE D 359 8.31 31.27 -33.56
CA ILE D 359 9.03 31.56 -34.79
C ILE D 359 10.45 31.03 -34.68
N ALA D 360 10.86 30.25 -35.67
CA ALA D 360 12.20 29.66 -35.66
C ALA D 360 12.98 30.13 -36.88
N ILE D 361 14.19 30.61 -36.64
CA ILE D 361 15.12 30.99 -37.70
C ILE D 361 16.35 30.12 -37.56
N ASN D 362 16.57 29.22 -38.53
CA ASN D 362 17.63 28.23 -38.44
C ASN D 362 18.14 27.91 -39.83
N SER D 363 19.46 27.74 -39.95
CA SER D 363 20.06 27.47 -41.26
C SER D 363 19.79 26.04 -41.72
N ASP D 364 19.73 25.10 -40.79
CA ASP D 364 19.50 23.69 -41.12
C ASP D 364 18.00 23.44 -41.20
N PRO D 365 17.47 23.03 -42.35
CA PRO D 365 16.03 22.76 -42.43
C PRO D 365 15.62 21.46 -41.75
N LYS D 366 16.58 20.62 -41.39
CA LYS D 366 16.29 19.38 -40.68
C LYS D 366 16.39 19.52 -39.17
N ALA D 367 16.37 20.74 -38.65
CA ALA D 367 16.45 20.95 -37.21
C ALA D 367 15.14 20.50 -36.54
N PRO D 368 15.20 19.99 -35.30
CA PRO D 368 13.97 19.57 -34.63
C PRO D 368 13.11 20.72 -34.12
N ILE D 369 13.57 21.96 -34.24
CA ILE D 369 12.75 23.11 -33.84
C ILE D 369 11.59 23.32 -34.82
N PHE D 370 11.73 22.84 -36.05
CA PHE D 370 10.69 23.07 -37.05
C PHE D 370 9.52 22.11 -36.89
N ASN D 371 9.66 21.09 -36.04
CA ASN D 371 8.55 20.19 -35.78
C ASN D 371 7.53 20.80 -34.84
N ILE D 372 7.93 21.84 -34.11
CA ILE D 372 7.03 22.52 -33.17
C ILE D 372 6.82 23.98 -33.51
N ALA D 373 7.61 24.56 -34.41
CA ALA D 373 7.49 25.97 -34.72
C ALA D 373 6.28 26.23 -35.61
N HIS D 374 5.49 27.24 -35.21
CA HIS D 374 4.35 27.64 -36.03
C HIS D 374 4.79 28.40 -37.27
N CYS D 375 5.95 29.05 -37.22
CA CYS D 375 6.49 29.72 -38.40
C CYS D 375 7.96 29.33 -38.52
N GLY D 376 8.26 28.46 -39.47
CA GLY D 376 9.62 27.96 -39.64
C GLY D 376 10.37 28.64 -40.77
N MET D 377 11.28 29.55 -40.42
CA MET D 377 12.06 30.23 -41.45
C MET D 377 13.45 29.62 -41.56
N VAL D 378 13.81 29.22 -42.78
CA VAL D 378 15.08 28.55 -43.04
C VAL D 378 16.02 29.57 -43.66
N GLY D 379 17.02 29.98 -42.89
CA GLY D 379 17.99 30.93 -43.39
C GLY D 379 18.91 31.42 -42.29
N ASP D 380 19.90 32.20 -42.69
CA ASP D 380 20.91 32.69 -41.76
C ASP D 380 20.43 33.95 -41.05
N LEU D 381 20.60 33.98 -39.72
CA LEU D 381 20.10 35.11 -38.93
C LEU D 381 21.00 36.34 -39.07
N TYR D 382 22.26 36.15 -39.46
CA TYR D 382 23.19 37.27 -39.51
C TYR D 382 22.91 38.18 -40.70
N GLU D 383 22.23 37.66 -41.71
CA GLU D 383 21.84 38.50 -42.85
C GLU D 383 20.39 38.96 -42.75
N ILE D 384 19.57 38.28 -41.94
CA ILE D 384 18.16 38.64 -41.87
C ILE D 384 17.95 39.80 -40.90
N LEU D 385 18.44 39.68 -39.67
CA LEU D 385 18.09 40.63 -38.60
C LEU D 385 18.66 42.05 -38.73
N PRO D 386 19.92 42.28 -39.13
CA PRO D 386 20.30 43.68 -39.40
C PRO D 386 19.61 44.26 -40.61
N GLU D 387 19.26 43.42 -41.59
CA GLU D 387 18.51 43.89 -42.75
C GLU D 387 17.05 44.13 -42.38
N LEU D 388 16.52 43.35 -41.43
CA LEU D 388 15.17 43.62 -40.92
C LEU D 388 15.15 44.84 -40.00
N LEU D 389 16.25 45.11 -39.31
CA LEU D 389 16.33 46.32 -38.49
C LEU D 389 16.39 47.57 -39.34
N THR D 390 16.93 47.49 -40.56
CA THR D 390 16.78 48.57 -41.52
C THR D 390 15.38 48.59 -42.12
N MET D 391 14.66 47.47 -42.10
CA MET D 391 13.26 47.49 -42.47
C MET D 391 12.39 47.99 -41.32
N ILE D 392 12.96 48.11 -40.12
CA ILE D 392 12.22 48.70 -39.01
C ILE D 392 12.18 50.22 -39.16
N GLU D 393 13.28 50.83 -39.64
CA GLU D 393 13.31 52.27 -39.85
C GLU D 393 12.68 52.67 -41.19
N GLY D 394 12.44 51.71 -42.07
CA GLY D 394 11.97 52.00 -43.42
C GLY D 394 10.54 52.47 -43.51
N PRO D 395 9.58 51.56 -43.29
CA PRO D 395 8.16 51.99 -43.28
C PRO D 395 7.80 52.92 -42.13
N GLU D 396 8.61 52.97 -41.08
CA GLU D 396 8.31 53.85 -39.95
C GLU D 396 8.81 55.28 -40.14
N ASN D 397 9.94 55.48 -40.83
CA ASN D 397 10.53 56.82 -40.86
C ASN D 397 10.87 57.34 -42.25
N ASN D 398 10.31 56.77 -43.31
CA ASN D 398 10.49 57.36 -44.64
C ASN D 398 9.36 58.33 -44.95
N MET E 1 -5.25 47.64 9.43
CA MET E 1 -5.02 48.09 10.83
C MET E 1 -6.18 47.60 11.71
N SER E 2 -5.86 46.99 12.85
CA SER E 2 -6.88 46.48 13.80
C SER E 2 -7.89 45.59 13.05
N LYS E 3 -9.01 46.19 12.61
CA LYS E 3 -10.07 45.43 11.89
C LYS E 3 -9.69 45.31 10.41
N ILE E 4 -9.60 44.09 9.90
CA ILE E 4 -9.25 43.84 8.47
C ILE E 4 -10.17 42.78 7.89
N LEU E 5 -10.87 43.10 6.79
CA LEU E 5 -11.76 42.15 6.14
C LEU E 5 -11.10 41.57 4.89
N VAL E 6 -11.20 40.26 4.72
CA VAL E 6 -10.65 39.59 3.55
C VAL E 6 -11.76 38.84 2.83
N CYS E 7 -12.05 39.24 1.59
CA CYS E 7 -13.04 38.53 0.80
C CYS E 7 -12.40 37.39 0.03
N ILE E 8 -12.82 36.16 0.36
CA ILE E 8 -12.28 34.96 -0.27
C ILE E 8 -13.42 34.21 -0.92
N LYS E 9 -13.09 33.44 -1.95
CA LYS E 9 -14.10 32.72 -2.73
C LYS E 9 -13.68 31.27 -2.89
N GLN E 10 -14.67 30.38 -2.94
CA GLN E 10 -14.40 29.01 -3.33
C GLN E 10 -14.55 28.86 -4.84
N VAL E 11 -13.53 28.27 -5.47
CA VAL E 11 -13.51 28.12 -6.93
C VAL E 11 -13.40 26.64 -7.24
N PRO E 12 -13.65 26.25 -8.49
CA PRO E 12 -13.25 24.91 -8.95
C PRO E 12 -11.77 24.65 -8.72
N GLY E 13 -11.46 23.42 -8.30
CA GLY E 13 -10.11 22.99 -8.01
C GLY E 13 -9.17 22.97 -9.19
N THR E 14 -9.69 22.93 -10.41
CA THR E 14 -8.86 23.12 -11.59
C THR E 14 -9.68 23.83 -12.67
N SER E 15 -8.99 24.60 -13.50
CA SER E 15 -9.67 25.36 -14.54
C SER E 15 -9.71 24.65 -15.88
N ASN E 16 -9.29 23.39 -15.95
CA ASN E 16 -9.34 22.63 -17.19
C ASN E 16 -10.79 22.25 -17.49
N VAL E 17 -11.47 23.12 -18.23
CA VAL E 17 -12.93 23.07 -18.34
C VAL E 17 -13.30 23.11 -19.81
N GLU E 18 -14.26 22.25 -20.18
CA GLU E 18 -14.81 22.16 -21.55
C GLU E 18 -16.33 22.01 -21.44
N VAL E 19 -17.09 22.51 -22.42
CA VAL E 19 -18.54 22.42 -22.36
C VAL E 19 -19.03 21.31 -23.28
N ASP E 20 -20.12 20.67 -22.87
CA ASP E 20 -20.81 19.75 -23.76
C ASP E 20 -21.50 20.59 -24.84
N PRO E 21 -21.41 20.20 -26.12
CA PRO E 21 -21.93 21.07 -27.20
C PRO E 21 -23.43 21.37 -27.16
N GLU E 22 -24.24 20.53 -26.51
CA GLU E 22 -25.64 20.89 -26.28
C GLU E 22 -26.11 20.47 -24.90
N THR E 23 -25.35 20.78 -23.86
CA THR E 23 -25.94 20.93 -22.54
C THR E 23 -26.07 22.40 -22.17
N GLY E 24 -25.07 23.21 -22.53
CA GLY E 24 -25.01 24.59 -22.10
C GLY E 24 -24.36 24.80 -20.75
N VAL E 25 -24.13 23.73 -19.99
CA VAL E 25 -23.47 23.77 -18.71
C VAL E 25 -22.14 23.04 -18.86
N LEU E 26 -21.20 23.68 -18.14
CA LEU E 26 -19.76 23.41 -18.00
C LEU E 26 -19.53 21.93 -17.75
N ILE E 27 -18.53 21.40 -18.43
CA ILE E 27 -18.13 19.99 -18.22
C ILE E 27 -17.04 20.01 -17.15
N ARG E 28 -17.38 20.29 -15.89
CA ARG E 28 -16.38 20.30 -14.79
C ARG E 28 -16.05 18.84 -14.42
N ASP E 29 -14.77 18.50 -14.38
CA ASP E 29 -14.33 17.10 -14.14
C ASP E 29 -14.78 16.55 -12.78
N GLY E 30 -14.69 17.34 -11.71
CA GLY E 30 -15.05 16.85 -10.37
C GLY E 30 -15.37 18.00 -9.46
N VAL E 31 -15.41 17.76 -8.15
CA VAL E 31 -15.63 18.93 -7.24
C VAL E 31 -14.70 18.81 -6.03
N GLU E 32 -13.40 18.96 -6.30
CA GLU E 32 -12.36 19.00 -5.24
C GLU E 32 -12.04 20.50 -5.16
N SER E 33 -13.07 21.30 -4.87
CA SER E 33 -12.98 22.75 -4.86
C SER E 33 -12.00 23.28 -3.81
N LYS E 34 -11.46 24.47 -4.08
CA LYS E 34 -10.38 25.04 -3.29
C LYS E 34 -10.60 26.53 -3.11
N LEU E 35 -9.81 27.13 -2.23
CA LEU E 35 -9.70 28.57 -2.19
C LEU E 35 -8.81 29.01 -3.35
N ASN E 36 -9.19 30.12 -3.99
CA ASN E 36 -8.51 30.54 -5.21
C ASN E 36 -7.12 31.09 -4.86
N PRO E 37 -6.12 30.86 -5.71
CA PRO E 37 -4.75 31.28 -5.37
C PRO E 37 -4.55 32.79 -5.35
N TYR E 38 -5.42 33.56 -6.01
CA TYR E 38 -5.28 35.01 -5.96
C TYR E 38 -5.75 35.57 -4.62
N ASP E 39 -6.60 34.83 -3.91
CA ASP E 39 -7.04 35.30 -2.59
C ASP E 39 -6.09 34.83 -1.50
N LEU E 40 -5.18 33.91 -1.82
CA LEU E 40 -4.12 33.56 -0.88
C LEU E 40 -3.13 34.70 -0.74
N PHE E 41 -2.94 35.49 -1.79
CA PHE E 41 -2.13 36.69 -1.67
C PHE E 41 -2.86 37.77 -0.88
N GLY E 42 -4.19 37.78 -0.94
CA GLY E 42 -4.96 38.71 -0.14
C GLY E 42 -5.00 38.32 1.32
N LEU E 43 -5.01 37.02 1.62
CA LEU E 43 -4.92 36.58 3.00
C LEU E 43 -3.54 36.83 3.58
N GLU E 44 -2.49 36.60 2.78
CA GLU E 44 -1.13 36.79 3.25
C GLU E 44 -0.81 38.26 3.46
N THR E 45 -1.39 39.15 2.66
CA THR E 45 -1.23 40.58 2.87
C THR E 45 -1.84 41.04 4.18
N ALA E 46 -2.95 40.41 4.59
CA ALA E 46 -3.55 40.71 5.89
C ALA E 46 -2.70 40.18 7.04
N PHE E 47 -2.02 39.06 6.82
CA PHE E 47 -1.21 38.46 7.89
C PHE E 47 0.04 39.29 8.18
N ARG E 48 0.62 39.90 7.15
CA ARG E 48 1.77 40.78 7.37
C ARG E 48 1.37 42.07 8.05
N LEU E 49 0.13 42.52 7.83
CA LEU E 49 -0.33 43.75 8.48
C LEU E 49 -0.75 43.48 9.92
N LYS E 50 -1.26 42.28 10.20
CA LYS E 50 -1.61 41.92 11.57
C LYS E 50 -0.36 41.71 12.42
N GLU E 51 0.74 41.27 11.81
CA GLU E 51 1.99 41.12 12.56
C GLU E 51 2.65 42.46 12.81
N GLN E 52 2.22 43.50 12.10
CA GLN E 52 2.80 44.83 12.29
C GLN E 52 1.90 45.72 13.13
N LEU E 53 0.58 45.56 13.03
CA LEU E 53 -0.36 46.44 13.70
C LEU E 53 -1.12 45.78 14.84
N GLY E 54 -1.32 44.47 14.81
CA GLY E 54 -1.85 43.76 15.96
C GLY E 54 -3.35 43.69 16.06
N GLY E 55 -4.08 43.96 14.98
CA GLY E 55 -5.53 43.93 15.03
C GLY E 55 -6.11 42.55 14.81
N THR E 56 -7.31 42.52 14.26
CA THR E 56 -7.97 41.26 13.95
C THR E 56 -8.22 41.13 12.45
N ILE E 57 -8.53 39.92 12.01
CA ILE E 57 -8.73 39.60 10.59
C ILE E 57 -10.04 38.84 10.46
N THR E 58 -10.96 39.38 9.66
CA THR E 58 -12.21 38.69 9.38
C THR E 58 -12.24 38.23 7.93
N THR E 59 -12.69 37.00 7.71
CA THR E 59 -12.85 36.48 6.36
C THR E 59 -14.33 36.46 5.98
N LEU E 60 -14.59 36.80 4.72
CA LEU E 60 -15.96 36.94 4.23
C LEU E 60 -16.08 36.19 2.90
N SER E 61 -17.15 35.41 2.78
CA SER E 61 -17.36 34.62 1.57
C SER E 61 -18.84 34.62 1.23
N MET E 62 -19.12 34.50 -0.07
CA MET E 62 -20.48 34.45 -0.57
C MET E 62 -20.61 33.23 -1.47
N GLY E 63 -21.53 32.34 -1.12
CA GLY E 63 -21.75 31.12 -1.88
C GLY E 63 -22.66 30.17 -1.14
N PRO E 64 -22.61 28.89 -1.49
CA PRO E 64 -23.42 27.91 -0.77
C PRO E 64 -22.81 27.54 0.57
N MET E 65 -23.41 26.54 1.22
CA MET E 65 -22.86 26.02 2.47
C MET E 65 -21.59 25.21 2.25
N GLN E 66 -21.30 24.83 1.00
CA GLN E 66 -20.02 24.18 0.69
C GLN E 66 -18.87 25.17 0.79
N SER E 67 -19.15 26.48 0.68
CA SER E 67 -18.11 27.50 0.80
C SER E 67 -17.67 27.74 2.24
N LYS E 68 -18.19 26.96 3.20
CA LYS E 68 -17.70 27.04 4.57
C LYS E 68 -16.33 26.39 4.72
N GLU E 69 -15.92 25.58 3.74
CA GLU E 69 -14.63 24.90 3.81
C GLU E 69 -13.46 25.85 3.59
N VAL E 70 -13.64 26.87 2.74
CA VAL E 70 -12.57 27.83 2.53
C VAL E 70 -12.54 28.85 3.66
N LEU E 71 -13.63 28.96 4.42
CA LEU E 71 -13.60 29.77 5.63
C LEU E 71 -12.86 29.06 6.75
N MET E 72 -13.00 27.74 6.83
CA MET E 72 -12.20 26.96 7.77
C MET E 72 -10.75 26.87 7.31
N GLU E 73 -10.52 26.90 6.00
CA GLU E 73 -9.15 26.85 5.46
C GLU E 73 -8.39 28.14 5.76
N SER E 74 -9.08 29.29 5.72
CA SER E 74 -8.45 30.55 6.10
C SER E 74 -8.18 30.61 7.60
N PHE E 75 -8.96 29.88 8.39
CA PHE E 75 -8.72 29.79 9.82
C PHE E 75 -7.42 29.06 10.13
N TYR E 76 -7.08 28.04 9.33
CA TYR E 76 -5.86 27.29 9.56
C TYR E 76 -4.63 28.09 9.16
N MET E 77 -4.79 29.09 8.30
CA MET E 77 -3.71 29.99 7.95
C MET E 77 -3.54 31.12 8.95
N GLY E 78 -4.54 31.40 9.78
CA GLY E 78 -4.42 32.39 10.83
C GLY E 78 -5.49 33.45 10.89
N ALA E 79 -6.66 33.22 10.27
CA ALA E 79 -7.74 34.18 10.39
C ALA E 79 -8.42 34.05 11.74
N ASP E 80 -9.02 35.14 12.21
CA ASP E 80 -9.57 35.16 13.56
C ASP E 80 -11.04 34.77 13.58
N GLU E 81 -11.83 35.27 12.65
CA GLU E 81 -13.24 34.91 12.56
C GLU E 81 -13.69 34.98 11.11
N GLY E 82 -14.79 34.29 10.83
CA GLY E 82 -15.28 34.20 9.47
C GLY E 82 -16.78 34.48 9.40
N CYS E 83 -17.27 34.60 8.18
CA CYS E 83 -18.69 34.90 7.95
C CYS E 83 -19.07 34.37 6.57
N LEU E 84 -20.05 33.47 6.54
CA LEU E 84 -20.62 33.04 5.28
C LEU E 84 -21.86 33.87 4.95
N LEU E 85 -22.14 34.00 3.66
CA LEU E 85 -23.29 34.73 3.16
C LEU E 85 -24.21 33.79 2.39
N SER E 86 -24.51 32.64 2.98
CA SER E 86 -25.25 31.61 2.28
C SER E 86 -26.74 31.88 2.32
N ASP E 87 -27.34 31.97 1.13
CA ASP E 87 -28.79 32.11 0.98
C ASP E 87 -29.16 31.69 -0.43
N ARG E 88 -30.38 31.19 -0.59
CA ARG E 88 -30.87 30.78 -1.90
C ARG E 88 -31.17 31.99 -2.78
N LYS E 89 -31.46 33.14 -2.18
CA LYS E 89 -31.80 34.33 -2.97
C LYS E 89 -30.57 35.06 -3.48
N PHE E 90 -29.37 34.61 -3.10
CA PHE E 90 -28.14 35.27 -3.52
C PHE E 90 -27.53 34.64 -4.77
N GLY E 91 -27.95 33.43 -5.15
CA GLY E 91 -27.35 32.73 -6.26
C GLY E 91 -27.69 33.34 -7.62
N GLY E 92 -26.94 32.92 -8.63
CA GLY E 92 -27.10 33.42 -9.97
C GLY E 92 -26.63 34.84 -10.18
N ALA E 93 -25.80 35.37 -9.30
CA ALA E 93 -25.46 36.78 -9.32
C ALA E 93 -24.29 37.05 -10.25
N ASP E 94 -24.31 38.23 -10.88
CA ASP E 94 -23.13 38.74 -11.57
C ASP E 94 -22.30 39.57 -10.60
N VAL E 95 -21.36 40.35 -11.15
CA VAL E 95 -20.46 41.18 -10.34
C VAL E 95 -21.23 42.25 -9.58
N VAL E 96 -22.24 42.86 -10.20
CA VAL E 96 -22.99 43.96 -9.57
C VAL E 96 -23.80 43.46 -8.39
N ALA E 97 -24.33 42.24 -8.46
CA ALA E 97 -25.11 41.72 -7.34
C ALA E 97 -24.23 41.02 -6.32
N THR E 98 -23.07 40.49 -6.74
CA THR E 98 -22.13 39.90 -5.78
C THR E 98 -21.46 40.98 -4.94
N SER E 99 -21.06 42.08 -5.56
CA SER E 99 -20.42 43.16 -4.81
C SER E 99 -21.42 43.95 -3.98
N TYR E 100 -22.72 43.78 -4.24
CA TYR E 100 -23.72 44.42 -3.40
C TYR E 100 -23.99 43.60 -2.15
N THR E 101 -24.09 42.27 -2.28
CA THR E 101 -24.34 41.45 -1.09
C THR E 101 -23.07 41.28 -0.26
N LEU E 102 -21.89 41.50 -0.86
CA LEU E 102 -20.66 41.50 -0.06
C LEU E 102 -20.51 42.82 0.69
N ALA E 103 -21.02 43.92 0.13
CA ALA E 103 -20.99 45.19 0.83
C ALA E 103 -22.09 45.28 1.87
N GLN E 104 -23.20 44.57 1.65
CA GLN E 104 -24.25 44.52 2.67
C GLN E 104 -23.85 43.65 3.84
N GLY E 105 -23.11 42.57 3.59
CA GLY E 105 -22.58 41.76 4.68
C GLY E 105 -21.44 42.43 5.42
N THR E 106 -20.78 43.40 4.78
CA THR E 106 -19.73 44.15 5.47
C THR E 106 -20.32 45.13 6.46
N LYS E 107 -21.41 45.81 6.09
CA LYS E 107 -22.05 46.76 7.00
C LYS E 107 -22.73 46.06 8.17
N ARG E 108 -23.13 44.80 7.98
CA ARG E 108 -23.70 44.03 9.08
C ARG E 108 -22.63 43.61 10.08
N LEU E 109 -21.42 43.37 9.60
CA LEU E 109 -20.31 42.93 10.46
C LEU E 109 -19.59 44.10 11.14
N GLY E 110 -20.04 45.33 10.94
CA GLY E 110 -19.41 46.47 11.57
C GLY E 110 -18.40 47.15 10.66
N ASP E 111 -17.66 48.08 11.25
CA ASP E 111 -16.68 48.84 10.50
C ASP E 111 -15.34 48.11 10.44
N PHE E 112 -14.66 48.26 9.31
CA PHE E 112 -13.34 47.70 9.10
C PHE E 112 -12.41 48.79 8.60
N ASP E 113 -11.17 48.78 9.06
CA ASP E 113 -10.20 49.78 8.60
C ASP E 113 -9.71 49.47 7.20
N LEU E 114 -9.78 48.21 6.78
CA LEU E 114 -9.22 47.82 5.50
C LEU E 114 -9.91 46.55 5.01
N ILE E 115 -10.36 46.57 3.76
CA ILE E 115 -10.90 45.39 3.10
C ILE E 115 -9.92 44.97 2.02
N ILE E 116 -9.50 43.70 2.05
CA ILE E 116 -8.50 43.17 1.13
C ILE E 116 -9.20 42.15 0.24
N CYS E 117 -9.43 42.53 -1.01
CA CYS E 117 -9.91 41.57 -2.00
C CYS E 117 -8.74 41.09 -2.85
N GLY E 118 -8.88 39.90 -3.43
CA GLY E 118 -7.87 39.41 -4.35
C GLY E 118 -7.98 40.06 -5.70
N LYS E 119 -7.03 39.71 -6.57
CA LYS E 119 -6.98 40.30 -7.91
C LYS E 119 -8.16 39.86 -8.76
N GLN E 120 -8.42 38.55 -8.81
CA GLN E 120 -9.51 38.00 -9.61
C GLN E 120 -9.81 36.60 -9.07
N THR E 121 -10.90 36.02 -9.57
CA THR E 121 -11.16 34.62 -9.32
C THR E 121 -10.56 33.78 -10.44
N THR E 122 -10.76 32.46 -10.36
CA THR E 122 -10.28 31.60 -11.44
C THR E 122 -11.41 31.05 -12.29
N ASP E 123 -12.67 31.32 -11.95
CA ASP E 123 -13.80 30.85 -12.74
C ASP E 123 -14.43 32.02 -13.50
N GLY E 124 -14.54 33.16 -12.85
CA GLY E 124 -15.09 34.34 -13.50
C GLY E 124 -14.08 35.18 -14.26
N ASP E 125 -12.88 35.38 -13.70
CA ASP E 125 -11.78 36.15 -14.29
C ASP E 125 -12.15 37.59 -14.62
N THR E 126 -13.17 38.16 -13.95
CA THR E 126 -13.60 39.49 -14.32
C THR E 126 -12.78 40.58 -13.62
N ALA E 127 -12.20 40.24 -12.47
CA ALA E 127 -11.31 41.09 -11.67
C ALA E 127 -11.95 42.42 -11.27
N GLN E 128 -13.26 42.44 -11.04
CA GLN E 128 -13.96 43.70 -10.84
C GLN E 128 -14.99 43.66 -9.73
N VAL E 129 -15.00 42.62 -8.89
CA VAL E 129 -15.88 42.62 -7.73
C VAL E 129 -15.37 43.62 -6.69
N GLY E 130 -14.05 43.66 -6.50
CA GLY E 130 -13.39 44.59 -5.60
C GLY E 130 -13.67 46.07 -5.80
N PRO E 131 -13.43 46.60 -7.02
CA PRO E 131 -13.79 48.02 -7.26
C PRO E 131 -15.28 48.30 -7.19
N GLU E 132 -16.14 47.33 -7.50
CA GLU E 132 -17.58 47.56 -7.38
C GLU E 132 -18.03 47.50 -5.93
N MET E 133 -17.37 46.68 -5.11
CA MET E 133 -17.73 46.57 -3.70
C MET E 133 -17.41 47.84 -2.93
N ALA E 134 -16.29 48.50 -3.25
CA ALA E 134 -15.92 49.72 -2.56
C ALA E 134 -16.79 50.89 -2.98
N GLU E 135 -17.47 50.79 -4.12
CA GLU E 135 -18.41 51.83 -4.52
C GLU E 135 -19.66 51.81 -3.66
N PHE E 136 -20.17 50.61 -3.36
CA PHE E 136 -21.33 50.50 -2.49
C PHE E 136 -21.00 50.84 -1.04
N LEU E 137 -19.76 50.61 -0.63
CA LEU E 137 -19.36 50.99 0.72
C LEU E 137 -19.02 52.47 0.82
N GLY E 138 -18.68 53.10 -0.31
CA GLY E 138 -18.31 54.50 -0.32
C GLY E 138 -16.89 54.79 0.09
N ILE E 139 -16.04 53.77 0.17
CA ILE E 139 -14.66 53.92 0.65
C ILE E 139 -13.73 54.09 -0.55
N PRO E 140 -12.56 54.70 -0.38
CA PRO E 140 -11.57 54.72 -1.47
C PRO E 140 -11.00 53.33 -1.74
N HIS E 141 -10.54 53.12 -2.97
CA HIS E 141 -9.97 51.83 -3.34
C HIS E 141 -8.78 52.02 -4.26
N VAL E 142 -7.82 51.10 -4.13
CA VAL E 142 -6.62 51.05 -4.95
C VAL E 142 -6.47 49.62 -5.44
N THR E 143 -6.39 49.44 -6.76
CA THR E 143 -6.24 48.10 -7.32
C THR E 143 -4.79 47.82 -7.69
N ASN E 144 -4.47 46.52 -7.81
CA ASN E 144 -3.17 46.02 -8.27
C ASN E 144 -2.01 46.49 -7.40
N VAL E 145 -2.06 46.15 -6.11
CA VAL E 145 -1.00 46.56 -5.20
C VAL E 145 0.07 45.48 -5.14
N ILE E 146 1.30 45.86 -5.50
CA ILE E 146 2.43 44.93 -5.48
C ILE E 146 3.29 45.09 -4.23
N LYS E 147 3.20 46.21 -3.53
CA LYS E 147 4.08 46.46 -2.40
C LYS E 147 3.42 47.44 -1.45
N ILE E 148 3.56 47.16 -0.16
CA ILE E 148 3.11 48.05 0.91
C ILE E 148 4.36 48.67 1.50
N LEU E 149 4.57 49.96 1.26
CA LEU E 149 5.80 50.61 1.73
C LEU E 149 5.70 51.00 3.20
N ALA E 150 4.55 51.52 3.62
CA ALA E 150 4.35 51.89 5.01
C ALA E 150 3.01 51.39 5.48
N ALA E 151 2.94 51.08 6.78
CA ALA E 151 1.77 50.45 7.38
C ALA E 151 1.41 51.21 8.67
N ASP E 152 1.28 52.52 8.54
CA ASP E 152 0.92 53.40 9.65
C ASP E 152 -0.47 53.05 10.19
N GLU E 153 -0.72 53.41 11.46
CA GLU E 153 -2.00 53.09 12.08
C GLU E 153 -3.14 53.95 11.51
N LYS E 154 -2.82 55.02 10.77
CA LYS E 154 -3.80 55.75 9.98
C LYS E 154 -3.37 55.76 8.51
N GLY E 155 -3.74 54.69 7.82
CA GLY E 155 -3.52 54.63 6.39
C GLY E 155 -2.31 53.81 5.97
N LEU E 156 -2.18 53.66 4.65
CA LEU E 156 -1.13 52.84 4.06
C LEU E 156 -0.44 53.61 2.95
N THR E 157 0.86 53.33 2.77
CA THR E 157 1.56 53.78 1.58
C THR E 157 1.77 52.60 0.64
N LEU E 158 1.13 52.69 -0.53
CA LEU E 158 1.03 51.54 -1.42
C LEU E 158 1.83 51.80 -2.68
N GLN E 159 2.12 50.72 -3.40
CA GLN E 159 2.76 50.77 -4.72
C GLN E 159 1.81 50.07 -5.69
N MET E 160 1.04 50.87 -6.44
CA MET E 160 0.12 50.35 -7.44
C MET E 160 0.84 50.36 -8.78
N ASN E 161 0.86 49.21 -9.46
CA ASN E 161 1.56 49.14 -10.74
C ASN E 161 0.60 49.30 -11.91
N MET E 162 1.12 49.86 -13.00
CA MET E 162 0.52 49.86 -14.32
C MET E 162 1.32 48.92 -15.21
N GLU E 163 1.04 48.96 -16.52
CA GLU E 163 1.82 48.14 -17.46
C GLU E 163 3.26 48.59 -17.53
N GLU E 164 3.55 49.87 -17.29
CA GLU E 164 4.89 50.40 -17.45
C GLU E 164 5.30 51.39 -16.37
N SER E 165 4.46 51.67 -15.37
CA SER E 165 4.84 52.62 -14.31
C SER E 165 4.47 52.04 -12.95
N LEU E 166 4.95 52.72 -11.90
CA LEU E 166 4.68 52.37 -10.50
C LEU E 166 4.14 53.60 -9.79
N GLU E 167 2.83 53.66 -9.59
CA GLU E 167 2.24 54.74 -8.81
C GLU E 167 2.38 54.46 -7.32
N ILE E 168 2.84 55.46 -6.57
CA ILE E 168 2.96 55.39 -5.13
C ILE E 168 1.91 56.31 -4.51
N GLN E 169 1.00 55.72 -3.73
CA GLN E 169 -0.13 56.45 -3.20
C GLN E 169 -0.14 56.34 -1.68
N ARG E 170 -0.75 57.34 -1.04
CA ARG E 170 -0.97 57.35 0.40
C ARG E 170 -2.48 57.41 0.61
N VAL E 171 -3.07 56.26 0.93
CA VAL E 171 -4.52 56.13 1.07
C VAL E 171 -4.84 55.97 2.56
N PRO E 172 -5.84 56.69 3.09
CA PRO E 172 -6.15 56.54 4.51
C PRO E 172 -7.25 55.51 4.75
N TYR E 173 -7.47 55.21 6.04
CA TYR E 173 -8.52 54.30 6.44
C TYR E 173 -9.85 55.06 6.57
N PRO E 174 -10.99 54.40 6.26
CA PRO E 174 -11.16 53.05 5.73
C PRO E 174 -11.00 53.00 4.21
N CYS E 175 -10.54 51.87 3.69
CA CYS E 175 -10.29 51.75 2.26
C CYS E 175 -10.28 50.28 1.86
N LEU E 176 -10.49 50.05 0.56
CA LEU E 176 -10.34 48.73 -0.01
C LEU E 176 -9.03 48.67 -0.79
N ILE E 177 -8.37 47.50 -0.75
CA ILE E 177 -7.22 47.26 -1.60
C ILE E 177 -7.44 45.96 -2.36
N THR E 178 -6.83 45.91 -3.54
CA THR E 178 -6.86 44.73 -4.40
C THR E 178 -5.40 44.40 -4.71
N VAL E 179 -4.87 43.38 -4.04
CA VAL E 179 -3.51 42.95 -4.32
C VAL E 179 -3.53 42.03 -5.53
N ASP E 180 -2.39 41.93 -6.21
CA ASP E 180 -2.27 41.09 -7.39
C ASP E 180 -1.34 39.92 -7.09
N LYS E 181 -0.98 39.19 -8.15
CA LYS E 181 -0.22 37.96 -8.02
C LYS E 181 1.21 38.24 -7.56
N ASP E 182 1.71 37.38 -6.66
CA ASP E 182 3.10 37.38 -6.17
C ASP E 182 3.47 38.68 -5.45
N ILE E 183 2.57 39.18 -4.60
CA ILE E 183 2.98 40.25 -3.69
C ILE E 183 3.78 39.68 -2.53
N TYR E 184 3.35 38.54 -1.99
CA TYR E 184 4.11 37.78 -1.01
C TYR E 184 3.95 36.31 -1.35
N THR E 185 4.69 35.47 -0.66
CA THR E 185 4.43 34.03 -0.72
C THR E 185 3.43 33.67 0.37
N PRO E 186 2.28 33.10 0.02
CA PRO E 186 1.26 32.79 1.03
C PRO E 186 1.68 31.64 1.91
N ARG E 187 1.43 31.76 3.20
CA ARG E 187 1.76 30.71 4.17
C ARG E 187 0.81 29.52 4.01
N LEU E 188 1.22 28.36 4.48
CA LEU E 188 0.44 27.15 4.31
C LEU E 188 -0.50 26.97 5.50
N PRO E 189 -1.63 26.28 5.29
CA PRO E 189 -2.54 26.02 6.42
C PRO E 189 -1.93 25.03 7.40
N SER E 190 -1.87 25.45 8.66
CA SER E 190 -1.23 24.65 9.69
C SER E 190 -2.17 23.55 10.19
N TYR E 191 -1.62 22.37 10.39
CA TYR E 191 -2.38 21.28 10.99
C TYR E 191 -2.46 21.43 12.50
N LYS E 192 -1.51 22.15 13.11
CA LYS E 192 -1.58 22.40 14.54
C LYS E 192 -2.72 23.34 14.89
N ARG E 193 -3.08 24.26 13.99
CA ARG E 193 -4.24 25.11 14.23
C ARG E 193 -5.53 24.36 13.96
N LYS E 194 -5.48 23.32 13.14
CA LYS E 194 -6.66 22.51 12.86
C LYS E 194 -7.09 21.69 14.06
N LEU E 195 -6.15 21.35 14.94
CA LEU E 195 -6.45 20.55 16.13
C LEU E 195 -6.73 21.39 17.36
N ASP E 196 -7.12 22.67 17.21
CA ASP E 196 -7.33 23.50 18.39
C ASP E 196 -8.64 23.14 19.09
N ILE E 197 -9.78 23.37 18.43
CA ILE E 197 -11.04 22.82 18.90
C ILE E 197 -11.59 21.95 17.77
N SER E 198 -11.99 22.61 16.69
CA SER E 198 -11.88 22.16 15.32
C SER E 198 -11.26 23.35 14.64
N LYS E 199 -11.75 24.52 15.07
CA LYS E 199 -11.04 25.79 15.15
C LYS E 199 -11.88 26.67 16.07
N ASN E 200 -11.23 27.57 16.82
CA ASN E 200 -11.86 28.37 17.88
C ASN E 200 -13.13 29.15 17.49
N PRO E 201 -13.12 29.94 16.28
CA PRO E 201 -14.11 30.99 15.38
C PRO E 201 -15.62 30.73 15.34
N GLU E 202 -16.04 29.58 14.79
CA GLU E 202 -17.47 29.18 14.60
C GLU E 202 -18.14 30.15 13.62
N ILE E 203 -17.96 29.90 12.33
CA ILE E 203 -18.48 30.72 11.19
C ILE E 203 -19.90 31.24 11.47
N LYS E 204 -20.09 32.55 11.32
CA LYS E 204 -21.42 33.20 11.53
C LYS E 204 -22.08 33.36 10.15
N ILE E 205 -23.17 32.63 9.91
CA ILE E 205 -23.88 32.66 8.60
C ILE E 205 -24.90 33.80 8.56
N LEU E 206 -24.99 34.49 7.42
CA LEU E 206 -25.94 35.56 7.19
C LEU E 206 -26.81 35.24 5.99
N THR E 207 -28.08 35.59 6.08
CA THR E 207 -29.05 35.44 5.00
C THR E 207 -29.57 36.82 4.62
N LEU E 208 -30.61 36.84 3.79
CA LEU E 208 -31.21 38.12 3.39
C LEU E 208 -31.96 38.77 4.54
N LYS E 209 -32.35 37.99 5.55
CA LYS E 209 -33.04 38.55 6.71
C LYS E 209 -32.09 39.37 7.59
N ASP E 210 -30.78 39.13 7.48
CA ASP E 210 -29.83 39.79 8.37
C ASP E 210 -29.32 41.11 7.79
N MET E 211 -29.50 41.32 6.49
CA MET E 211 -28.96 42.51 5.85
C MET E 211 -29.77 43.74 6.25
N TYR E 212 -29.12 44.91 6.18
CA TYR E 212 -29.80 46.16 6.49
C TYR E 212 -30.72 46.60 5.35
N ASP E 213 -30.50 46.09 4.14
CA ASP E 213 -31.42 46.27 3.03
C ASP E 213 -31.96 44.89 2.68
N THR E 214 -33.09 44.56 3.28
CA THR E 214 -33.70 43.24 3.12
C THR E 214 -34.76 43.29 2.04
N ASN E 215 -34.31 43.43 0.79
CA ASN E 215 -35.21 43.46 -0.36
C ASN E 215 -34.54 42.72 -1.50
N GLU E 216 -35.12 41.59 -1.91
CA GLU E 216 -34.46 40.69 -2.87
C GLU E 216 -34.44 41.17 -4.31
N LYS E 217 -34.84 42.39 -4.62
CA LYS E 217 -34.73 42.87 -5.99
C LYS E 217 -33.31 43.29 -6.33
N LYS E 218 -32.50 43.61 -5.31
CA LYS E 218 -31.13 44.04 -5.54
C LYS E 218 -30.12 42.91 -5.40
N TYR E 219 -30.55 41.70 -5.04
CA TYR E 219 -29.65 40.57 -4.88
C TYR E 219 -29.96 39.51 -5.92
N GLY E 220 -29.02 38.57 -6.07
CA GLY E 220 -29.18 37.39 -6.89
C GLY E 220 -29.31 37.68 -8.38
N LEU E 221 -30.17 36.87 -9.02
CA LEU E 221 -30.38 37.01 -10.46
C LEU E 221 -31.30 38.19 -10.78
N SER E 222 -32.08 38.64 -9.81
CA SER E 222 -33.00 39.75 -10.06
C SER E 222 -32.25 41.08 -10.14
N GLY E 223 -31.16 41.23 -9.39
CA GLY E 223 -30.35 42.41 -9.42
C GLY E 223 -29.17 42.35 -10.37
N SER E 224 -29.17 41.39 -11.29
CA SER E 224 -28.07 41.24 -12.24
C SER E 224 -28.43 41.90 -13.55
N PRO E 225 -27.69 42.92 -14.00
CA PRO E 225 -27.97 43.48 -15.33
C PRO E 225 -27.49 42.58 -16.46
N THR E 226 -26.42 41.82 -16.25
CA THR E 226 -25.89 40.92 -17.26
C THR E 226 -26.36 39.49 -17.02
N GLN E 227 -26.23 38.69 -18.07
CA GLN E 227 -26.51 37.26 -18.02
C GLN E 227 -25.75 36.59 -19.15
N VAL E 228 -25.37 35.34 -18.94
CA VAL E 228 -24.72 34.58 -20.00
C VAL E 228 -25.76 34.16 -21.04
N GLU E 229 -25.40 34.28 -22.31
CA GLU E 229 -26.26 33.79 -23.37
C GLU E 229 -25.86 32.39 -23.82
N ARG E 230 -24.57 32.18 -24.07
CA ARG E 230 -24.03 30.87 -24.41
C ARG E 230 -22.56 30.84 -24.07
N ILE E 231 -22.07 29.66 -23.75
CA ILE E 231 -20.65 29.42 -23.49
C ILE E 231 -20.15 28.34 -24.44
N PHE E 232 -18.97 28.54 -24.99
CA PHE E 232 -18.45 27.74 -26.08
C PHE E 232 -16.93 27.72 -26.01
N PRO E 233 -16.28 26.65 -26.48
CA PRO E 233 -14.83 26.60 -26.43
C PRO E 233 -14.22 27.59 -27.41
N PRO E 234 -13.05 28.13 -27.11
CA PRO E 234 -12.44 29.12 -28.00
C PRO E 234 -11.81 28.48 -29.23
N GLU E 235 -12.10 29.07 -30.38
CA GLU E 235 -11.59 28.48 -31.64
C GLU E 235 -10.13 28.88 -31.82
N SER E 236 -9.24 27.92 -31.71
CA SER E 236 -7.81 28.13 -31.92
C SER E 236 -7.32 27.19 -33.02
N ASN E 237 -6.36 27.67 -33.80
CA ASN E 237 -5.85 26.89 -34.92
C ASN E 237 -4.33 26.98 -35.01
N VAL E 238 -3.68 25.83 -35.17
CA VAL E 238 -2.24 25.79 -35.37
C VAL E 238 -1.95 25.63 -36.86
N GLU E 239 -1.25 26.60 -37.43
CA GLU E 239 -0.85 26.56 -38.84
C GLU E 239 0.68 26.55 -38.91
N LYS E 240 1.22 25.47 -39.47
CA LYS E 240 2.65 25.42 -39.73
C LYS E 240 2.97 25.99 -41.09
N THR E 241 3.68 27.13 -41.09
CA THR E 241 4.04 27.80 -42.33
C THR E 241 5.55 27.90 -42.41
N SER E 242 6.08 27.60 -43.59
CA SER E 242 7.52 27.62 -43.80
C SER E 242 7.86 28.76 -44.74
N PHE E 243 9.09 29.26 -44.62
CA PHE E 243 9.54 30.36 -45.45
C PHE E 243 10.99 30.15 -45.83
N GLU E 244 11.23 29.98 -47.13
CA GLU E 244 12.58 29.87 -47.66
C GLU E 244 12.79 30.94 -48.72
N GLY E 245 14.04 31.11 -49.10
CA GLY E 245 14.46 32.17 -49.99
C GLY E 245 15.08 33.29 -49.18
N ASP E 246 16.40 33.32 -49.12
CA ASP E 246 17.08 34.18 -48.17
C ASP E 246 17.33 35.57 -48.74
N GLY E 247 17.76 36.46 -47.87
CA GLY E 247 17.78 37.89 -48.14
C GLY E 247 16.74 38.61 -47.30
N LYS E 248 16.15 39.64 -47.89
CA LYS E 248 15.00 40.26 -47.23
C LYS E 248 13.68 39.69 -47.72
N VAL E 249 13.73 38.55 -48.41
CA VAL E 249 12.49 37.84 -48.73
C VAL E 249 11.90 37.22 -47.47
N LEU E 250 12.77 36.78 -46.55
CA LEU E 250 12.30 36.30 -45.25
C LEU E 250 12.04 37.47 -44.30
N ALA E 251 12.80 38.55 -44.45
CA ALA E 251 12.65 39.70 -43.56
C ALA E 251 11.36 40.47 -43.82
N LYS E 252 10.84 40.43 -45.04
CA LYS E 252 9.51 40.99 -45.28
C LYS E 252 8.43 40.08 -44.74
N ALA E 253 8.68 38.77 -44.73
CA ALA E 253 7.71 37.83 -44.20
C ALA E 253 7.72 37.85 -42.67
N LEU E 254 8.85 38.15 -42.05
CA LEU E 254 8.90 38.26 -40.60
C LEU E 254 8.32 39.57 -40.13
N LEU E 255 8.56 40.66 -40.88
CA LEU E 255 7.93 41.93 -40.55
C LEU E 255 6.45 41.92 -40.90
N GLY E 256 6.04 41.13 -41.89
CA GLY E 256 4.63 40.98 -42.19
C GLY E 256 3.87 40.22 -41.12
N ILE E 257 4.55 39.33 -40.39
CA ILE E 257 3.91 38.59 -39.32
C ILE E 257 3.91 39.38 -38.02
N LEU E 258 5.02 40.09 -37.74
CA LEU E 258 5.11 40.86 -36.50
C LEU E 258 4.20 42.10 -36.51
N THR E 259 3.86 42.60 -37.70
CA THR E 259 2.90 43.69 -37.77
C THR E 259 1.46 43.19 -37.78
N GLU E 260 1.24 41.95 -38.27
CA GLU E 260 -0.09 41.38 -38.19
C GLU E 260 -0.46 41.00 -36.76
N LYS E 261 0.54 40.69 -35.94
CA LYS E 261 0.32 40.47 -34.51
C LYS E 261 0.56 41.71 -33.68
N LYS E 262 0.68 42.87 -34.34
CA LYS E 262 0.74 44.20 -33.72
C LYS E 262 1.94 44.39 -32.80
N TYR E 263 3.06 43.71 -33.09
CA TYR E 263 4.29 43.99 -32.36
C TYR E 263 5.03 45.18 -32.95
N LEU E 264 4.79 45.46 -34.23
CA LEU E 264 5.38 46.58 -34.99
C LEU E 264 6.91 46.50 -35.00
N GLY E 265 7.42 45.35 -35.40
CA GLY E 265 8.85 45.11 -35.44
C GLY E 265 9.28 44.27 -36.63
N MET F 1 46.08 -0.60 -24.00
CA MET F 1 46.48 -1.95 -24.37
C MET F 1 45.84 -2.40 -25.69
N ASN F 2 46.70 -2.74 -26.67
CA ASN F 2 46.41 -3.41 -27.94
C ASN F 2 45.29 -2.78 -28.78
N TYR F 3 44.92 -1.52 -28.55
CA TYR F 3 43.75 -0.97 -29.21
C TYR F 3 44.10 -0.43 -30.59
N LYS F 4 43.39 -0.93 -31.60
CA LYS F 4 43.63 -0.48 -32.97
C LYS F 4 42.91 0.85 -33.21
N LYS F 5 43.66 1.81 -33.74
CA LYS F 5 43.08 3.10 -34.11
C LYS F 5 42.17 2.92 -35.33
N VAL F 6 41.07 3.68 -35.34
CA VAL F 6 40.15 3.59 -36.48
C VAL F 6 40.75 4.31 -37.67
N GLU F 7 40.92 3.59 -38.77
CA GLU F 7 41.49 4.14 -39.97
C GLU F 7 40.40 4.28 -41.02
N ALA F 8 40.79 4.75 -42.22
CA ALA F 8 39.82 5.03 -43.26
C ALA F 8 39.22 3.77 -43.85
N SER F 9 39.92 2.64 -43.76
CA SER F 9 39.34 1.37 -44.18
C SER F 9 38.28 0.89 -43.21
N ASP F 10 38.37 1.30 -41.94
CA ASP F 10 37.33 0.95 -40.99
C ASP F 10 36.10 1.83 -41.15
N ILE F 11 36.26 3.05 -41.68
CA ILE F 11 35.12 3.91 -41.97
C ILE F 11 34.30 3.33 -43.10
N ALA F 12 34.95 2.80 -44.14
CA ALA F 12 34.24 2.23 -45.27
C ALA F 12 33.53 0.94 -44.90
N ALA F 13 34.14 0.12 -44.06
CA ALA F 13 33.50 -1.14 -43.65
C ALA F 13 32.36 -0.90 -42.68
N ILE F 14 32.42 0.17 -41.90
CA ILE F 14 31.30 0.53 -41.03
C ILE F 14 30.14 1.09 -41.87
N LYS F 15 30.46 1.88 -42.89
CA LYS F 15 29.43 2.49 -43.73
C LYS F 15 28.77 1.49 -44.67
N GLU F 16 29.31 0.26 -44.77
CA GLU F 16 28.58 -0.80 -45.43
C GLU F 16 27.52 -1.40 -44.52
N LEU F 17 27.75 -1.41 -43.20
CA LEU F 17 26.78 -1.97 -42.27
C LEU F 17 25.72 -0.96 -41.88
N ILE F 18 26.10 0.31 -41.71
CA ILE F 18 25.19 1.36 -41.28
C ILE F 18 25.01 2.32 -42.45
N PRO F 19 23.81 2.87 -42.66
CA PRO F 19 23.67 4.00 -43.60
C PRO F 19 24.53 5.18 -43.19
N ALA F 20 25.07 5.86 -44.21
CA ALA F 20 26.12 6.85 -43.98
C ALA F 20 25.61 8.14 -43.35
N GLU F 21 24.30 8.36 -43.32
CA GLU F 21 23.76 9.54 -42.65
C GLU F 21 23.70 9.37 -41.15
N ARG F 22 23.91 8.16 -40.63
CA ARG F 22 23.98 7.92 -39.20
C ARG F 22 25.40 7.60 -38.73
N VAL F 23 26.40 7.83 -39.57
CA VAL F 23 27.79 7.66 -39.18
C VAL F 23 28.48 9.02 -39.25
N PHE F 24 29.14 9.39 -38.16
CA PHE F 24 29.80 10.68 -38.06
C PHE F 24 31.27 10.47 -37.74
N VAL F 25 32.14 11.13 -38.51
CA VAL F 25 33.58 10.93 -38.43
C VAL F 25 34.28 12.28 -38.37
N GLY F 26 35.06 12.48 -37.31
CA GLY F 26 36.03 13.57 -37.32
C GLY F 26 35.43 14.89 -36.90
N THR F 27 35.26 15.80 -37.86
CA THR F 27 34.82 17.15 -37.54
C THR F 27 33.31 17.25 -37.41
N GLU F 28 32.58 16.21 -37.82
CA GLU F 28 31.13 16.21 -37.69
C GLU F 28 30.65 15.45 -36.47
N ILE F 29 31.52 15.20 -35.49
CA ILE F 29 31.09 14.56 -34.25
C ILE F 29 30.26 15.52 -33.42
N GLY F 30 30.83 16.65 -33.04
CA GLY F 30 30.16 17.57 -32.12
C GLY F 30 30.78 17.53 -30.74
N GLU F 31 30.79 18.69 -30.09
CA GLU F 31 31.45 18.81 -28.79
C GLU F 31 30.63 18.16 -27.68
N ASP F 32 29.34 17.94 -27.91
CA ASP F 32 28.48 17.36 -26.87
C ASP F 32 28.77 15.88 -26.65
N PHE F 33 29.35 15.21 -27.64
CA PHE F 33 29.66 13.78 -27.50
C PHE F 33 31.05 13.53 -26.93
N SER F 34 31.81 14.58 -26.61
CA SER F 34 33.13 14.41 -26.02
C SER F 34 33.10 14.37 -24.50
N HIS F 35 31.94 14.62 -23.89
CA HIS F 35 31.84 14.66 -22.43
C HIS F 35 30.42 14.31 -22.02
N ASP F 36 30.23 14.21 -20.71
CA ASP F 36 28.93 14.17 -20.08
C ASP F 36 28.89 15.24 -18.98
N GLU F 37 27.90 15.16 -18.09
CA GLU F 37 27.68 16.22 -17.11
C GLU F 37 28.71 16.25 -15.99
N LEU F 38 29.69 15.35 -15.99
CA LEU F 38 30.81 15.48 -15.06
C LEU F 38 31.67 16.70 -15.39
N GLY F 39 32.07 16.84 -16.65
CA GLY F 39 32.74 18.04 -17.12
C GLY F 39 34.23 18.09 -16.90
N SER F 40 34.81 17.13 -16.17
CA SER F 40 36.25 17.15 -15.93
C SER F 40 37.01 16.49 -17.08
N ILE F 41 36.53 15.35 -17.56
CA ILE F 41 37.23 14.65 -18.64
C ILE F 41 36.57 14.93 -19.97
N HIS F 42 37.40 15.08 -21.01
CA HIS F 42 36.94 15.33 -22.37
C HIS F 42 37.72 14.41 -23.30
N SER F 43 36.98 13.67 -24.13
CA SER F 43 37.61 12.70 -25.03
C SER F 43 36.67 12.45 -26.19
N TYR F 44 37.15 12.69 -27.41
CA TYR F 44 36.34 12.49 -28.60
C TYR F 44 36.40 11.03 -29.04
N PRO F 45 35.31 10.45 -29.51
CA PRO F 45 35.41 9.16 -30.20
C PRO F 45 35.86 9.37 -31.64
N GLU F 46 36.34 8.29 -32.26
CA GLU F 46 36.75 8.40 -33.65
C GLU F 46 35.56 8.24 -34.60
N VAL F 47 34.61 7.36 -34.26
CA VAL F 47 33.38 7.19 -35.03
C VAL F 47 32.20 7.34 -34.07
N LEU F 48 31.20 8.11 -34.48
CA LEU F 48 29.92 8.16 -33.79
C LEU F 48 28.86 7.51 -34.67
N ILE F 49 28.23 6.45 -34.16
CA ILE F 49 27.21 5.70 -34.88
C ILE F 49 25.90 5.81 -34.13
N LYS F 50 24.86 6.29 -34.82
CA LYS F 50 23.52 6.35 -34.26
C LYS F 50 22.77 5.11 -34.71
N VAL F 51 22.73 4.10 -33.84
CA VAL F 51 22.14 2.82 -34.20
C VAL F 51 20.63 2.92 -34.14
N THR F 52 19.95 1.99 -34.82
CA THR F 52 18.49 1.98 -34.87
C THR F 52 17.88 0.62 -34.57
N SER F 53 18.68 -0.44 -34.49
CA SER F 53 18.13 -1.77 -34.28
C SER F 53 19.11 -2.62 -33.48
N THR F 54 18.61 -3.74 -32.97
CA THR F 54 19.46 -4.70 -32.27
C THR F 54 20.47 -5.33 -33.24
N GLU F 55 20.02 -5.65 -34.45
CA GLU F 55 20.89 -6.32 -35.41
C GLU F 55 21.93 -5.37 -35.98
N GLU F 56 21.68 -4.06 -35.93
CA GLU F 56 22.71 -3.10 -36.29
C GLU F 56 23.78 -3.00 -35.22
N VAL F 57 23.39 -3.12 -33.95
CA VAL F 57 24.35 -3.11 -32.85
C VAL F 57 25.22 -4.36 -32.89
N SER F 58 24.62 -5.51 -33.18
CA SER F 58 25.36 -6.77 -33.20
C SER F 58 26.34 -6.83 -34.38
N LYS F 59 26.04 -6.14 -35.48
CA LYS F 59 26.99 -6.09 -36.59
C LYS F 59 28.16 -5.16 -36.29
N ILE F 60 27.95 -4.13 -35.47
CA ILE F 60 29.05 -3.26 -35.08
C ILE F 60 29.93 -3.94 -34.04
N MET F 61 29.32 -4.63 -33.07
CA MET F 61 30.08 -5.34 -32.05
C MET F 61 30.83 -6.53 -32.64
N LYS F 62 30.33 -7.11 -33.73
CA LYS F 62 31.09 -8.14 -34.41
C LYS F 62 32.31 -7.57 -35.14
N TYR F 63 32.19 -6.35 -35.66
CA TYR F 63 33.30 -5.72 -36.35
C TYR F 63 34.37 -5.24 -35.37
N ALA F 64 33.95 -4.67 -34.24
CA ALA F 64 34.91 -4.16 -33.27
C ALA F 64 35.61 -5.27 -32.51
N TYR F 65 34.94 -6.41 -32.33
CA TYR F 65 35.60 -7.56 -31.71
C TYR F 65 36.63 -8.18 -32.65
N GLU F 66 36.34 -8.18 -33.95
CA GLU F 66 37.26 -8.74 -34.93
C GLU F 66 38.46 -7.83 -35.15
N HIS F 67 38.24 -6.50 -35.14
CA HIS F 67 39.30 -5.55 -35.44
C HIS F 67 39.83 -4.81 -34.22
N ASN F 68 39.44 -5.24 -33.01
CA ASN F 68 40.05 -4.81 -31.73
C ASN F 68 39.88 -3.32 -31.48
N ILE F 69 38.66 -2.83 -31.62
CA ILE F 69 38.35 -1.41 -31.48
C ILE F 69 37.46 -1.24 -30.25
N PRO F 70 37.78 -0.32 -29.33
CA PRO F 70 36.92 -0.15 -28.14
C PRO F 70 35.60 0.52 -28.49
N VAL F 71 34.57 0.19 -27.70
CA VAL F 71 33.20 0.63 -27.93
C VAL F 71 32.66 1.24 -26.64
N VAL F 72 32.10 2.44 -26.73
CA VAL F 72 31.42 3.10 -25.62
C VAL F 72 29.98 3.38 -26.05
N VAL F 73 29.03 2.90 -25.26
CA VAL F 73 27.63 3.20 -25.54
C VAL F 73 27.27 4.53 -24.87
N ARG F 74 26.39 5.31 -25.50
CA ARG F 74 25.98 6.59 -24.96
C ARG F 74 24.48 6.75 -25.09
N GLY F 75 23.84 7.25 -24.03
CA GLY F 75 22.45 7.60 -24.08
C GLY F 75 22.25 9.06 -24.39
N SER F 76 21.79 9.83 -23.39
CA SER F 76 21.65 11.27 -23.56
C SER F 76 22.88 12.04 -23.08
N GLY F 77 23.92 11.35 -22.62
CA GLY F 77 25.07 12.03 -22.06
C GLY F 77 24.82 12.72 -20.75
N THR F 78 24.03 12.11 -19.87
CA THR F 78 23.48 12.83 -18.72
C THR F 78 24.22 12.45 -17.42
N GLY F 79 24.85 11.29 -17.40
CA GLY F 79 25.43 10.77 -16.17
C GLY F 79 26.59 11.62 -15.67
N LEU F 80 26.80 11.59 -14.35
CA LEU F 80 27.61 12.60 -13.67
C LEU F 80 28.99 12.11 -13.28
N VAL F 81 29.40 10.91 -13.70
CA VAL F 81 30.63 10.30 -13.21
C VAL F 81 31.59 9.98 -14.35
N GLY F 82 31.34 10.48 -15.55
CA GLY F 82 32.23 10.20 -16.66
C GLY F 82 32.14 8.81 -17.22
N ALA F 83 30.96 8.18 -17.17
CA ALA F 83 30.85 6.77 -17.52
C ALA F 83 30.74 6.56 -19.01
N CYS F 84 30.17 7.51 -19.75
CA CYS F 84 30.00 7.37 -21.18
C CYS F 84 31.07 8.09 -21.99
N VAL F 85 32.20 8.43 -21.38
CA VAL F 85 33.24 9.19 -22.09
C VAL F 85 34.24 8.21 -22.72
N PRO F 86 34.47 8.28 -24.03
CA PRO F 86 35.39 7.34 -24.71
C PRO F 86 36.87 7.71 -24.57
N LEU F 87 37.47 7.24 -23.46
CA LEU F 87 38.84 7.59 -23.10
C LEU F 87 39.86 7.13 -24.12
N PHE F 88 39.60 6.02 -24.80
CA PHE F 88 40.51 5.52 -25.83
C PHE F 88 40.05 5.86 -27.24
N GLY F 89 38.83 6.41 -27.38
CA GLY F 89 38.39 6.97 -28.64
C GLY F 89 38.14 6.00 -29.76
N GLY F 90 37.28 5.02 -29.56
CA GLY F 90 36.93 4.07 -30.60
C GLY F 90 35.56 4.34 -31.18
N ILE F 91 34.74 3.31 -31.20
CA ILE F 91 33.36 3.45 -31.65
C ILE F 91 32.52 4.01 -30.51
N MET F 92 31.64 4.95 -30.84
CA MET F 92 30.64 5.42 -29.89
C MET F 92 29.26 5.06 -30.43
N LEU F 93 28.60 4.11 -29.77
CA LEU F 93 27.22 3.80 -30.11
C LEU F 93 26.28 4.77 -29.39
N GLU F 94 25.34 5.32 -30.15
CA GLU F 94 24.47 6.39 -29.67
C GLU F 94 23.04 5.95 -29.92
N THR F 95 22.22 5.93 -28.86
CA THR F 95 20.97 5.20 -28.91
C THR F 95 19.72 6.09 -28.95
N THR F 96 19.86 7.42 -29.08
CA THR F 96 18.66 8.25 -28.94
C THR F 96 17.77 8.22 -30.18
N LEU F 97 18.18 7.51 -31.23
CA LEU F 97 17.29 7.32 -32.38
C LEU F 97 16.38 6.10 -32.18
N MET F 98 16.70 5.24 -31.22
CA MET F 98 15.81 4.13 -30.86
C MET F 98 14.90 4.57 -29.72
N ASN F 99 14.02 5.51 -30.03
CA ASN F 99 13.09 6.05 -29.05
C ASN F 99 11.68 5.51 -29.21
N ASN F 100 11.53 4.27 -29.64
CA ASN F 100 10.19 3.72 -29.85
C ASN F 100 9.75 2.88 -28.65
N ILE F 101 8.51 3.10 -28.22
CA ILE F 101 7.87 2.25 -27.22
C ILE F 101 7.20 1.13 -27.98
N LEU F 102 7.73 -0.09 -27.82
CA LEU F 102 7.37 -1.18 -28.72
C LEU F 102 6.02 -1.79 -28.39
N GLU F 103 5.72 -2.01 -27.11
CA GLU F 103 4.51 -2.72 -26.73
C GLU F 103 4.12 -2.31 -25.32
N LEU F 104 2.82 -2.13 -25.12
CA LEU F 104 2.25 -1.92 -23.79
C LEU F 104 1.33 -3.09 -23.48
N ASP F 105 1.77 -3.98 -22.60
CA ASP F 105 0.98 -5.15 -22.20
C ASP F 105 0.16 -4.73 -20.98
N THR F 106 -1.15 -4.56 -21.19
CA THR F 106 -2.02 -4.17 -20.09
C THR F 106 -2.48 -5.38 -19.28
N GLU F 107 -2.25 -6.59 -19.78
CA GLU F 107 -2.58 -7.78 -19.01
C GLU F 107 -1.49 -8.11 -18.00
N ASN F 108 -0.23 -8.04 -18.42
CA ASN F 108 0.89 -8.33 -17.53
C ASN F 108 1.40 -7.10 -16.81
N LEU F 109 0.85 -5.91 -17.13
CA LEU F 109 1.32 -4.61 -16.64
C LEU F 109 2.81 -4.40 -16.90
N THR F 110 3.21 -4.63 -18.15
CA THR F 110 4.58 -4.40 -18.59
C THR F 110 4.58 -3.49 -19.80
N VAL F 111 5.73 -2.88 -20.06
CA VAL F 111 5.94 -2.06 -21.24
C VAL F 111 7.28 -2.45 -21.84
N THR F 112 7.31 -2.64 -23.16
CA THR F 112 8.56 -2.95 -23.83
C THR F 112 9.09 -1.72 -24.55
N VAL F 113 10.31 -1.31 -24.21
CA VAL F 113 10.86 -0.05 -24.68
C VAL F 113 12.17 -0.31 -25.41
N GLU F 114 12.52 0.60 -26.29
CA GLU F 114 13.82 0.58 -26.94
C GLU F 114 14.80 1.44 -26.15
N PRO F 115 16.10 1.15 -26.23
CA PRO F 115 17.08 2.02 -25.56
C PRO F 115 17.17 3.36 -26.27
N GLY F 116 16.81 4.40 -25.55
CA GLY F 116 16.69 5.72 -26.14
C GLY F 116 15.33 6.35 -25.96
N VAL F 117 14.34 5.59 -25.49
CA VAL F 117 13.12 6.19 -24.96
C VAL F 117 13.48 7.02 -23.75
N LEU F 118 13.13 8.29 -23.78
CA LEU F 118 13.43 9.16 -22.65
C LEU F 118 12.49 8.87 -21.49
N LEU F 119 12.94 9.21 -20.29
CA LEU F 119 12.13 9.00 -19.10
C LEU F 119 10.93 9.95 -19.07
N MET F 120 11.06 11.13 -19.68
CA MET F 120 9.96 12.07 -19.71
C MET F 120 8.85 11.62 -20.65
N GLU F 121 9.18 10.86 -21.70
CA GLU F 121 8.18 10.42 -22.65
C GLU F 121 7.66 9.02 -22.36
N LEU F 122 8.39 8.23 -21.57
CA LEU F 122 7.85 6.96 -21.10
C LEU F 122 6.82 7.18 -20.01
N SER F 123 7.15 8.01 -19.02
CA SER F 123 6.24 8.28 -17.91
C SER F 123 5.01 9.07 -18.37
N LYS F 124 5.15 9.85 -19.44
CA LYS F 124 3.96 10.48 -20.03
C LYS F 124 3.08 9.46 -20.75
N PHE F 125 3.70 8.47 -21.39
CA PHE F 125 2.95 7.48 -22.16
C PHE F 125 2.17 6.53 -21.26
N VAL F 126 2.78 6.06 -20.17
CA VAL F 126 2.11 5.07 -19.34
C VAL F 126 1.05 5.73 -18.46
N GLU F 127 1.19 7.02 -18.15
CA GLU F 127 0.20 7.70 -17.33
C GLU F 127 -1.02 8.13 -18.15
N GLU F 128 -0.93 8.11 -19.48
CA GLU F 128 -2.12 8.28 -20.30
C GLU F 128 -2.95 7.01 -20.31
N ASN F 129 -2.35 5.87 -19.99
CA ASN F 129 -3.04 4.59 -19.92
C ASN F 129 -3.34 4.16 -18.49
N ASP F 130 -3.31 5.10 -17.54
CA ASP F 130 -3.58 4.88 -16.12
C ASP F 130 -2.61 3.86 -15.52
N LEU F 131 -1.35 3.95 -15.94
CA LEU F 131 -0.28 3.13 -15.40
C LEU F 131 0.83 4.04 -14.89
N PHE F 132 1.83 3.44 -14.26
CA PHE F 132 2.78 4.17 -13.44
C PHE F 132 4.15 3.52 -13.51
N TYR F 133 5.17 4.29 -13.91
CA TYR F 133 6.55 3.86 -13.82
C TYR F 133 7.18 4.54 -12.61
N PRO F 134 7.43 3.81 -11.53
CA PRO F 134 7.76 4.44 -10.23
C PRO F 134 9.15 5.08 -10.14
N PRO F 135 10.24 4.55 -10.74
CA PRO F 135 11.53 5.25 -10.55
C PRO F 135 11.58 6.63 -11.19
N ASP F 136 11.97 7.62 -10.41
CA ASP F 136 12.04 9.02 -10.84
C ASP F 136 13.41 9.62 -10.55
N PRO F 137 14.39 9.41 -11.44
CA PRO F 137 15.60 10.23 -11.39
C PRO F 137 15.30 11.70 -11.66
N GLY F 138 16.16 12.57 -11.14
CA GLY F 138 15.96 14.00 -11.22
C GLY F 138 15.97 14.60 -12.60
N GLU F 139 16.69 13.99 -13.54
CA GLU F 139 16.70 14.45 -14.93
C GLU F 139 15.79 13.54 -15.74
N LYS F 140 14.76 14.13 -16.35
CA LYS F 140 13.78 13.36 -17.09
C LYS F 140 14.17 13.12 -18.55
N SER F 141 15.23 13.78 -19.04
CA SER F 141 15.69 13.56 -20.40
C SER F 141 16.67 12.39 -20.51
N ALA F 142 16.76 11.55 -19.49
CA ALA F 142 17.68 10.44 -19.50
C ALA F 142 17.11 9.26 -20.28
N THR F 143 17.99 8.54 -20.97
CA THR F 143 17.63 7.30 -21.64
C THR F 143 17.29 6.23 -20.60
N ILE F 144 16.23 5.45 -20.89
CA ILE F 144 15.79 4.38 -20.00
C ILE F 144 16.89 3.34 -19.80
N ALA F 145 17.59 2.97 -20.88
CA ALA F 145 18.71 2.05 -20.74
C ALA F 145 19.90 2.69 -20.04
N GLY F 146 19.97 4.02 -20.05
CA GLY F 146 20.93 4.70 -19.19
C GLY F 146 20.55 4.64 -17.74
N ASN F 147 19.24 4.62 -17.44
CA ASN F 147 18.79 4.43 -16.07
C ASN F 147 19.01 3.00 -15.59
N ILE F 148 18.89 2.03 -16.49
CA ILE F 148 19.14 0.64 -16.15
C ILE F 148 20.63 0.40 -15.94
N SER F 149 21.48 0.99 -16.79
CA SER F 149 22.91 0.76 -16.70
C SER F 149 23.53 1.44 -15.50
N THR F 150 22.90 2.49 -14.98
CA THR F 150 23.42 3.17 -13.81
C THR F 150 22.70 2.82 -12.53
N ASN F 151 21.64 1.99 -12.62
CA ASN F 151 20.69 1.71 -11.54
C ASN F 151 20.17 3.01 -10.92
N ALA F 152 19.54 3.81 -11.77
CA ALA F 152 19.18 5.17 -11.37
C ALA F 152 17.95 5.16 -10.47
N GLY F 153 18.08 5.79 -9.31
CA GLY F 153 16.99 5.89 -8.37
C GLY F 153 16.74 7.34 -8.02
N GLY F 154 15.66 7.57 -7.29
CA GLY F 154 15.29 8.94 -7.01
C GLY F 154 14.48 9.16 -5.76
N MET F 155 13.45 9.99 -5.89
CA MET F 155 12.69 10.47 -4.74
C MET F 155 11.76 9.39 -4.18
N ARG F 156 11.20 8.53 -5.04
CA ARG F 156 10.21 7.56 -4.64
C ARG F 156 10.81 6.24 -4.16
N ALA F 157 12.10 6.20 -3.82
CA ALA F 157 12.74 4.93 -3.50
C ALA F 157 12.40 4.45 -2.10
N VAL F 158 11.85 5.32 -1.26
CA VAL F 158 11.47 4.91 0.09
C VAL F 158 10.23 4.02 0.05
N LYS F 159 9.34 4.24 -0.91
CA LYS F 159 8.13 3.45 -1.05
C LYS F 159 8.23 2.44 -2.18
N TYR F 160 8.82 2.83 -3.31
CA TYR F 160 8.76 2.04 -4.52
C TYR F 160 10.07 1.41 -4.93
N GLY F 161 11.20 1.97 -4.53
CA GLY F 161 12.48 1.42 -4.94
C GLY F 161 13.10 2.13 -6.12
N VAL F 162 14.02 1.41 -6.76
CA VAL F 162 14.85 1.97 -7.83
C VAL F 162 14.59 1.21 -9.12
N THR F 163 15.35 1.56 -10.17
CA THR F 163 15.18 0.97 -11.50
C THR F 163 15.38 -0.55 -11.50
N ARG F 164 16.21 -1.07 -10.60
CA ARG F 164 16.46 -2.51 -10.51
C ARG F 164 15.20 -3.30 -10.17
N ASP F 165 14.30 -2.71 -9.38
CA ASP F 165 13.10 -3.43 -8.97
C ASP F 165 12.05 -3.49 -10.07
N TYR F 166 12.26 -2.81 -11.18
CA TYR F 166 11.26 -2.73 -12.24
C TYR F 166 11.78 -3.15 -13.61
N VAL F 167 12.94 -3.80 -13.68
CA VAL F 167 13.44 -4.34 -14.95
C VAL F 167 13.00 -5.81 -14.98
N ARG F 168 12.12 -6.14 -15.92
CA ARG F 168 11.64 -7.51 -16.01
C ARG F 168 12.47 -8.34 -16.97
N GLY F 169 12.88 -7.75 -18.09
CA GLY F 169 13.67 -8.48 -19.07
C GLY F 169 14.55 -7.53 -19.84
N LEU F 170 15.62 -8.08 -20.40
CA LEU F 170 16.57 -7.31 -21.19
C LEU F 170 17.00 -8.15 -22.39
N THR F 171 17.17 -7.49 -23.53
CA THR F 171 17.84 -8.07 -24.69
C THR F 171 19.17 -7.33 -24.83
N VAL F 172 20.25 -8.05 -24.58
CA VAL F 172 21.58 -7.44 -24.58
C VAL F 172 22.39 -8.01 -25.72
N VAL F 173 23.38 -7.22 -26.16
CA VAL F 173 24.34 -7.65 -27.16
C VAL F 173 25.71 -7.67 -26.52
N LEU F 174 26.38 -8.82 -26.56
CA LEU F 174 27.69 -8.94 -25.94
C LEU F 174 28.76 -8.31 -26.84
N ALA F 175 30.00 -8.36 -26.36
CA ALA F 175 31.11 -7.72 -27.06
C ALA F 175 31.47 -8.43 -28.36
N ASN F 176 31.17 -9.72 -28.47
CA ASN F 176 31.43 -10.45 -29.70
C ASN F 176 30.26 -10.43 -30.68
N GLY F 177 29.16 -9.76 -30.31
CA GLY F 177 28.01 -9.66 -31.18
C GLY F 177 26.88 -10.62 -30.89
N GLU F 178 26.98 -11.41 -29.83
CA GLU F 178 25.94 -12.37 -29.52
C GLU F 178 24.75 -11.68 -28.87
N ILE F 179 23.55 -12.02 -29.34
CA ILE F 179 22.32 -11.44 -28.80
C ILE F 179 21.76 -12.36 -27.73
N ILE F 180 21.55 -11.80 -26.53
CA ILE F 180 21.11 -12.59 -25.38
C ILE F 180 19.84 -11.99 -24.80
N GLU F 181 18.80 -12.82 -24.67
CA GLU F 181 17.62 -12.42 -23.92
C GLU F 181 17.73 -12.90 -22.48
N LEU F 182 17.46 -12.00 -21.54
CA LEU F 182 17.81 -12.24 -20.15
C LEU F 182 16.62 -12.56 -19.26
N GLY F 183 15.53 -11.81 -19.35
CA GLY F 183 14.39 -12.06 -18.49
C GLY F 183 13.13 -12.47 -19.22
N GLY F 184 12.15 -11.58 -19.23
CA GLY F 184 10.89 -11.86 -19.90
C GLY F 184 9.76 -11.10 -19.23
N LYS F 185 8.54 -11.49 -19.61
CA LYS F 185 7.34 -10.91 -18.99
C LYS F 185 6.90 -11.70 -17.76
N ILE F 186 7.75 -12.60 -17.25
CA ILE F 186 7.45 -13.36 -16.05
C ILE F 186 7.55 -12.47 -14.82
N VAL F 187 7.08 -12.99 -13.69
CA VAL F 187 7.24 -12.26 -12.43
C VAL F 187 8.28 -12.93 -11.54
N LYS F 188 8.25 -14.25 -11.43
CA LYS F 188 9.18 -14.98 -10.60
C LYS F 188 10.32 -15.54 -11.44
N ASN F 189 11.52 -15.54 -10.87
CA ASN F 189 12.71 -16.00 -11.59
C ASN F 189 13.62 -16.71 -10.60
N SER F 190 13.86 -18.00 -10.87
CA SER F 190 14.86 -18.77 -10.12
C SER F 190 15.62 -19.72 -11.04
N SER F 191 15.81 -19.36 -12.30
CA SER F 191 16.42 -20.25 -13.29
C SER F 191 17.82 -19.76 -13.60
N GLY F 192 18.80 -20.27 -12.86
CA GLY F 192 20.18 -19.95 -13.13
C GLY F 192 20.63 -18.69 -12.41
N TYR F 193 21.82 -18.23 -12.80
CA TYR F 193 22.35 -16.99 -12.25
C TYR F 193 21.62 -15.80 -12.84
N SER F 194 21.36 -14.79 -12.00
CA SER F 194 20.67 -13.59 -12.46
C SER F 194 21.67 -12.72 -13.21
N LEU F 195 21.81 -13.02 -14.52
CA LEU F 195 22.66 -12.20 -15.37
C LEU F 195 22.02 -10.84 -15.63
N LYS F 196 20.69 -10.77 -15.56
CA LYS F 196 19.98 -9.50 -15.72
C LYS F 196 20.34 -8.52 -14.61
N ASP F 197 20.52 -9.02 -13.39
CA ASP F 197 20.88 -8.15 -12.27
C ASP F 197 22.35 -7.74 -12.29
N LEU F 198 23.18 -8.39 -13.12
CA LEU F 198 24.54 -7.91 -13.31
C LEU F 198 24.58 -6.74 -14.29
N VAL F 199 23.69 -6.75 -15.28
CA VAL F 199 23.64 -5.68 -16.27
C VAL F 199 23.10 -4.41 -15.64
N ILE F 200 22.15 -4.53 -14.71
CA ILE F 200 21.65 -3.37 -13.98
C ILE F 200 22.74 -2.86 -13.05
N GLY F 201 23.29 -1.69 -13.36
CA GLY F 201 24.36 -1.12 -12.60
C GLY F 201 25.75 -1.31 -13.19
N SER F 202 25.85 -1.90 -14.38
CA SER F 202 27.15 -2.21 -14.96
C SER F 202 27.74 -1.07 -15.77
N GLU F 203 26.93 -0.07 -16.14
CA GLU F 203 27.35 1.17 -16.81
C GLU F 203 28.01 0.89 -18.16
N GLY F 204 27.43 -0.01 -18.93
CA GLY F 204 27.89 -0.30 -20.27
C GLY F 204 29.21 -1.02 -20.37
N THR F 205 29.69 -1.62 -19.29
CA THR F 205 30.97 -2.30 -19.29
C THR F 205 30.86 -3.80 -19.61
N LEU F 206 29.64 -4.33 -19.67
CA LEU F 206 29.42 -5.75 -19.92
C LEU F 206 28.76 -6.03 -21.26
N CYS F 207 27.73 -5.26 -21.63
CA CYS F 207 26.98 -5.53 -22.84
C CYS F 207 26.23 -4.27 -23.26
N VAL F 208 25.57 -4.36 -24.40
CA VAL F 208 24.77 -3.25 -24.91
C VAL F 208 23.29 -3.63 -24.85
N ILE F 209 22.55 -2.91 -24.00
CA ILE F 209 21.11 -3.15 -23.86
C ILE F 209 20.41 -2.66 -25.12
N THR F 210 19.67 -3.55 -25.76
CA THR F 210 18.97 -3.23 -27.01
C THR F 210 17.46 -3.39 -26.90
N LYS F 211 16.95 -3.82 -25.75
CA LYS F 211 15.51 -3.87 -25.46
C LYS F 211 15.34 -4.04 -23.96
N ALA F 212 14.24 -3.50 -23.44
CA ALA F 212 13.96 -3.60 -22.02
C ALA F 212 12.47 -3.80 -21.82
N ILE F 213 12.13 -4.65 -20.85
CA ILE F 213 10.75 -4.89 -20.45
C ILE F 213 10.61 -4.36 -19.03
N LEU F 214 9.76 -3.35 -18.85
CA LEU F 214 9.68 -2.68 -17.56
C LEU F 214 8.36 -2.97 -16.86
N LYS F 215 8.44 -3.27 -15.56
CA LYS F 215 7.25 -3.52 -14.76
C LYS F 215 6.56 -2.21 -14.40
N LEU F 216 5.24 -2.17 -14.59
CA LEU F 216 4.44 -1.00 -14.29
C LEU F 216 3.50 -1.29 -13.14
N LEU F 217 3.07 -0.22 -12.48
CA LEU F 217 2.09 -0.26 -11.41
C LEU F 217 0.84 0.49 -11.85
N PRO F 218 -0.30 0.23 -11.23
CA PRO F 218 -1.47 1.09 -11.44
C PRO F 218 -1.25 2.47 -10.84
N LEU F 219 -1.69 3.48 -11.57
CA LEU F 219 -1.37 4.87 -11.23
C LEU F 219 -2.25 5.35 -10.07
N PRO F 220 -1.66 5.91 -9.02
CA PRO F 220 -2.47 6.51 -7.95
C PRO F 220 -3.04 7.85 -8.40
N LYS F 221 -4.25 8.14 -7.94
CA LYS F 221 -4.96 9.34 -8.35
C LYS F 221 -4.60 10.55 -7.48
N MET F 222 -4.85 10.45 -6.18
CA MET F 222 -4.63 11.58 -5.29
C MET F 222 -3.16 11.65 -4.87
N THR F 223 -2.75 12.86 -4.45
CA THR F 223 -1.40 13.10 -3.98
C THR F 223 -1.44 14.29 -3.03
N LEU F 224 -0.88 14.11 -1.84
CA LEU F 224 -0.84 15.18 -0.85
C LEU F 224 0.54 15.20 -0.21
N SER F 225 1.02 16.41 0.07
CA SER F 225 2.34 16.62 0.64
C SER F 225 2.21 17.27 2.02
N LEU F 226 3.19 17.00 2.87
CA LEU F 226 3.28 17.61 4.19
C LEU F 226 4.63 18.27 4.38
N LEU F 227 4.62 19.47 4.96
CA LEU F 227 5.83 20.21 5.28
C LEU F 227 5.94 20.37 6.79
N ILE F 228 6.98 19.78 7.38
CA ILE F 228 7.12 19.70 8.83
C ILE F 228 8.41 20.40 9.21
N PRO F 229 8.33 21.57 9.87
CA PRO F 229 9.53 22.22 10.38
C PRO F 229 10.10 21.53 11.60
N PHE F 230 11.41 21.64 11.78
CA PHE F 230 12.09 21.10 12.93
C PHE F 230 13.13 22.11 13.42
N GLU F 231 13.68 21.85 14.60
CA GLU F 231 14.69 22.74 15.17
C GLU F 231 16.05 22.54 14.50
N ASN F 232 16.42 21.29 14.24
CA ASN F 232 17.71 21.01 13.61
C ASN F 232 17.56 19.74 12.78
N ILE F 233 18.67 19.36 12.11
CA ILE F 233 18.63 18.22 11.20
C ILE F 233 18.63 16.90 11.98
N SER F 234 19.02 16.94 13.26
CA SER F 234 18.98 15.72 14.07
C SER F 234 17.56 15.33 14.44
N ASP F 235 16.72 16.33 14.73
CA ASP F 235 15.31 16.05 15.00
C ASP F 235 14.56 15.68 13.72
N ALA F 236 14.99 16.22 12.58
CA ALA F 236 14.31 15.96 11.32
C ALA F 236 14.58 14.56 10.80
N ALA F 237 15.84 14.09 10.90
CA ALA F 237 16.17 12.75 10.41
C ALA F 237 15.70 11.66 11.37
N GLY F 238 15.53 12.00 12.66
CA GLY F 238 15.12 11.01 13.64
C GLY F 238 13.66 10.65 13.62
N ILE F 239 12.83 11.42 12.93
CA ILE F 239 11.40 11.14 12.90
C ILE F 239 11.09 10.10 11.83
N VAL F 240 12.04 9.80 10.95
CA VAL F 240 11.79 8.91 9.81
C VAL F 240 11.54 7.45 10.21
N PRO F 241 12.28 6.85 11.17
CA PRO F 241 11.86 5.51 11.63
C PRO F 241 10.51 5.46 12.31
N LYS F 242 10.07 6.54 12.95
CA LYS F 242 8.74 6.54 13.57
C LYS F 242 7.64 6.67 12.53
N ILE F 243 7.92 7.38 11.42
CA ILE F 243 6.91 7.57 10.38
C ILE F 243 6.64 6.26 9.65
N ILE F 244 7.70 5.52 9.32
CA ILE F 244 7.56 4.28 8.56
C ILE F 244 6.93 3.19 9.42
N LYS F 245 7.28 3.14 10.72
CA LYS F 245 6.71 2.15 11.62
C LYS F 245 5.26 2.43 11.99
N SER F 246 4.71 3.60 11.63
CA SER F 246 3.30 3.89 11.81
C SER F 246 2.44 3.40 10.64
N LYS F 247 3.04 2.67 9.70
CA LYS F 247 2.41 2.00 8.55
C LYS F 247 1.78 2.97 7.55
N ALA F 248 2.01 4.28 7.69
CA ALA F 248 1.61 5.24 6.67
C ALA F 248 2.87 5.63 5.90
N ILE F 249 3.18 4.82 4.89
CA ILE F 249 4.46 4.96 4.18
C ILE F 249 4.36 6.13 3.20
N PRO F 250 5.23 7.13 3.31
CA PRO F 250 5.19 8.24 2.35
C PRO F 250 5.82 7.85 1.03
N THR F 251 5.38 8.52 -0.03
CA THR F 251 5.98 8.32 -1.34
C THR F 251 7.38 8.92 -1.40
N ALA F 252 7.58 10.09 -0.79
CA ALA F 252 8.87 10.75 -0.77
C ALA F 252 9.11 11.32 0.60
N ILE F 253 10.35 11.21 1.08
CA ILE F 253 10.79 11.82 2.33
C ILE F 253 12.05 12.62 2.03
N GLU F 254 11.96 13.95 2.08
CA GLU F 254 13.07 14.82 1.73
C GLU F 254 13.41 15.70 2.90
N PHE F 255 14.69 15.74 3.28
CA PHE F 255 15.13 16.73 4.23
C PHE F 255 15.78 17.90 3.49
N MET F 256 15.51 19.11 3.99
CA MET F 256 16.13 20.31 3.43
C MET F 256 16.42 21.25 4.60
N GLU F 257 17.66 21.71 4.67
CA GLU F 257 18.00 22.70 5.70
C GLU F 257 17.75 24.11 5.17
N ARG F 258 17.83 25.08 6.07
CA ARG F 258 17.49 26.46 5.73
C ARG F 258 18.51 27.07 4.78
N GLN F 259 19.77 26.64 4.86
CA GLN F 259 20.83 27.19 4.02
C GLN F 259 20.64 26.81 2.55
N THR F 260 20.16 25.60 2.29
CA THR F 260 19.89 25.19 0.91
C THR F 260 18.64 25.87 0.36
N ILE F 261 17.66 26.14 1.21
CA ILE F 261 16.42 26.80 0.80
C ILE F 261 16.68 28.26 0.41
N LEU F 262 17.64 28.91 1.08
CA LEU F 262 17.99 30.28 0.76
C LEU F 262 18.63 30.41 -0.63
N PHE F 263 19.25 29.34 -1.12
CA PHE F 263 19.72 29.33 -2.50
C PHE F 263 18.57 29.30 -3.50
N ALA F 264 17.54 28.48 -3.22
CA ALA F 264 16.43 28.34 -4.15
C ALA F 264 15.53 29.57 -4.16
N GLU F 265 15.48 30.30 -3.04
CA GLU F 265 14.74 31.56 -3.01
C GLU F 265 15.41 32.62 -3.86
N ASP F 266 16.75 32.67 -3.85
CA ASP F 266 17.47 33.63 -4.66
C ASP F 266 17.42 33.27 -6.13
N PHE F 267 17.34 31.97 -6.44
CA PHE F 267 17.32 31.54 -7.83
C PHE F 267 15.94 31.71 -8.46
N LEU F 268 14.88 31.33 -7.75
CA LEU F 268 13.53 31.40 -8.29
C LEU F 268 12.91 32.79 -8.14
N GLY F 269 13.38 33.60 -7.21
CA GLY F 269 12.80 34.90 -6.96
C GLY F 269 11.63 34.91 -6.00
N LYS F 270 11.08 33.75 -5.65
CA LYS F 270 9.99 33.65 -4.71
C LYS F 270 10.51 33.10 -3.38
N LYS F 271 9.92 33.56 -2.29
CA LYS F 271 10.28 33.04 -0.98
C LYS F 271 9.64 31.67 -0.75
N PHE F 272 10.24 30.91 0.16
CA PHE F 272 9.64 29.68 0.63
C PHE F 272 8.43 30.02 1.50
N PRO F 273 7.40 29.16 1.52
CA PRO F 273 6.16 29.51 2.27
C PRO F 273 6.34 29.69 3.76
N ASP F 274 7.31 29.02 4.38
CA ASP F 274 7.61 29.22 5.79
C ASP F 274 9.06 28.81 6.03
N SER F 275 9.92 29.78 6.34
CA SER F 275 11.33 29.52 6.58
C SER F 275 11.74 30.17 7.90
N SER F 276 10.91 29.95 8.93
CA SER F 276 11.24 30.35 10.29
C SER F 276 11.96 29.27 11.06
N SER F 277 12.40 28.20 10.38
CA SER F 277 13.03 27.06 11.01
C SER F 277 14.32 26.71 10.28
N ASN F 278 15.14 25.86 10.90
CA ASN F 278 16.43 25.52 10.34
C ASN F 278 16.42 24.26 9.49
N ALA F 279 15.51 23.33 9.77
CA ALA F 279 15.46 22.08 9.02
C ALA F 279 14.01 21.73 8.71
N TYR F 280 13.82 20.96 7.65
CA TYR F 280 12.48 20.63 7.18
C TYR F 280 12.43 19.18 6.74
N ILE F 281 11.23 18.61 6.82
CA ILE F 281 10.94 17.29 6.29
C ILE F 281 9.76 17.46 5.34
N LEU F 282 9.95 17.09 4.07
CA LEU F 282 8.93 17.28 3.05
C LEU F 282 8.41 15.91 2.63
N LEU F 283 7.20 15.59 3.08
CA LEU F 283 6.63 14.27 2.80
C LEU F 283 5.71 14.33 1.58
N THR F 284 5.32 13.14 1.11
CA THR F 284 4.34 13.00 0.04
C THR F 284 3.59 11.69 0.23
N PHE F 285 2.26 11.79 0.26
CA PHE F 285 1.41 10.61 0.32
C PHE F 285 0.58 10.53 -0.95
N ASP F 286 0.34 9.31 -1.40
CA ASP F 286 -0.49 9.10 -2.58
C ASP F 286 -1.57 8.08 -2.26
N GLY F 287 -2.57 8.02 -3.12
CA GLY F 287 -3.67 7.11 -2.94
C GLY F 287 -4.72 7.35 -4.01
N ASN F 288 -5.81 6.60 -3.90
CA ASN F 288 -6.83 6.61 -4.93
C ASN F 288 -8.08 7.39 -4.54
N THR F 289 -8.37 7.52 -3.25
CA THR F 289 -9.48 8.34 -2.79
C THR F 289 -8.93 9.42 -1.88
N LYS F 290 -9.72 10.48 -1.69
CA LYS F 290 -9.30 11.58 -0.83
C LYS F 290 -9.34 11.20 0.65
N GLU F 291 -10.14 10.19 1.00
CA GLU F 291 -10.31 9.85 2.41
C GLU F 291 -9.20 8.96 2.92
N GLN F 292 -8.64 8.09 2.07
CA GLN F 292 -7.55 7.23 2.53
C GLN F 292 -6.21 7.94 2.45
N VAL F 293 -6.11 8.99 1.64
CA VAL F 293 -4.96 9.89 1.73
C VAL F 293 -5.05 10.71 3.00
N GLU F 294 -6.25 11.13 3.38
CA GLU F 294 -6.44 11.91 4.59
C GLU F 294 -6.19 11.08 5.85
N ALA F 295 -6.45 9.78 5.80
CA ALA F 295 -6.11 8.92 6.92
C ALA F 295 -4.61 8.67 7.01
N GLU F 296 -3.89 8.81 5.88
CA GLU F 296 -2.45 8.57 5.87
C GLU F 296 -1.68 9.74 6.45
N TYR F 297 -1.99 10.97 6.01
CA TYR F 297 -1.21 12.10 6.47
C TYR F 297 -1.59 12.51 7.89
N GLU F 298 -2.85 12.31 8.29
CA GLU F 298 -3.25 12.64 9.65
C GLU F 298 -2.66 11.68 10.67
N THR F 299 -2.31 10.46 10.25
CA THR F 299 -1.57 9.56 11.11
C THR F 299 -0.17 10.09 11.40
N VAL F 300 0.52 10.56 10.36
CA VAL F 300 1.88 11.07 10.51
C VAL F 300 1.89 12.46 11.15
N ALA F 301 0.89 13.30 10.82
CA ALA F 301 0.85 14.64 11.40
C ALA F 301 0.48 14.63 12.87
N ASN F 302 -0.41 13.73 13.29
CA ASN F 302 -0.64 13.53 14.72
C ASN F 302 0.58 12.91 15.39
N LEU F 303 1.37 12.14 14.64
CA LEU F 303 2.59 11.57 15.18
C LEU F 303 3.69 12.61 15.31
N CYS F 304 3.93 13.39 14.24
CA CYS F 304 5.07 14.31 14.19
C CYS F 304 4.93 15.45 15.20
N LEU F 305 3.70 15.85 15.50
CA LEU F 305 3.48 16.91 16.50
C LEU F 305 3.81 16.44 17.91
N ALA F 306 3.87 15.12 18.13
CA ALA F 306 4.15 14.58 19.45
C ALA F 306 5.63 14.39 19.74
N GLU F 307 6.50 14.60 18.77
CA GLU F 307 7.95 14.52 19.00
C GLU F 307 8.65 15.79 18.53
N GLY F 308 8.17 16.94 18.98
CA GLY F 308 8.94 18.17 18.91
C GLY F 308 8.93 18.90 17.59
N ALA F 309 7.98 18.62 16.70
CA ALA F 309 7.81 19.48 15.52
C ALA F 309 7.13 20.77 15.91
N LYS F 310 7.60 21.88 15.32
CA LYS F 310 6.98 23.17 15.59
C LYS F 310 5.58 23.26 15.00
N ASP F 311 5.37 22.65 13.83
CA ASP F 311 4.09 22.72 13.13
C ASP F 311 4.05 21.59 12.12
N VAL F 312 2.88 21.42 11.50
CA VAL F 312 2.71 20.57 10.32
C VAL F 312 1.91 21.39 9.32
N TYR F 313 2.46 21.60 8.14
CA TYR F 313 1.81 22.40 7.12
C TYR F 313 1.25 21.49 6.02
N ILE F 314 -0.04 21.69 5.71
CA ILE F 314 -0.69 20.86 4.71
C ILE F 314 -0.49 21.44 3.33
N VAL F 315 0.07 20.64 2.43
CA VAL F 315 0.29 21.04 1.04
C VAL F 315 -0.61 20.18 0.16
N ASP F 316 -1.81 20.68 -0.14
CA ASP F 316 -2.85 19.86 -0.74
C ASP F 316 -3.32 20.38 -2.10
N THR F 317 -2.79 21.50 -2.55
CA THR F 317 -3.30 22.20 -3.73
C THR F 317 -2.18 22.26 -4.76
N VAL F 318 -2.56 22.22 -6.06
CA VAL F 318 -1.61 22.25 -7.16
C VAL F 318 -0.79 23.55 -7.16
N GLU F 319 -1.34 24.61 -6.60
CA GLU F 319 -0.55 25.86 -6.54
C GLU F 319 0.35 25.75 -5.31
N ARG F 320 -0.14 25.17 -4.23
CA ARG F 320 0.71 25.01 -3.06
C ARG F 320 1.80 23.98 -3.28
N LYS F 321 1.50 22.93 -4.06
CA LYS F 321 2.50 21.92 -4.37
C LYS F 321 3.59 22.49 -5.27
N ASP F 322 3.24 23.38 -6.19
CA ASP F 322 4.25 23.99 -7.04
C ASP F 322 5.06 25.05 -6.30
N SER F 323 4.52 25.57 -5.20
CA SER F 323 5.28 26.55 -4.43
C SER F 323 6.34 25.89 -3.56
N VAL F 324 6.16 24.60 -3.24
CA VAL F 324 7.11 23.92 -2.37
C VAL F 324 8.02 23.00 -3.17
N TRP F 325 7.49 22.36 -4.21
CA TRP F 325 8.28 21.38 -4.95
C TRP F 325 9.12 21.99 -6.06
N SER F 326 8.81 23.20 -6.51
CA SER F 326 9.72 23.88 -7.44
C SER F 326 10.92 24.45 -6.70
N ALA F 327 10.79 24.66 -5.38
CA ALA F 327 11.95 25.02 -4.58
C ALA F 327 12.87 23.82 -4.38
N ARG F 328 12.29 22.64 -4.12
CA ARG F 328 13.08 21.42 -4.01
C ARG F 328 13.63 20.99 -5.37
N GLY F 329 12.83 21.14 -6.42
CA GLY F 329 13.28 20.80 -7.76
C GLY F 329 14.35 21.71 -8.32
N ALA F 330 14.52 22.90 -7.76
CA ALA F 330 15.58 23.80 -8.18
C ALA F 330 16.72 23.89 -7.19
N PHE F 331 16.92 22.89 -6.33
CA PHE F 331 18.06 22.89 -5.42
C PHE F 331 19.38 22.77 -6.16
N LEU F 332 19.42 21.95 -7.22
CA LEU F 332 20.66 21.72 -7.94
C LEU F 332 21.05 22.92 -8.79
N GLU F 333 20.08 23.58 -9.42
CA GLU F 333 20.38 24.73 -10.27
C GLU F 333 20.69 25.97 -9.44
N ALA F 334 20.16 26.05 -8.22
CA ALA F 334 20.47 27.19 -7.36
C ALA F 334 21.88 27.12 -6.82
N ILE F 335 22.37 25.91 -6.57
CA ILE F 335 23.75 25.73 -6.12
C ILE F 335 24.71 26.02 -7.26
N LYS F 336 24.35 25.64 -8.49
CA LYS F 336 25.18 25.93 -9.65
C LYS F 336 25.24 27.43 -9.96
N ALA F 337 24.14 28.15 -9.74
CA ALA F 337 24.12 29.58 -10.05
C ALA F 337 24.89 30.40 -9.02
N SER F 338 25.13 29.83 -7.83
CA SER F 338 25.80 30.57 -6.76
C SER F 338 27.31 30.43 -6.78
N THR F 339 27.87 29.54 -7.60
CA THR F 339 29.30 29.27 -7.56
C THR F 339 29.92 29.40 -8.94
N THR F 340 31.25 29.40 -8.97
CA THR F 340 31.97 29.30 -10.23
C THR F 340 31.87 27.90 -10.81
N GLU F 341 32.23 26.90 -10.01
CA GLU F 341 32.07 25.49 -10.38
C GLU F 341 31.95 24.70 -9.08
N MET F 342 31.55 23.44 -9.21
CA MET F 342 31.36 22.58 -8.04
C MET F 342 31.68 21.14 -8.40
N ASP F 343 31.65 20.28 -7.39
CA ASP F 343 31.81 18.85 -7.57
C ASP F 343 30.76 18.13 -6.73
N GLU F 344 30.33 16.96 -7.18
CA GLU F 344 29.18 16.30 -6.57
C GLU F 344 29.60 15.03 -5.83
N CYS F 345 29.02 14.84 -4.65
CA CYS F 345 29.17 13.63 -3.87
C CYS F 345 27.78 13.08 -3.55
N ASP F 346 27.61 11.77 -3.72
CA ASP F 346 26.30 11.14 -3.55
C ASP F 346 26.42 9.87 -2.70
N VAL F 347 27.06 9.99 -1.54
CA VAL F 347 27.18 8.86 -0.61
C VAL F 347 25.82 8.46 -0.09
N VAL F 348 25.64 7.16 0.09
CA VAL F 348 24.51 6.62 0.83
C VAL F 348 25.03 6.08 2.15
N VAL F 349 24.33 6.41 3.23
CA VAL F 349 24.69 5.95 4.57
C VAL F 349 23.53 5.14 5.10
N PRO F 350 23.73 4.40 6.21
CA PRO F 350 22.58 3.91 6.97
C PRO F 350 21.69 5.05 7.44
N ARG F 351 20.39 4.76 7.54
CA ARG F 351 19.39 5.83 7.71
C ARG F 351 19.46 6.45 9.09
N ASN F 352 20.01 5.73 10.07
CA ASN F 352 20.18 6.30 11.40
C ASN F 352 21.46 7.15 11.48
N ARG F 353 22.28 7.13 10.43
CA ARG F 353 23.49 7.93 10.40
C ARG F 353 23.41 9.13 9.46
N ILE F 354 22.19 9.54 9.09
CA ILE F 354 22.02 10.68 8.19
C ILE F 354 22.40 11.98 8.90
N ALA F 355 21.92 12.17 10.12
CA ALA F 355 22.10 13.43 10.84
C ALA F 355 23.55 13.64 11.26
N GLU F 356 24.27 12.56 11.58
CA GLU F 356 25.67 12.70 11.96
C GLU F 356 26.54 13.02 10.76
N PHE F 357 26.15 12.60 9.56
CA PHE F 357 26.92 12.92 8.37
C PHE F 357 26.64 14.34 7.89
N ILE F 358 25.40 14.81 8.01
CA ILE F 358 25.07 16.18 7.64
C ILE F 358 25.73 17.16 8.60
N GLU F 359 25.78 16.83 9.89
CA GLU F 359 26.49 17.66 10.85
C GLU F 359 28.00 17.59 10.65
N PHE F 360 28.50 16.49 10.06
CA PHE F 360 29.92 16.40 9.76
C PHE F 360 30.31 17.32 8.62
N THR F 361 29.43 17.48 7.63
CA THR F 361 29.73 18.38 6.52
C THR F 361 29.64 19.85 6.93
N HIS F 362 28.93 20.14 8.02
CA HIS F 362 28.92 21.50 8.55
C HIS F 362 30.21 21.81 9.29
N ASP F 363 30.77 20.84 10.00
CA ASP F 363 32.06 21.04 10.66
C ASP F 363 33.19 21.04 9.64
N LEU F 364 33.03 20.30 8.55
CA LEU F 364 34.04 20.30 7.49
C LEU F 364 34.03 21.60 6.69
N ALA F 365 32.86 22.20 6.52
CA ALA F 365 32.77 23.45 5.77
C ALA F 365 33.37 24.61 6.54
N LYS F 366 33.23 24.62 7.86
CA LYS F 366 33.83 25.67 8.67
C LYS F 366 35.33 25.48 8.79
N GLU F 367 35.80 24.23 8.77
CA GLU F 367 37.23 23.97 8.94
C GLU F 367 38.03 24.32 7.69
N MET F 368 37.49 24.00 6.51
CA MET F 368 38.20 24.20 5.26
C MET F 368 37.83 25.49 4.55
N ASP F 369 36.87 26.27 5.09
CA ASP F 369 36.36 27.52 4.52
C ASP F 369 35.80 27.35 3.11
N VAL F 370 35.31 26.15 2.78
CA VAL F 370 34.54 25.98 1.55
C VAL F 370 33.06 25.92 1.89
N ARG F 371 32.24 26.24 0.90
CA ARG F 371 30.79 26.14 1.02
C ARG F 371 30.38 24.74 0.65
N ILE F 372 29.80 24.00 1.60
CA ILE F 372 29.34 22.64 1.34
C ILE F 372 27.83 22.57 1.57
N PRO F 373 27.00 22.96 0.62
CA PRO F 373 25.56 22.74 0.78
C PRO F 373 25.19 21.30 0.51
N SER F 374 24.12 20.84 1.15
CA SER F 374 23.75 19.44 1.03
C SER F 374 22.24 19.29 1.19
N PHE F 375 21.72 18.26 0.54
CA PHE F 375 20.35 17.80 0.74
C PHE F 375 20.34 16.32 0.44
N GLY F 376 19.14 15.74 0.43
CA GLY F 376 19.02 14.35 0.07
C GLY F 376 17.68 13.79 0.49
N HIS F 377 17.59 12.47 0.43
CA HIS F 377 16.36 11.75 0.71
C HIS F 377 16.50 11.11 2.09
N ALA F 378 15.66 11.53 3.03
CA ALA F 378 15.79 11.05 4.41
C ALA F 378 15.20 9.65 4.58
N GLY F 379 14.52 9.11 3.56
CA GLY F 379 13.91 7.81 3.68
C GLY F 379 14.78 6.65 3.27
N ASP F 380 15.93 6.90 2.64
CA ASP F 380 16.81 5.83 2.20
C ASP F 380 18.28 6.04 2.54
N GLY F 381 18.68 7.26 2.91
CA GLY F 381 20.04 7.52 3.31
C GLY F 381 20.93 8.14 2.25
N ASN F 382 20.40 8.44 1.07
CA ASN F 382 21.23 9.03 0.02
C ASN F 382 21.30 10.54 0.21
N LEU F 383 22.53 11.06 0.28
CA LEU F 383 22.78 12.47 0.51
C LEU F 383 23.48 13.08 -0.69
N HIS F 384 22.94 14.19 -1.18
CA HIS F 384 23.48 14.90 -2.34
C HIS F 384 24.32 16.06 -1.83
N ILE F 385 25.64 15.90 -1.89
CA ILE F 385 26.55 16.84 -1.24
C ILE F 385 27.45 17.49 -2.29
N TYR F 386 27.63 18.81 -2.17
CA TYR F 386 28.31 19.61 -3.19
C TYR F 386 29.41 20.43 -2.54
N VAL F 387 30.62 20.34 -3.09
CA VAL F 387 31.72 21.20 -2.64
C VAL F 387 31.89 22.33 -3.65
N CYS F 388 31.60 23.55 -3.21
CA CYS F 388 31.57 24.72 -4.13
C CYS F 388 32.88 25.45 -4.17
N ARG F 389 33.39 25.70 -5.36
CA ARG F 389 34.68 26.37 -5.55
C ARG F 389 34.63 27.82 -5.12
N ASP F 390 33.54 28.52 -5.38
CA ASP F 390 33.39 29.96 -5.05
C ASP F 390 34.52 30.75 -5.69
N GLU F 391 35.38 31.36 -4.88
CA GLU F 391 36.41 32.22 -5.48
C GLU F 391 37.83 31.72 -5.24
N LEU F 392 38.04 30.41 -5.10
CA LEU F 392 39.40 29.91 -4.92
C LEU F 392 40.13 29.84 -6.26
N CYS F 393 41.43 30.07 -6.23
CA CYS F 393 42.26 29.91 -7.42
C CYS F 393 42.46 28.43 -7.72
N GLN F 394 42.97 28.15 -8.92
CA GLN F 394 42.99 26.79 -9.45
C GLN F 394 43.91 25.86 -8.66
N ALA F 395 44.99 26.38 -8.11
CA ALA F 395 45.87 25.55 -7.28
C ALA F 395 45.25 25.30 -5.91
N ASP F 396 44.62 26.33 -5.32
CA ASP F 396 44.02 26.17 -4.01
C ASP F 396 42.71 25.40 -4.06
N TRP F 397 42.01 25.44 -5.20
CA TRP F 397 40.76 24.70 -5.33
C TRP F 397 41.00 23.21 -5.47
N GLU F 398 42.03 22.82 -6.22
CA GLU F 398 42.31 21.40 -6.43
C GLU F 398 42.84 20.75 -5.16
N ALA F 399 43.49 21.52 -4.29
CA ALA F 399 43.95 20.97 -3.02
C ALA F 399 42.80 20.91 -2.01
N LYS F 400 41.87 21.86 -2.09
CA LYS F 400 40.75 21.86 -1.15
C LYS F 400 39.65 20.91 -1.58
N LEU F 401 39.48 20.69 -2.89
CA LEU F 401 38.51 19.71 -3.35
C LEU F 401 38.96 18.29 -3.03
N ALA F 402 40.26 18.01 -3.23
CA ALA F 402 40.78 16.68 -2.95
C ALA F 402 40.75 16.35 -1.46
N GLU F 403 40.93 17.34 -0.60
CA GLU F 403 40.89 17.08 0.84
C GLU F 403 39.44 16.91 1.32
N ALA F 404 38.52 17.73 0.80
CA ALA F 404 37.13 17.65 1.21
C ALA F 404 36.44 16.39 0.69
N MET F 405 36.82 15.93 -0.51
CA MET F 405 36.24 14.71 -1.03
C MET F 405 36.80 13.47 -0.35
N ASP F 406 38.10 13.48 -0.03
CA ASP F 406 38.70 12.32 0.63
C ASP F 406 38.17 12.12 2.04
N ARG F 407 37.94 13.21 2.78
CA ARG F 407 37.46 13.08 4.16
C ARG F 407 35.99 12.72 4.20
N MET F 408 35.22 13.07 3.18
CA MET F 408 33.81 12.71 3.16
C MET F 408 33.60 11.27 2.71
N TYR F 409 34.46 10.77 1.83
CA TYR F 409 34.35 9.38 1.42
C TYR F 409 34.95 8.45 2.46
N ALA F 410 35.90 8.93 3.26
CA ALA F 410 36.43 8.13 4.35
C ALA F 410 35.47 8.08 5.54
N LYS F 411 34.71 9.16 5.75
CA LYS F 411 33.73 9.17 6.84
C LYS F 411 32.54 8.28 6.52
N ALA F 412 32.13 8.24 5.25
CA ALA F 412 31.07 7.33 4.84
C ALA F 412 31.53 5.88 4.86
N LEU F 413 32.84 5.66 4.74
CA LEU F 413 33.39 4.32 4.96
C LEU F 413 33.30 3.91 6.42
N THR F 414 33.57 4.85 7.33
CA THR F 414 33.46 4.58 8.76
C THR F 414 32.02 4.36 9.18
N PHE F 415 31.08 5.05 8.52
CA PHE F 415 29.66 4.91 8.82
C PHE F 415 29.03 3.67 8.19
N GLU F 416 29.85 2.81 7.56
CA GLU F 416 29.42 1.59 6.86
C GLU F 416 28.43 1.91 5.74
N GLY F 417 28.71 2.99 5.01
CA GLY F 417 27.97 3.29 3.80
C GLY F 417 28.77 2.99 2.55
N LEU F 418 28.23 3.39 1.41
CA LEU F 418 28.91 3.16 0.14
C LEU F 418 29.30 4.46 -0.53
N VAL F 419 30.01 4.33 -1.65
CA VAL F 419 30.51 5.48 -2.39
C VAL F 419 29.39 6.21 -3.10
N SER F 420 28.54 5.49 -3.83
CA SER F 420 27.46 6.10 -4.57
C SER F 420 26.20 5.28 -4.38
N GLY F 421 25.06 5.95 -4.31
CA GLY F 421 23.79 5.26 -4.19
C GLY F 421 22.88 5.51 -5.38
N GLU F 422 23.24 6.57 -6.20
CA GLU F 422 22.39 6.99 -7.30
C GLU F 422 23.13 7.05 -8.64
N HIS F 423 24.24 7.69 -8.55
CA HIS F 423 24.86 8.13 -9.79
C HIS F 423 25.83 7.12 -10.38
N GLY F 424 26.41 6.25 -9.56
CA GLY F 424 27.35 5.27 -10.05
C GLY F 424 28.80 5.62 -9.80
N ILE F 425 29.68 4.75 -10.28
CA ILE F 425 31.11 4.95 -10.07
C ILE F 425 31.75 5.61 -11.27
N GLY F 426 31.65 4.98 -12.45
CA GLY F 426 32.13 5.54 -13.69
C GLY F 426 33.65 5.68 -13.76
N TYR F 427 34.07 6.90 -14.08
CA TYR F 427 35.49 7.21 -14.11
C TYR F 427 35.92 7.98 -12.87
N ALA F 428 35.01 8.79 -12.29
CA ALA F 428 35.41 9.73 -11.26
C ALA F 428 35.61 9.05 -9.91
N LYS F 429 34.74 8.11 -9.53
CA LYS F 429 34.75 7.53 -8.20
C LYS F 429 35.44 6.18 -8.13
N ARG F 430 36.44 5.93 -8.99
CA ARG F 430 37.04 4.61 -9.05
C ARG F 430 37.96 4.34 -7.87
N LYS F 431 38.70 5.36 -7.41
CA LYS F 431 39.63 5.14 -6.30
C LYS F 431 38.92 5.03 -4.97
N TYR F 432 37.72 5.62 -4.86
CA TYR F 432 36.96 5.48 -3.62
C TYR F 432 36.30 4.11 -3.53
N LEU F 433 36.04 3.47 -4.67
CA LEU F 433 35.57 2.09 -4.66
C LEU F 433 36.68 1.13 -4.27
N LEU F 434 37.93 1.47 -4.60
CA LEU F 434 39.06 0.65 -4.18
C LEU F 434 39.39 0.86 -2.71
N ASN F 435 38.96 1.99 -2.14
CA ASN F 435 39.15 2.20 -0.71
C ASN F 435 38.05 1.53 0.11
N ASP F 436 36.81 1.55 -0.41
CA ASP F 436 35.70 0.92 0.30
C ASP F 436 35.79 -0.60 0.19
N PHE F 437 35.72 -1.13 -1.02
CA PHE F 437 35.85 -2.56 -1.26
C PHE F 437 37.33 -2.90 -1.40
N GLY F 438 37.70 -4.10 -0.97
CA GLY F 438 39.08 -4.52 -1.05
C GLY F 438 39.54 -4.84 -2.45
N THR F 439 40.78 -5.31 -2.55
CA THR F 439 41.31 -5.75 -3.84
C THR F 439 40.70 -7.09 -4.24
N GLU F 440 40.29 -7.90 -3.27
CA GLU F 440 39.66 -9.18 -3.58
C GLU F 440 38.22 -8.98 -4.05
N HIS F 441 37.56 -7.92 -3.56
CA HIS F 441 36.22 -7.59 -4.03
C HIS F 441 36.25 -7.06 -5.46
N LEU F 442 37.27 -6.28 -5.82
CA LEU F 442 37.37 -5.75 -7.18
C LEU F 442 37.98 -6.75 -8.14
N ALA F 443 38.70 -7.76 -7.66
CA ALA F 443 39.16 -8.83 -8.54
C ALA F 443 38.01 -9.71 -8.99
N LEU F 444 36.96 -9.82 -8.18
CA LEU F 444 35.75 -10.52 -8.61
C LEU F 444 35.00 -9.72 -9.67
N MET F 445 34.97 -8.39 -9.54
CA MET F 445 34.33 -7.54 -10.53
C MET F 445 35.11 -7.52 -11.83
N ALA F 446 36.44 -7.50 -11.76
CA ALA F 446 37.26 -7.49 -12.97
C ALA F 446 37.26 -8.84 -13.66
N GLY F 447 37.09 -9.93 -12.91
CA GLY F 447 36.98 -11.24 -13.53
C GLY F 447 35.64 -11.49 -14.17
N ILE F 448 34.62 -10.75 -13.76
CA ILE F 448 33.31 -10.85 -14.39
C ILE F 448 33.30 -10.09 -15.71
N LYS F 449 33.96 -8.92 -15.75
CA LYS F 449 34.11 -8.19 -17.00
C LYS F 449 35.00 -8.94 -17.99
N GLN F 450 35.92 -9.78 -17.49
CA GLN F 450 36.70 -10.63 -18.38
C GLN F 450 35.86 -11.76 -18.95
N THR F 451 34.79 -12.16 -18.25
CA THR F 451 33.90 -13.19 -18.78
C THR F 451 33.02 -12.63 -19.89
N PHE F 452 32.38 -11.48 -19.63
CA PHE F 452 31.51 -10.87 -20.63
C PHE F 452 32.31 -10.25 -21.78
N ASP F 453 33.49 -9.72 -21.50
CA ASP F 453 34.29 -8.98 -22.47
C ASP F 453 35.76 -9.34 -22.29
N PRO F 454 36.21 -10.44 -22.91
CA PRO F 454 37.59 -10.87 -22.71
C PRO F 454 38.61 -10.00 -23.43
N LYS F 455 38.22 -9.30 -24.49
CA LYS F 455 39.14 -8.43 -25.20
C LYS F 455 39.18 -7.02 -24.62
N ASN F 456 38.40 -6.76 -23.57
CA ASN F 456 38.33 -5.47 -22.86
C ASN F 456 37.97 -4.31 -23.79
N LEU F 457 36.90 -4.47 -24.57
CA LEU F 457 36.56 -3.46 -25.56
C LEU F 457 35.38 -2.60 -25.12
N LEU F 458 34.48 -3.14 -24.30
CA LEU F 458 33.27 -2.43 -23.90
C LEU F 458 33.58 -1.55 -22.69
N ASN F 459 33.80 -0.26 -22.96
CA ASN F 459 34.00 0.77 -21.95
C ASN F 459 35.15 0.49 -20.97
N PRO F 460 36.51 0.36 -21.41
CA PRO F 460 38.00 0.07 -20.70
C PRO F 460 38.10 1.17 -19.65
N LYS F 461 38.72 0.88 -18.51
CA LYS F 461 39.04 1.80 -17.40
C LYS F 461 37.83 2.46 -16.78
N LYS F 462 36.75 1.71 -16.57
CA LYS F 462 35.53 2.27 -15.94
C LYS F 462 35.07 1.36 -14.81
N VAL F 463 34.48 1.95 -13.76
CA VAL F 463 33.95 1.23 -12.57
C VAL F 463 35.08 0.46 -11.85
N CYS F 464 35.31 -0.79 -12.24
CA CYS F 464 36.35 -1.64 -11.58
C CYS F 464 37.70 -1.52 -12.31
N GLN F 465 37.66 -1.44 -13.65
CA GLN F 465 38.90 -1.35 -14.47
C GLN F 465 39.82 -0.25 -13.91
N MET F 466 41.05 -0.63 -13.53
CA MET F 466 42.07 0.32 -13.01
C MET F 466 41.45 1.22 -11.94
N ALA F 467 41.02 0.64 -10.82
CA ALA F 467 40.41 1.41 -9.72
C ALA F 467 41.48 2.24 -9.00
#